data_9KUC
#
_entry.id   9KUC
#
_cell.length_a   1.00
_cell.length_b   1.00
_cell.length_c   1.00
_cell.angle_alpha   90.00
_cell.angle_beta   90.00
_cell.angle_gamma   90.00
#
_symmetry.space_group_name_H-M   'P 1'
#
_entity_poly.entity_id   1
_entity_poly.type   'polypeptide(L)'
_entity_poly.pdbx_seq_one_letter_code
;MHHHHHHMFSRFSNVVSEIEKKYVDKISISEIMTKAIEGLLSNLDAHSAYLNEKKFKEFQAQTEGEFGGLGITVGMRDGV
LTVIAPLEGTPAYKAGVKSGDNILKINNESTLSMSIDDAINLMRGKPKTPIQITIVRKNEPKPLVFNIIRDIIKLPSVYV
KKIKETPYLYVRVSGFDKNVTKSVLEGLKANPKAKGIVLDLRGNPGGLLNQAVGLSNLFIKEGVLVSQKGKNKEESLEYK
ANGRAPYTNLPIAVLVNGGSASASEIVAGALQDHKRAVIIGEKTFGKGSVQMLLPVNKDEAIKITTARYYLPSGRTIQAK
GITPDIVIYPGKVPENENKFSLKEADLKHHLEQELKKLDDKTPNSKEADKDKKNEEEKEVTPKMINDDIQLKTAIDSLKT
WSIVDEKMDEKAPKKK
;
_entity_poly.pdbx_strand_id   A,B,C,D,E,F
#
# COMPACT_ATOMS: atom_id res chain seq x y z
N HIS A 7 10.30 57.70 48.50
CA HIS A 7 9.32 56.76 49.12
C HIS A 7 9.16 55.51 48.25
N MET A 8 7.95 54.94 48.21
CA MET A 8 7.75 53.69 47.49
C MET A 8 8.00 53.87 45.99
N PHE A 9 7.53 54.97 45.42
CA PHE A 9 7.68 55.23 43.99
C PHE A 9 9.11 55.61 43.61
N SER A 10 9.99 55.81 44.59
CA SER A 10 11.31 56.37 44.28
C SER A 10 12.08 55.47 43.32
N ARG A 11 12.04 54.15 43.53
CA ARG A 11 12.82 53.25 42.69
C ARG A 11 12.38 53.34 41.22
N PHE A 12 11.06 53.28 40.99
CA PHE A 12 10.56 53.34 39.63
C PHE A 12 10.89 54.68 38.97
N SER A 13 10.72 55.77 39.71
CA SER A 13 11.01 57.09 39.15
C SER A 13 12.49 57.21 38.79
N ASN A 14 13.37 56.69 39.66
CA ASN A 14 14.80 56.71 39.35
C ASN A 14 15.10 55.88 38.12
N VAL A 15 14.47 54.71 38.00
CA VAL A 15 14.73 53.85 36.84
C VAL A 15 14.31 54.55 35.56
N VAL A 16 13.12 55.16 35.54
CA VAL A 16 12.63 55.80 34.33
C VAL A 16 13.54 56.95 33.91
N SER A 17 14.30 57.51 34.85
CA SER A 17 15.25 58.56 34.49
C SER A 17 16.28 58.03 33.49
N GLU A 18 16.84 56.85 33.78
CA GLU A 18 17.82 56.25 32.88
C GLU A 18 17.19 55.91 31.53
N ILE A 19 15.97 55.36 31.55
CA ILE A 19 15.31 55.00 30.30
C ILE A 19 15.00 56.24 29.47
N GLU A 20 14.95 57.41 30.11
CA GLU A 20 14.63 58.63 29.38
C GLU A 20 15.78 59.08 28.50
N LYS A 21 17.02 58.94 28.99
CA LYS A 21 18.19 59.50 28.32
C LYS A 21 19.03 58.45 27.59
N LYS A 22 19.33 57.33 28.24
CA LYS A 22 20.24 56.33 27.66
C LYS A 22 19.59 55.50 26.55
N TYR A 23 18.30 55.65 26.31
CA TYR A 23 17.64 54.85 25.29
C TYR A 23 18.00 55.37 23.88
N VAL A 24 17.74 54.52 22.89
CA VAL A 24 18.18 54.83 21.53
C VAL A 24 17.56 56.14 21.03
N ASP A 25 16.25 56.30 21.25
CA ASP A 25 15.53 57.44 20.72
C ASP A 25 14.79 58.14 21.85
N LYS A 26 14.44 59.40 21.60
CA LYS A 26 13.76 60.21 22.60
C LYS A 26 12.27 59.90 22.61
N ILE A 27 11.70 59.83 23.81
CA ILE A 27 10.28 59.59 23.99
C ILE A 27 9.84 60.27 25.28
N SER A 28 8.65 60.86 25.24
CA SER A 28 8.16 61.61 26.39
C SER A 28 7.88 60.67 27.56
N ILE A 29 8.00 61.22 28.77
CA ILE A 29 7.74 60.42 29.97
C ILE A 29 6.32 59.86 29.96
N SER A 30 5.40 60.55 29.29
CA SER A 30 4.03 60.05 29.21
C SER A 30 4.00 58.68 28.53
N GLU A 31 4.75 58.52 27.45
CA GLU A 31 4.79 57.21 26.78
C GLU A 31 5.44 56.16 27.66
N ILE A 32 6.47 56.55 28.43
CA ILE A 32 7.09 55.61 29.35
C ILE A 32 6.07 55.12 30.37
N MET A 33 5.29 56.05 30.92
CA MET A 33 4.27 55.68 31.90
C MET A 33 3.21 54.79 31.27
N THR A 34 2.80 55.10 30.04
CA THR A 34 1.81 54.27 29.36
C THR A 34 2.35 52.87 29.13
N LYS A 35 3.62 52.75 28.75
CA LYS A 35 4.22 51.43 28.59
C LYS A 35 4.29 50.69 29.92
N ALA A 36 4.58 51.40 31.00
CA ALA A 36 4.68 50.75 32.31
C ALA A 36 3.31 50.32 32.82
N ILE A 37 2.25 51.06 32.48
CA ILE A 37 0.90 50.66 32.88
C ILE A 37 0.48 49.43 32.11
N GLU A 38 0.50 49.50 30.78
CA GLU A 38 0.13 48.36 29.95
C GLU A 38 1.05 47.18 30.19
N GLY A 39 2.23 47.40 30.76
CA GLY A 39 3.13 46.32 31.09
C GLY A 39 2.81 45.71 32.44
N LEU A 40 2.38 46.55 33.39
CA LEU A 40 2.08 46.06 34.73
C LEU A 40 0.93 45.07 34.71
N LEU A 41 -0.26 45.54 34.34
CA LEU A 41 -1.44 44.69 34.38
C LEU A 41 -1.45 43.66 33.26
N SER A 42 -0.52 43.74 32.29
CA SER A 42 -0.40 42.70 31.28
C SER A 42 0.28 41.45 31.82
N ASN A 43 0.92 41.52 32.98
CA ASN A 43 1.59 40.37 33.58
C ASN A 43 1.04 39.99 34.96
N LEU A 44 0.14 40.79 35.53
CA LEU A 44 -0.60 40.33 36.70
C LEU A 44 -1.35 39.05 36.39
N ASP A 45 -2.29 39.12 35.46
CA ASP A 45 -2.98 37.95 34.93
C ASP A 45 -3.26 38.18 33.45
N ALA A 46 -3.30 37.09 32.70
CA ALA A 46 -3.37 37.19 31.25
C ALA A 46 -4.62 37.92 30.76
N HIS A 47 -5.67 37.99 31.58
CA HIS A 47 -6.95 38.55 31.14
C HIS A 47 -7.10 40.03 31.43
N SER A 48 -6.07 40.70 31.93
CA SER A 48 -6.14 42.12 32.20
C SER A 48 -5.61 42.93 31.02
N ALA A 49 -6.24 44.08 30.78
CA ALA A 49 -5.82 44.96 29.70
C ALA A 49 -6.18 46.39 30.06
N TYR A 50 -5.39 47.33 29.56
CA TYR A 50 -5.55 48.74 29.89
C TYR A 50 -6.36 49.43 28.81
N LEU A 51 -7.36 50.20 29.23
CA LEU A 51 -8.21 50.98 28.32
C LEU A 51 -7.82 52.45 28.48
N ASN A 52 -7.20 53.01 27.46
CA ASN A 52 -6.73 54.39 27.50
C ASN A 52 -7.90 55.35 27.25
N GLU A 53 -7.59 56.63 27.03
CA GLU A 53 -8.64 57.63 26.94
C GLU A 53 -9.58 57.36 25.77
N LYS A 54 -9.03 56.99 24.62
CA LYS A 54 -9.88 56.73 23.46
C LYS A 54 -10.67 55.44 23.63
N LYS A 55 -10.00 54.36 24.05
CA LYS A 55 -10.66 53.08 24.20
C LYS A 55 -11.66 53.07 25.34
N PHE A 56 -11.56 54.01 26.29
CA PHE A 56 -12.50 54.04 27.41
C PHE A 56 -13.91 54.34 26.94
N LYS A 57 -14.07 55.41 26.16
CA LYS A 57 -15.38 55.73 25.61
C LYS A 57 -15.77 54.77 24.49
N GLU A 58 -14.78 54.22 23.78
CA GLU A 58 -15.08 53.25 22.73
C GLU A 58 -15.75 52.01 23.31
N PHE A 59 -15.29 51.55 24.48
CA PHE A 59 -15.86 50.36 25.09
C PHE A 59 -17.33 50.56 25.41
N GLN A 60 -17.71 51.74 25.90
CA GLN A 60 -19.09 51.98 26.32
C GLN A 60 -20.06 51.92 25.14
N ALA A 61 -19.58 52.13 23.91
CA ALA A 61 -20.44 52.14 22.73
C ALA A 61 -20.29 50.87 21.89
N GLN A 62 -20.02 49.74 22.52
CA GLN A 62 -19.84 48.47 21.80
C GLN A 62 -21.18 47.74 21.71
N THR A 63 -21.97 48.15 20.71
CA THR A 63 -23.24 47.48 20.42
C THR A 63 -23.49 47.57 18.93
N GLU A 64 -23.72 46.43 18.29
CA GLU A 64 -23.93 46.39 16.86
C GLU A 64 -24.70 45.13 16.49
N GLY A 65 -25.35 45.17 15.32
CA GLY A 65 -26.11 44.04 14.83
C GLY A 65 -25.70 43.59 13.46
N GLU A 66 -25.05 44.48 12.69
CA GLU A 66 -24.53 44.13 11.36
C GLU A 66 -23.03 43.91 11.40
N PHE A 67 -22.28 44.90 11.88
CA PHE A 67 -20.85 44.72 12.16
C PHE A 67 -20.76 44.09 13.56
N GLY A 68 -21.03 42.80 13.60
CA GLY A 68 -21.04 42.03 14.83
C GLY A 68 -19.71 41.37 15.11
N GLY A 69 -19.77 40.28 15.86
CA GLY A 69 -18.57 39.54 16.20
C GLY A 69 -18.66 38.12 15.69
N LEU A 70 -17.50 37.57 15.33
CA LEU A 70 -17.45 36.22 14.81
C LEU A 70 -17.89 35.19 15.84
N GLY A 71 -17.94 35.57 17.11
CA GLY A 71 -18.32 34.65 18.16
C GLY A 71 -17.19 33.79 18.69
N ILE A 72 -16.01 33.86 18.09
CA ILE A 72 -14.87 33.12 18.60
C ILE A 72 -14.47 33.69 19.96
N THR A 73 -14.18 32.80 20.90
CA THR A 73 -13.73 33.17 22.23
C THR A 73 -12.35 32.57 22.47
N VAL A 74 -11.50 33.31 23.17
CA VAL A 74 -10.10 32.96 23.31
C VAL A 74 -9.65 33.24 24.74
N GLY A 75 -8.58 32.53 25.14
CA GLY A 75 -8.00 32.71 26.46
C GLY A 75 -6.65 32.04 26.58
N MET A 76 -5.70 32.70 27.22
CA MET A 76 -4.36 32.16 27.35
C MET A 76 -4.38 30.82 28.05
N ARG A 77 -3.75 29.81 27.45
CA ARG A 77 -3.65 28.49 28.05
C ARG A 77 -2.29 28.28 28.71
N ASP A 78 -1.22 28.45 27.95
CA ASP A 78 0.15 28.29 28.43
C ASP A 78 1.00 29.48 28.01
N GLY A 79 0.46 30.66 28.21
CA GLY A 79 1.12 31.90 27.78
C GLY A 79 0.77 32.29 26.36
N VAL A 80 0.90 31.35 25.42
CA VAL A 80 0.55 31.61 24.04
C VAL A 80 -0.96 31.63 23.89
N LEU A 81 -1.44 32.48 22.99
CA LEU A 81 -2.88 32.61 22.78
C LEU A 81 -3.45 31.30 22.24
N THR A 82 -4.58 30.87 22.80
CA THR A 82 -5.24 29.65 22.34
C THR A 82 -6.74 29.85 22.35
N VAL A 83 -7.40 29.40 21.28
CA VAL A 83 -8.84 29.54 21.14
C VAL A 83 -9.51 28.56 22.10
N ILE A 84 -10.38 29.07 22.97
CA ILE A 84 -10.99 28.24 23.99
C ILE A 84 -11.95 27.24 23.36
N ALA A 85 -12.82 27.71 22.47
CA ALA A 85 -13.77 26.83 21.78
C ALA A 85 -14.50 27.62 20.69
N PRO A 86 -14.70 27.06 19.51
CA PRO A 86 -15.46 27.77 18.47
C PRO A 86 -16.95 27.62 18.69
N LEU A 87 -17.67 28.74 18.67
CA LEU A 87 -19.11 28.70 18.81
C LEU A 87 -19.74 27.99 17.61
N GLU A 88 -20.82 27.25 17.87
CA GLU A 88 -21.46 26.48 16.82
C GLU A 88 -22.30 27.37 15.92
N GLY A 89 -22.27 27.09 14.62
CA GLY A 89 -23.04 27.81 13.65
C GLY A 89 -22.36 29.02 13.05
N THR A 90 -21.31 29.52 13.69
CA THR A 90 -20.59 30.66 13.15
C THR A 90 -19.65 30.20 12.02
N PRO A 91 -19.30 31.10 11.10
CA PRO A 91 -18.38 30.70 10.02
C PRO A 91 -17.04 30.18 10.52
N ALA A 92 -16.60 30.58 11.72
CA ALA A 92 -15.39 29.98 12.27
C ALA A 92 -15.58 28.48 12.48
N TYR A 93 -16.75 28.07 12.98
CA TYR A 93 -17.06 26.66 13.08
C TYR A 93 -17.04 25.99 11.71
N LYS A 94 -17.56 26.68 10.69
CA LYS A 94 -17.57 26.11 9.34
C LYS A 94 -16.14 25.91 8.83
N ALA A 95 -15.25 26.86 9.13
CA ALA A 95 -13.89 26.80 8.62
C ALA A 95 -13.12 25.59 9.14
N GLY A 96 -13.61 24.95 10.20
CA GLY A 96 -12.94 23.79 10.76
C GLY A 96 -11.98 24.07 11.89
N VAL A 97 -11.92 25.29 12.39
CA VAL A 97 -11.06 25.59 13.52
C VAL A 97 -11.50 24.76 14.72
N LYS A 98 -10.52 24.19 15.43
CA LYS A 98 -10.78 23.31 16.56
C LYS A 98 -10.26 23.96 17.84
N SER A 99 -10.91 23.62 18.95
CA SER A 99 -10.52 24.19 20.24
C SER A 99 -9.12 23.73 20.64
N GLY A 100 -8.51 24.50 21.53
CA GLY A 100 -7.18 24.18 22.02
C GLY A 100 -6.06 24.44 21.04
N ASP A 101 -6.33 25.13 19.94
CA ASP A 101 -5.34 25.37 18.90
C ASP A 101 -4.65 26.72 19.14
N ASN A 102 -3.35 26.67 19.39
CA ASN A 102 -2.59 27.90 19.58
C ASN A 102 -2.57 28.72 18.29
N ILE A 103 -2.56 30.04 18.45
CA ILE A 103 -2.56 30.98 17.33
C ILE A 103 -1.25 31.75 17.37
N LEU A 104 -0.46 31.63 16.29
CA LEU A 104 0.79 32.37 16.20
C LEU A 104 0.54 33.81 15.78
N LYS A 105 -0.46 34.06 14.95
CA LYS A 105 -0.76 35.41 14.48
C LYS A 105 -2.15 35.42 13.86
N ILE A 106 -2.74 36.61 13.78
CA ILE A 106 -4.01 36.82 13.09
C ILE A 106 -3.92 38.08 12.26
N ASN A 107 -4.68 38.11 11.17
CA ASN A 107 -4.72 39.27 10.27
C ASN A 107 -3.32 39.72 9.89
N ASN A 108 -2.44 38.74 9.68
CA ASN A 108 -1.04 38.95 9.33
C ASN A 108 -0.37 39.99 10.23
N GLU A 109 -0.49 39.77 11.54
CA GLU A 109 0.39 40.41 12.51
C GLU A 109 0.54 39.49 13.72
N SER A 110 1.76 39.46 14.27
CA SER A 110 2.06 38.54 15.36
C SER A 110 1.14 38.77 16.55
N THR A 111 0.63 37.67 17.11
CA THR A 111 -0.25 37.75 18.27
C THR A 111 0.52 38.04 19.55
N LEU A 112 1.83 37.85 19.56
CA LEU A 112 2.60 38.08 20.78
C LEU A 112 2.39 39.50 21.27
N SER A 113 2.18 39.64 22.57
CA SER A 113 1.92 40.91 23.25
C SER A 113 0.52 41.45 22.95
N MET A 114 -0.40 40.60 22.51
CA MET A 114 -1.79 41.01 22.28
C MET A 114 -2.63 40.69 23.51
N SER A 115 -3.34 41.69 24.03
CA SER A 115 -4.29 41.45 25.10
C SER A 115 -5.55 40.79 24.54
N ILE A 116 -6.34 40.21 25.44
CA ILE A 116 -7.59 39.59 25.00
C ILE A 116 -8.52 40.61 24.37
N ASP A 117 -8.64 41.79 24.99
CA ASP A 117 -9.49 42.83 24.41
C ASP A 117 -8.98 43.24 23.04
N ASP A 118 -7.67 43.41 22.90
CA ASP A 118 -7.10 43.79 21.61
C ASP A 118 -7.45 42.76 20.54
N ALA A 119 -7.20 41.48 20.83
CA ALA A 119 -7.45 40.43 19.85
C ALA A 119 -8.93 40.34 19.51
N ILE A 120 -9.80 40.46 20.51
CA ILE A 120 -11.24 40.36 20.26
C ILE A 120 -11.68 41.53 19.38
N ASN A 121 -11.26 42.74 19.71
CA ASN A 121 -11.66 43.90 18.92
C ASN A 121 -11.13 43.81 17.49
N LEU A 122 -9.88 43.36 17.32
CA LEU A 122 -9.35 43.17 15.99
C LEU A 122 -10.16 42.11 15.23
N MET A 123 -10.57 41.05 15.92
CA MET A 123 -11.36 40.00 15.28
C MET A 123 -12.69 40.54 14.79
N ARG A 124 -13.26 41.51 15.49
CA ARG A 124 -14.54 42.07 15.09
C ARG A 124 -14.48 42.57 13.66
N GLY A 125 -15.49 42.24 12.87
CA GLY A 125 -15.52 42.63 11.48
C GLY A 125 -16.93 42.53 10.92
N LYS A 126 -17.17 43.30 9.86
CA LYS A 126 -18.45 43.26 9.18
C LYS A 126 -18.59 41.94 8.43
N PRO A 127 -19.82 41.57 8.04
CA PRO A 127 -20.04 40.23 7.49
C PRO A 127 -19.10 39.85 6.37
N LYS A 128 -18.60 40.81 5.59
CA LYS A 128 -17.77 40.49 4.43
C LYS A 128 -16.27 40.52 4.73
N THR A 129 -15.84 41.23 5.77
CA THR A 129 -14.41 41.42 6.00
C THR A 129 -13.70 40.08 6.18
N PRO A 130 -12.68 39.77 5.40
CA PRO A 130 -11.90 38.55 5.64
C PRO A 130 -10.98 38.69 6.83
N ILE A 131 -10.47 37.56 7.29
CA ILE A 131 -9.55 37.53 8.42
C ILE A 131 -8.62 36.35 8.23
N GLN A 132 -7.31 36.61 8.30
CA GLN A 132 -6.29 35.58 8.09
C GLN A 132 -5.78 35.11 9.46
N ILE A 133 -6.59 34.28 10.11
CA ILE A 133 -6.17 33.63 11.35
C ILE A 133 -5.23 32.49 11.00
N THR A 134 -4.04 32.49 11.59
CA THR A 134 -3.06 31.42 11.38
C THR A 134 -3.18 30.37 12.48
N ILE A 135 -4.37 29.79 12.58
CA ILE A 135 -4.62 28.76 13.59
C ILE A 135 -3.60 27.64 13.40
N VAL A 136 -3.13 27.10 14.53
CA VAL A 136 -2.10 26.07 14.54
C VAL A 136 -2.57 24.94 15.45
N ARG A 137 -2.53 23.71 14.94
CA ARG A 137 -2.86 22.55 15.74
C ARG A 137 -1.70 22.16 16.65
N LYS A 138 -1.99 21.31 17.63
CA LYS A 138 -0.96 20.88 18.56
C LYS A 138 0.12 20.07 17.85
N ASN A 139 -0.28 19.18 16.95
CA ASN A 139 0.66 18.27 16.29
C ASN A 139 1.10 18.76 14.92
N GLU A 140 0.33 19.62 14.27
CA GLU A 140 0.68 20.09 12.94
C GLU A 140 1.68 21.22 13.03
N PRO A 141 2.90 21.07 12.48
CA PRO A 141 3.86 22.18 12.50
C PRO A 141 3.66 23.19 11.38
N LYS A 142 2.69 22.99 10.50
CA LYS A 142 2.46 23.89 9.38
C LYS A 142 1.24 24.75 9.66
N PRO A 143 1.38 26.07 9.82
CA PRO A 143 0.20 26.91 10.06
C PRO A 143 -0.75 26.86 8.87
N LEU A 144 -2.04 27.02 9.17
CA LEU A 144 -3.07 26.83 8.15
C LEU A 144 -3.51 28.14 7.50
N VAL A 145 -3.62 29.21 8.29
CA VAL A 145 -3.98 30.52 7.75
C VAL A 145 -5.36 30.47 7.11
N PHE A 146 -6.40 30.32 7.92
CA PHE A 146 -7.78 30.37 7.44
C PHE A 146 -8.12 31.81 7.10
N ASN A 147 -7.96 32.17 5.82
CA ASN A 147 -8.38 33.48 5.32
C ASN A 147 -9.86 33.38 5.00
N ILE A 148 -10.68 33.42 6.04
CA ILE A 148 -12.10 33.15 5.94
C ILE A 148 -12.87 34.45 6.12
N ILE A 149 -14.12 34.44 5.65
CA ILE A 149 -14.99 35.61 5.72
C ILE A 149 -15.64 35.65 7.10
N ARG A 150 -15.75 36.86 7.64
CA ARG A 150 -16.31 37.07 8.98
C ARG A 150 -17.82 37.31 8.94
N ASP A 151 -18.54 36.40 8.30
CA ASP A 151 -19.99 36.51 8.23
C ASP A 151 -20.59 36.42 9.63
N ILE A 152 -21.66 37.18 9.87
CA ILE A 152 -22.31 37.23 11.16
C ILE A 152 -23.59 36.40 11.08
N ILE A 153 -23.69 35.40 11.98
CA ILE A 153 -24.82 34.48 12.02
C ILE A 153 -25.39 34.47 13.43
N LYS A 154 -26.65 34.06 13.54
CA LYS A 154 -27.34 33.97 14.81
C LYS A 154 -28.04 32.62 14.88
N LEU A 155 -27.72 31.83 15.91
CA LEU A 155 -28.26 30.50 16.08
C LEU A 155 -28.88 30.36 17.46
N PRO A 156 -29.89 29.50 17.61
CA PRO A 156 -30.49 29.30 18.93
C PRO A 156 -29.47 28.76 19.92
N SER A 157 -29.57 29.24 21.17
CA SER A 157 -28.59 28.85 22.18
C SER A 157 -28.86 27.44 22.70
N VAL A 158 -30.13 27.02 22.73
CA VAL A 158 -30.51 25.75 23.34
C VAL A 158 -31.58 25.09 22.49
N TYR A 159 -31.56 23.76 22.45
CA TYR A 159 -32.57 22.98 21.76
C TYR A 159 -32.62 21.59 22.39
N VAL A 160 -33.83 21.15 22.75
CA VAL A 160 -34.05 19.85 23.37
C VAL A 160 -34.68 18.93 22.33
N LYS A 161 -34.15 17.71 22.24
CA LYS A 161 -34.63 16.75 21.26
C LYS A 161 -34.56 15.36 21.87
N LYS A 162 -35.67 14.63 21.79
CA LYS A 162 -35.76 13.31 22.40
C LYS A 162 -34.81 12.33 21.72
N ILE A 163 -34.54 11.23 22.40
CA ILE A 163 -33.72 10.16 21.85
C ILE A 163 -34.63 9.14 21.18
N LYS A 164 -34.07 8.40 20.22
CA LYS A 164 -34.88 7.63 19.28
C LYS A 164 -35.80 6.64 20.01
N GLU A 165 -35.23 5.79 20.86
CA GLU A 165 -35.96 4.66 21.43
C GLU A 165 -35.94 4.64 22.96
N THR A 166 -35.58 5.74 23.59
CA THR A 166 -35.46 5.80 25.04
C THR A 166 -36.22 7.01 25.58
N PRO A 167 -36.60 6.98 26.85
CA PRO A 167 -37.32 8.13 27.43
C PRO A 167 -36.45 9.35 27.61
N TYR A 168 -35.16 9.23 27.31
CA TYR A 168 -34.17 10.24 27.66
C TYR A 168 -34.13 11.35 26.62
N LEU A 169 -33.92 12.57 27.10
CA LEU A 169 -33.81 13.76 26.28
C LEU A 169 -32.35 14.14 26.11
N TYR A 170 -32.06 14.93 25.09
CA TYR A 170 -30.71 15.41 24.80
C TYR A 170 -30.77 16.93 24.80
N VAL A 171 -30.60 17.53 25.97
CA VAL A 171 -30.71 18.98 26.14
C VAL A 171 -29.33 19.56 25.85
N ARG A 172 -29.15 20.08 24.63
CA ARG A 172 -27.90 20.69 24.24
C ARG A 172 -27.90 22.16 24.66
N VAL A 173 -26.91 22.55 25.46
CA VAL A 173 -26.76 23.91 25.96
C VAL A 173 -25.47 24.44 25.38
N SER A 174 -25.56 25.33 24.38
CA SER A 174 -24.42 26.01 23.81
C SER A 174 -24.54 27.49 24.14
N GLY A 175 -23.50 28.03 24.80
CA GLY A 175 -23.55 29.39 25.27
C GLY A 175 -24.63 29.61 26.30
N PHE A 176 -24.65 30.78 26.92
CA PHE A 176 -25.69 31.15 27.89
C PHE A 176 -26.20 32.54 27.54
N ASP A 177 -27.50 32.65 27.27
CA ASP A 177 -28.15 33.92 26.99
C ASP A 177 -29.34 34.08 27.92
N LYS A 178 -30.05 35.20 27.77
CA LYS A 178 -31.11 35.55 28.70
C LYS A 178 -32.30 34.58 28.67
N ASN A 179 -32.37 33.71 27.67
CA ASN A 179 -33.52 32.81 27.50
C ASN A 179 -33.16 31.34 27.64
N VAL A 180 -31.95 31.01 28.11
CA VAL A 180 -31.55 29.62 28.21
C VAL A 180 -32.43 28.87 29.22
N THR A 181 -32.55 29.42 30.44
CA THR A 181 -33.28 28.72 31.49
C THR A 181 -34.74 28.55 31.11
N LYS A 182 -35.37 29.60 30.57
CA LYS A 182 -36.78 29.50 30.19
C LYS A 182 -36.98 28.47 29.10
N SER A 183 -36.09 28.45 28.10
CA SER A 183 -36.21 27.46 27.03
C SER A 183 -36.05 26.04 27.57
N VAL A 184 -35.08 25.84 28.45
CA VAL A 184 -34.87 24.51 29.02
C VAL A 184 -36.10 24.08 29.81
N LEU A 185 -36.65 24.98 30.64
CA LEU A 185 -37.82 24.64 31.43
C LEU A 185 -39.01 24.32 30.54
N GLU A 186 -39.21 25.10 29.48
CA GLU A 186 -40.30 24.83 28.55
C GLU A 186 -40.12 23.48 27.88
N GLY A 187 -38.90 23.16 27.46
CA GLY A 187 -38.64 21.87 26.85
C GLY A 187 -38.94 20.72 27.79
N LEU A 188 -38.49 20.83 29.05
CA LEU A 188 -38.79 19.79 30.02
C LEU A 188 -40.29 19.67 30.25
N LYS A 189 -40.99 20.80 30.29
CA LYS A 189 -42.44 20.76 30.46
C LYS A 189 -43.11 20.05 29.29
N ALA A 190 -42.66 20.31 28.07
CA ALA A 190 -43.26 19.70 26.90
C ALA A 190 -43.00 18.20 26.82
N ASN A 191 -42.11 17.66 27.64
CA ASN A 191 -41.82 16.23 27.68
C ASN A 191 -41.93 15.75 29.11
N PRO A 192 -43.14 15.77 29.68
CA PRO A 192 -43.30 15.39 31.10
C PRO A 192 -42.95 13.94 31.38
N LYS A 193 -42.93 13.07 30.38
CA LYS A 193 -42.67 11.65 30.58
C LYS A 193 -41.19 11.31 30.62
N ALA A 194 -40.31 12.29 30.40
CA ALA A 194 -38.89 12.01 30.34
C ALA A 194 -38.39 11.44 31.65
N LYS A 195 -37.41 10.53 31.55
CA LYS A 195 -36.78 9.92 32.72
C LYS A 195 -35.26 10.10 32.69
N GLY A 196 -34.76 11.02 31.87
CA GLY A 196 -33.33 11.27 31.81
C GLY A 196 -33.00 12.52 31.02
N ILE A 197 -31.89 13.16 31.35
CA ILE A 197 -31.45 14.37 30.66
C ILE A 197 -29.94 14.28 30.46
N VAL A 198 -29.49 14.63 29.26
CA VAL A 198 -28.06 14.64 28.93
C VAL A 198 -27.71 16.09 28.61
N LEU A 199 -27.25 16.83 29.63
CA LEU A 199 -26.87 18.22 29.44
C LEU A 199 -25.55 18.29 28.68
N ASP A 200 -25.61 18.30 27.35
CA ASP A 200 -24.41 18.32 26.53
C ASP A 200 -23.83 19.72 26.56
N LEU A 201 -22.98 19.99 27.54
CA LEU A 201 -22.33 21.27 27.68
C LEU A 201 -21.06 21.40 26.84
N ARG A 202 -20.72 20.38 26.06
CA ARG A 202 -19.49 20.42 25.29
C ARG A 202 -19.51 21.57 24.30
N GLY A 203 -18.35 22.18 24.09
CA GLY A 203 -18.26 23.31 23.18
C GLY A 203 -19.07 24.50 23.62
N ASN A 204 -19.05 24.81 24.92
CA ASN A 204 -19.80 25.93 25.48
C ASN A 204 -18.83 26.81 26.26
N PRO A 205 -18.22 27.80 25.61
CA PRO A 205 -17.22 28.61 26.30
C PRO A 205 -17.73 29.29 27.55
N GLY A 206 -19.03 29.63 27.62
CA GLY A 206 -19.62 30.15 28.83
C GLY A 206 -20.55 31.31 28.53
N GLY A 207 -20.88 32.05 29.58
CA GLY A 207 -21.77 33.18 29.43
C GLY A 207 -22.11 33.78 30.78
N LEU A 208 -23.16 34.59 30.79
CA LEU A 208 -23.57 35.30 32.01
C LEU A 208 -23.87 34.30 33.12
N LEU A 209 -23.46 34.65 34.35
CA LEU A 209 -23.55 33.73 35.47
C LEU A 209 -24.96 33.59 36.01
N ASN A 210 -25.80 34.62 35.90
CA ASN A 210 -27.14 34.54 36.48
C ASN A 210 -27.94 33.41 35.84
N GLN A 211 -27.84 33.25 34.52
CA GLN A 211 -28.56 32.17 33.87
C GLN A 211 -27.99 30.80 34.26
N ALA A 212 -26.67 30.71 34.43
CA ALA A 212 -26.08 29.46 34.89
C ALA A 212 -26.60 29.09 36.28
N VAL A 213 -26.65 30.06 37.18
CA VAL A 213 -27.15 29.77 38.53
C VAL A 213 -28.62 29.43 38.48
N GLY A 214 -29.39 30.06 37.60
CA GLY A 214 -30.78 29.70 37.46
C GLY A 214 -30.96 28.27 36.98
N LEU A 215 -30.17 27.87 35.98
CA LEU A 215 -30.26 26.49 35.48
C LEU A 215 -29.85 25.50 36.56
N SER A 216 -28.79 25.80 37.30
CA SER A 216 -28.35 24.90 38.37
C SER A 216 -29.41 24.83 39.47
N ASN A 217 -30.08 25.94 39.76
CA ASN A 217 -31.11 25.95 40.78
C ASN A 217 -32.37 25.23 40.32
N LEU A 218 -32.56 25.12 39.00
CA LEU A 218 -33.69 24.37 38.48
C LEU A 218 -33.72 22.95 39.04
N PHE A 219 -32.57 22.28 39.06
CA PHE A 219 -32.49 20.87 39.44
C PHE A 219 -32.08 20.66 40.89
N ILE A 220 -32.01 21.71 41.70
CA ILE A 220 -31.52 21.61 43.06
C ILE A 220 -32.51 22.26 44.01
N LYS A 221 -32.50 21.78 45.26
CA LYS A 221 -33.35 22.32 46.31
C LYS A 221 -32.58 22.63 47.59
N GLU A 222 -31.29 22.29 47.66
CA GLU A 222 -30.56 22.38 48.92
C GLU A 222 -30.20 23.82 49.27
N GLY A 223 -29.43 24.48 48.43
CA GLY A 223 -28.85 25.76 48.80
C GLY A 223 -27.64 26.16 48.01
N VAL A 224 -26.55 26.47 48.71
CA VAL A 224 -25.36 27.11 48.12
C VAL A 224 -24.97 26.46 46.81
N LEU A 225 -24.88 27.27 45.75
CA LEU A 225 -24.42 26.82 44.44
C LEU A 225 -22.98 27.22 44.17
N VAL A 226 -22.68 28.53 44.21
CA VAL A 226 -21.35 29.04 43.92
C VAL A 226 -21.12 30.29 44.76
N SER A 227 -19.85 30.67 44.89
CA SER A 227 -19.45 31.83 45.67
C SER A 227 -18.47 32.67 44.86
N GLN A 228 -18.85 33.91 44.58
CA GLN A 228 -18.00 34.87 43.88
C GLN A 228 -17.55 35.89 44.92
N LYS A 229 -16.44 35.61 45.58
CA LYS A 229 -15.98 36.41 46.71
C LYS A 229 -14.61 37.04 46.47
N GLY A 230 -13.64 36.28 46.00
CA GLY A 230 -12.27 36.75 46.06
C GLY A 230 -11.80 36.70 47.51
N LYS A 231 -10.63 37.28 47.75
CA LYS A 231 -10.07 37.32 49.09
C LYS A 231 -10.44 38.58 49.85
N ASN A 232 -11.09 39.55 49.20
CA ASN A 232 -11.58 40.72 49.90
C ASN A 232 -12.79 40.35 50.74
N LYS A 233 -12.76 40.71 52.03
CA LYS A 233 -13.85 40.34 52.93
C LYS A 233 -15.18 40.85 52.40
N GLU A 234 -15.25 42.14 52.07
CA GLU A 234 -16.46 42.69 51.48
C GLU A 234 -16.64 42.13 50.07
N GLU A 235 -17.85 42.28 49.54
CA GLU A 235 -18.20 41.76 48.23
C GLU A 235 -18.06 40.24 48.16
N SER A 236 -18.30 39.57 49.28
CA SER A 236 -18.29 38.10 49.33
C SER A 236 -19.66 37.58 48.89
N LEU A 237 -20.00 37.90 47.64
CA LEU A 237 -21.29 37.50 47.10
C LEU A 237 -21.42 35.99 47.09
N GLU A 238 -22.62 35.50 47.40
CA GLU A 238 -22.88 34.07 47.46
C GLU A 238 -24.30 33.82 47.01
N TYR A 239 -24.51 32.69 46.34
CA TYR A 239 -25.80 32.34 45.74
C TYR A 239 -26.35 31.12 46.46
N LYS A 240 -27.58 31.24 46.96
CA LYS A 240 -28.27 30.13 47.61
C LYS A 240 -29.47 29.73 46.76
N ALA A 241 -29.64 28.42 46.58
CA ALA A 241 -30.75 27.91 45.78
C ALA A 241 -32.06 28.15 46.51
N ASN A 242 -33.02 28.74 45.81
CA ASN A 242 -34.34 28.95 46.38
C ASN A 242 -35.06 27.61 46.56
N GLY A 243 -36.14 27.64 47.33
CA GLY A 243 -36.88 26.41 47.60
C GLY A 243 -37.54 25.80 46.38
N ARG A 244 -37.71 26.59 45.31
CA ARG A 244 -38.34 26.09 44.09
C ARG A 244 -37.37 25.18 43.35
N ALA A 245 -37.85 23.99 42.97
CA ALA A 245 -37.02 23.01 42.28
C ALA A 245 -37.92 22.04 41.52
N PRO A 246 -38.29 22.35 40.28
CA PRO A 246 -39.25 21.49 39.57
C PRO A 246 -38.80 20.05 39.39
N TYR A 247 -37.50 19.82 39.19
CA TYR A 247 -36.99 18.53 38.74
C TYR A 247 -35.91 18.02 39.68
N THR A 248 -36.22 17.99 40.98
CA THR A 248 -35.23 17.55 41.97
C THR A 248 -34.82 16.10 41.81
N ASN A 249 -35.57 15.30 41.06
CA ASN A 249 -35.36 13.86 41.01
C ASN A 249 -35.19 13.30 39.59
N LEU A 250 -34.99 14.16 38.59
CA LEU A 250 -34.83 13.66 37.23
C LEU A 250 -33.38 13.24 37.00
N PRO A 251 -33.12 11.99 36.61
CA PRO A 251 -31.73 11.58 36.37
C PRO A 251 -31.05 12.45 35.32
N ILE A 252 -29.79 12.82 35.60
CA ILE A 252 -29.03 13.71 34.74
C ILE A 252 -27.66 13.09 34.46
N ALA A 253 -27.06 13.50 33.34
CA ALA A 253 -25.66 13.17 33.06
C ALA A 253 -25.10 14.31 32.22
N VAL A 254 -24.50 15.27 32.90
CA VAL A 254 -23.87 16.40 32.21
C VAL A 254 -22.62 15.91 31.50
N LEU A 255 -22.32 16.50 30.35
CA LEU A 255 -21.32 15.98 29.42
C LEU A 255 -20.38 17.12 29.07
N VAL A 256 -19.28 17.23 29.80
CA VAL A 256 -18.37 18.35 29.66
C VAL A 256 -17.25 17.97 28.70
N ASN A 257 -16.52 18.97 28.22
CA ASN A 257 -15.44 18.77 27.25
C ASN A 257 -14.43 19.90 27.43
N GLY A 258 -13.26 19.72 26.84
CA GLY A 258 -12.21 20.73 26.94
C GLY A 258 -12.67 22.09 26.48
N GLY A 259 -13.62 22.15 25.55
CA GLY A 259 -14.11 23.42 25.05
C GLY A 259 -15.32 23.93 25.79
N SER A 260 -15.28 23.86 27.12
CA SER A 260 -16.35 24.39 27.96
C SER A 260 -15.71 25.13 29.13
N ALA A 261 -16.22 26.32 29.43
CA ALA A 261 -15.58 27.18 30.41
C ALA A 261 -16.58 28.13 31.03
N SER A 262 -16.17 28.75 32.13
CA SER A 262 -16.91 29.83 32.77
C SER A 262 -18.28 29.37 33.25
N ALA A 263 -19.34 29.75 32.55
CA ALA A 263 -20.69 29.41 32.98
C ALA A 263 -20.90 27.90 33.00
N SER A 264 -20.39 27.21 31.98
CA SER A 264 -20.60 25.76 31.90
C SER A 264 -19.97 25.05 33.10
N GLU A 265 -18.78 25.46 33.51
CA GLU A 265 -18.15 24.85 34.66
C GLU A 265 -18.84 25.21 35.97
N ILE A 266 -19.71 26.21 35.96
CA ILE A 266 -20.47 26.55 37.16
C ILE A 266 -21.67 25.62 37.31
N VAL A 267 -22.38 25.37 36.21
CA VAL A 267 -23.50 24.43 36.26
C VAL A 267 -22.99 23.02 36.52
N ALA A 268 -21.98 22.59 35.76
CA ALA A 268 -21.46 21.23 35.91
C ALA A 268 -20.84 21.03 37.28
N GLY A 269 -19.95 21.93 37.69
CA GLY A 269 -19.31 21.78 38.98
C GLY A 269 -20.30 21.85 40.13
N ALA A 270 -21.33 22.67 40.00
CA ALA A 270 -22.32 22.78 41.06
C ALA A 270 -23.07 21.47 41.26
N LEU A 271 -23.43 20.79 40.16
CA LEU A 271 -24.15 19.53 40.28
C LEU A 271 -23.26 18.46 40.92
N GLN A 272 -22.03 18.31 40.44
CA GLN A 272 -21.16 17.26 40.96
C GLN A 272 -20.94 17.39 42.46
N ASP A 273 -20.96 18.61 42.98
CA ASP A 273 -20.65 18.80 44.40
C ASP A 273 -21.83 18.45 45.29
N HIS A 274 -23.04 18.49 44.73
CA HIS A 274 -24.20 17.92 45.41
C HIS A 274 -24.39 16.44 45.07
N LYS A 275 -23.54 15.90 44.21
CA LYS A 275 -23.72 14.54 43.69
C LYS A 275 -25.13 14.38 43.13
N ARG A 276 -25.56 15.41 42.40
CA ARG A 276 -26.87 15.45 41.76
C ARG A 276 -26.81 15.06 40.29
N ALA A 277 -25.64 14.66 39.80
CA ALA A 277 -25.50 14.22 38.42
C ALA A 277 -24.10 13.65 38.25
N VAL A 278 -23.89 12.97 37.12
CA VAL A 278 -22.62 12.34 36.80
C VAL A 278 -21.99 13.08 35.63
N ILE A 279 -20.74 13.49 35.79
CA ILE A 279 -20.04 14.30 34.80
C ILE A 279 -19.19 13.38 33.94
N ILE A 280 -19.32 13.51 32.62
CA ILE A 280 -18.70 12.62 31.66
C ILE A 280 -17.96 13.44 30.61
N GLY A 281 -16.81 12.92 30.17
CA GLY A 281 -16.02 13.59 29.15
C GLY A 281 -14.61 13.87 29.61
N GLU A 282 -14.00 14.93 29.08
CA GLU A 282 -12.65 15.33 29.45
C GLU A 282 -12.71 16.49 30.45
N LYS A 283 -11.53 16.95 30.86
CA LYS A 283 -11.46 18.10 31.75
C LYS A 283 -11.88 19.36 31.02
N THR A 284 -12.39 20.32 31.78
CA THR A 284 -12.82 21.59 31.23
C THR A 284 -11.66 22.57 31.18
N PHE A 285 -11.90 23.73 30.56
CA PHE A 285 -10.85 24.73 30.41
C PHE A 285 -10.42 25.29 31.77
N GLY A 286 -11.38 25.56 32.65
CA GLY A 286 -11.07 26.09 33.96
C GLY A 286 -10.61 27.53 33.97
N LYS A 287 -11.51 28.45 33.66
CA LYS A 287 -11.25 29.89 33.71
C LYS A 287 -12.40 30.61 34.42
N GLY A 288 -12.77 30.10 35.60
CA GLY A 288 -13.85 30.70 36.36
C GLY A 288 -13.43 31.91 37.16
N SER A 289 -13.22 33.03 36.48
CA SER A 289 -12.87 34.29 37.12
C SER A 289 -13.67 35.41 36.48
N VAL A 290 -13.81 36.52 37.22
CA VAL A 290 -14.64 37.64 36.81
C VAL A 290 -13.80 38.90 36.83
N GLN A 291 -13.95 39.72 35.79
CA GLN A 291 -13.32 41.03 35.72
C GLN A 291 -14.37 42.05 35.29
N MET A 292 -14.33 43.24 35.90
CA MET A 292 -15.23 44.32 35.55
C MET A 292 -14.43 45.59 35.32
N LEU A 293 -14.78 46.32 34.26
CA LEU A 293 -14.09 47.55 33.94
C LEU A 293 -14.09 48.48 35.15
N LEU A 294 -12.90 48.86 35.60
CA LEU A 294 -12.73 49.64 36.82
C LEU A 294 -12.23 51.03 36.49
N PRO A 295 -13.05 52.07 36.63
CA PRO A 295 -12.55 53.43 36.33
C PRO A 295 -11.40 53.80 37.25
N VAL A 296 -10.44 54.54 36.69
CA VAL A 296 -9.26 54.94 37.45
C VAL A 296 -8.96 56.43 37.37
N ASN A 297 -9.50 57.17 36.40
CA ASN A 297 -9.23 58.59 36.27
C ASN A 297 -10.39 59.24 35.52
N LYS A 298 -10.16 60.48 35.07
CA LYS A 298 -11.22 61.21 34.38
C LYS A 298 -11.67 60.49 33.12
N ASP A 299 -10.72 59.94 32.36
CA ASP A 299 -11.03 59.21 31.14
C ASP A 299 -10.20 57.94 31.03
N GLU A 300 -10.07 57.19 32.12
CA GLU A 300 -9.25 56.00 32.15
C GLU A 300 -9.97 54.88 32.88
N ALA A 301 -9.62 53.64 32.53
CA ALA A 301 -10.13 52.46 33.21
C ALA A 301 -9.21 51.29 32.90
N ILE A 302 -9.30 50.27 33.75
CA ILE A 302 -8.43 49.10 33.65
C ILE A 302 -9.26 47.84 33.91
N LYS A 303 -9.02 46.81 33.10
CA LYS A 303 -9.63 45.50 33.31
C LYS A 303 -8.77 44.70 34.27
N ILE A 304 -9.31 44.43 35.45
CA ILE A 304 -8.59 43.72 36.51
C ILE A 304 -9.48 42.58 37.01
N THR A 305 -8.87 41.42 37.21
CA THR A 305 -9.59 40.26 37.73
C THR A 305 -9.94 40.51 39.18
N THR A 306 -11.22 40.75 39.46
CA THR A 306 -11.65 41.18 40.79
C THR A 306 -11.93 40.03 41.73
N ALA A 307 -12.53 38.94 41.24
CA ALA A 307 -12.92 37.85 42.13
C ALA A 307 -12.90 36.53 41.35
N ARG A 308 -12.83 35.43 42.12
CA ARG A 308 -12.81 34.09 41.56
C ARG A 308 -14.04 33.31 42.02
N TYR A 309 -14.48 32.38 41.18
CA TYR A 309 -15.60 31.52 41.51
C TYR A 309 -15.14 30.36 42.38
N TYR A 310 -15.96 29.99 43.36
CA TYR A 310 -15.68 28.87 44.25
C TYR A 310 -16.88 27.94 44.28
N LEU A 311 -16.63 26.65 44.13
CA LEU A 311 -17.67 25.64 44.16
C LEU A 311 -18.04 25.31 45.60
N PRO A 312 -19.16 24.61 45.83
CA PRO A 312 -19.63 24.40 47.20
C PRO A 312 -18.61 23.73 48.11
N SER A 313 -17.74 22.88 47.58
CA SER A 313 -16.77 22.16 48.40
C SER A 313 -15.48 22.94 48.62
N GLY A 314 -15.47 24.23 48.31
CA GLY A 314 -14.27 25.03 48.47
C GLY A 314 -13.26 24.90 47.35
N ARG A 315 -13.58 24.19 46.28
CA ARG A 315 -12.67 24.08 45.16
C ARG A 315 -12.69 25.36 44.33
N THR A 316 -11.61 25.57 43.58
CA THR A 316 -11.48 26.71 42.70
C THR A 316 -11.41 26.25 41.26
N ILE A 317 -12.10 26.98 40.37
CA ILE A 317 -12.16 26.59 38.97
C ILE A 317 -11.04 27.22 38.14
N GLN A 318 -10.40 28.29 38.62
CA GLN A 318 -9.51 29.06 37.79
C GLN A 318 -8.32 28.24 37.31
N ALA A 319 -7.72 27.45 38.19
CA ALA A 319 -6.46 26.77 37.88
C ALA A 319 -6.64 25.31 37.47
N LYS A 320 -7.67 24.63 37.97
CA LYS A 320 -7.77 23.18 37.85
C LYS A 320 -8.87 22.74 36.89
N GLY A 321 -10.07 23.28 37.02
CA GLY A 321 -11.20 22.82 36.24
C GLY A 321 -11.92 21.67 36.92
N ILE A 322 -12.89 21.13 36.19
CA ILE A 322 -13.72 20.04 36.69
C ILE A 322 -13.17 18.72 36.16
N THR A 323 -13.00 17.76 37.07
CA THR A 323 -12.49 16.44 36.69
C THR A 323 -13.68 15.50 36.47
N PRO A 324 -13.92 15.03 35.24
CA PRO A 324 -15.08 14.18 35.02
C PRO A 324 -15.04 12.91 35.85
N ASP A 325 -16.21 12.47 36.30
CA ASP A 325 -16.32 11.19 37.00
C ASP A 325 -15.93 10.03 36.10
N ILE A 326 -16.38 10.07 34.85
CA ILE A 326 -16.18 8.97 33.90
C ILE A 326 -15.49 9.57 32.68
N VAL A 327 -14.16 9.50 32.67
CA VAL A 327 -13.37 10.14 31.60
C VAL A 327 -13.38 9.23 30.38
N ILE A 328 -13.88 9.74 29.26
CA ILE A 328 -13.96 8.98 28.01
C ILE A 328 -13.66 9.95 26.87
N TYR A 329 -12.50 9.78 26.23
CA TYR A 329 -12.12 10.63 25.12
C TYR A 329 -12.94 10.29 23.88
N PRO A 330 -13.10 11.26 22.97
CA PRO A 330 -14.03 11.06 21.85
C PRO A 330 -13.56 9.98 20.90
N GLY A 331 -14.53 9.45 20.16
CA GLY A 331 -14.27 8.39 19.20
C GLY A 331 -15.57 7.80 18.70
N LYS A 332 -15.44 6.65 18.06
CA LYS A 332 -16.58 5.90 17.55
C LYS A 332 -16.68 4.56 18.26
N VAL A 333 -17.91 4.07 18.41
CA VAL A 333 -18.17 2.86 19.17
C VAL A 333 -17.47 1.68 18.49
N PRO A 334 -16.98 0.70 19.25
CA PRO A 334 -16.31 -0.45 18.61
C PRO A 334 -17.28 -1.25 17.76
N GLU A 335 -16.75 -1.79 16.66
CA GLU A 335 -17.55 -2.59 15.75
C GLU A 335 -17.67 -4.03 16.26
N ASN A 336 -18.87 -4.59 16.15
CA ASN A 336 -19.08 -5.97 16.52
C ASN A 336 -18.42 -6.90 15.49
N GLU A 337 -18.42 -8.20 15.82
CA GLU A 337 -17.79 -9.18 14.93
C GLU A 337 -18.43 -9.22 13.56
N ASN A 338 -19.70 -8.84 13.45
CA ASN A 338 -20.39 -8.91 12.17
C ASN A 338 -19.77 -7.92 11.19
N LYS A 339 -19.59 -8.36 9.94
CA LYS A 339 -18.97 -7.56 8.90
C LYS A 339 -19.99 -6.82 8.03
N PHE A 340 -21.03 -7.52 7.55
CA PHE A 340 -22.02 -6.90 6.69
C PHE A 340 -23.37 -6.73 7.39
N SER A 341 -23.98 -7.82 7.86
CA SER A 341 -25.32 -7.74 8.43
C SER A 341 -26.25 -7.04 7.44
N LEU A 342 -26.65 -5.81 7.75
CA LEU A 342 -27.49 -4.99 6.86
C LEU A 342 -26.67 -3.87 6.22
N LYS A 343 -25.42 -4.14 5.87
CA LYS A 343 -24.52 -3.08 5.40
C LYS A 343 -24.85 -2.65 3.98
N GLU A 344 -25.49 -3.52 3.19
CA GLU A 344 -25.77 -3.23 1.79
C GLU A 344 -27.20 -3.62 1.45
N ALA A 345 -27.84 -2.82 0.62
CA ALA A 345 -29.22 -3.07 0.18
C ALA A 345 -30.18 -3.11 1.36
N ASP A 346 -30.00 -2.19 2.32
CA ASP A 346 -30.92 -2.12 3.44
C ASP A 346 -32.32 -1.73 2.96
N LEU A 347 -32.41 -0.70 2.11
CA LEU A 347 -33.67 -0.21 1.57
C LEU A 347 -34.77 -0.22 2.63
N LYS A 348 -35.86 -0.94 2.39
CA LYS A 348 -37.00 -0.98 3.30
C LYS A 348 -37.57 0.42 3.47
N HIS A 349 -38.27 0.67 4.59
CA HIS A 349 -38.88 1.97 4.89
C HIS A 349 -39.72 2.50 3.72
N HIS A 350 -40.23 1.59 2.89
CA HIS A 350 -41.07 1.97 1.76
C HIS A 350 -42.31 1.08 1.68
N GLU A 377 -34.29 12.77 12.46
CA GLU A 377 -34.40 14.17 12.05
C GLU A 377 -34.52 15.08 13.27
N LYS A 378 -35.71 15.12 13.86
CA LYS A 378 -35.98 15.95 15.03
C LYS A 378 -35.58 15.28 16.34
N GLU A 379 -35.17 14.03 16.30
CA GLU A 379 -34.76 13.30 17.50
C GLU A 379 -33.44 12.58 17.23
N VAL A 380 -32.64 12.44 18.29
CA VAL A 380 -31.36 11.76 18.16
C VAL A 380 -31.61 10.31 17.74
N THR A 381 -30.89 9.88 16.72
CA THR A 381 -31.01 8.52 16.19
C THR A 381 -29.80 7.69 16.60
N PRO A 382 -29.94 6.35 16.59
CA PRO A 382 -28.80 5.51 17.00
C PRO A 382 -27.55 5.73 16.17
N LYS A 383 -27.68 6.20 14.94
CA LYS A 383 -26.50 6.45 14.11
C LYS A 383 -25.59 7.48 14.75
N MET A 384 -26.16 8.58 15.25
CA MET A 384 -25.33 9.60 15.89
C MET A 384 -24.73 9.08 17.19
N ILE A 385 -25.49 8.33 17.97
CA ILE A 385 -24.95 7.75 19.20
C ILE A 385 -23.75 6.86 18.87
N ASN A 386 -23.87 6.08 17.80
CA ASN A 386 -22.72 5.30 17.34
C ASN A 386 -21.57 6.20 16.90
N ASP A 387 -21.89 7.35 16.31
CA ASP A 387 -20.85 8.24 15.80
C ASP A 387 -19.93 8.72 16.91
N ASP A 388 -20.49 9.13 18.04
CA ASP A 388 -19.72 9.71 19.14
C ASP A 388 -19.83 8.81 20.37
N ILE A 389 -18.69 8.53 21.00
CA ILE A 389 -18.69 7.61 22.13
C ILE A 389 -19.06 8.31 23.42
N GLN A 390 -18.79 9.62 23.54
CA GLN A 390 -19.10 10.33 24.77
C GLN A 390 -20.60 10.31 25.05
N LEU A 391 -21.42 10.56 24.02
CA LEU A 391 -22.86 10.51 24.21
C LEU A 391 -23.32 9.10 24.53
N LYS A 392 -22.67 8.09 23.94
CA LYS A 392 -23.04 6.71 24.26
C LYS A 392 -22.76 6.40 25.72
N THR A 393 -21.62 6.86 26.23
CA THR A 393 -21.33 6.68 27.65
C THR A 393 -22.33 7.43 28.51
N ALA A 394 -22.72 8.63 28.08
CA ALA A 394 -23.71 9.40 28.83
C ALA A 394 -25.03 8.64 28.92
N ILE A 395 -25.44 8.01 27.81
CA ILE A 395 -26.68 7.24 27.83
C ILE A 395 -26.51 5.98 28.68
N ASP A 396 -25.36 5.33 28.60
CA ASP A 396 -25.11 4.14 29.41
C ASP A 396 -25.09 4.47 30.89
N SER A 397 -24.78 5.73 31.24
CA SER A 397 -24.77 6.14 32.63
C SER A 397 -26.12 6.68 33.08
N LEU A 398 -27.11 6.75 32.20
CA LEU A 398 -28.48 7.04 32.60
C LEU A 398 -29.29 5.78 32.84
N LYS A 399 -28.98 4.71 32.11
CA LYS A 399 -29.68 3.44 32.34
C LYS A 399 -29.38 2.89 33.73
N THR A 400 -28.13 2.98 34.17
CA THR A 400 -27.78 2.54 35.52
C THR A 400 -28.56 3.34 36.56
N TRP A 401 -28.76 4.63 36.30
CA TRP A 401 -29.55 5.43 37.22
C TRP A 401 -30.98 4.90 37.30
N SER A 402 -31.56 4.52 36.16
CA SER A 402 -32.89 3.94 36.17
C SER A 402 -32.91 2.62 36.94
N ILE A 403 -31.89 1.78 36.76
CA ILE A 403 -31.83 0.52 37.48
C ILE A 403 -31.81 0.77 38.99
N VAL A 404 -30.98 1.72 39.43
CA VAL A 404 -30.90 1.98 40.86
C VAL A 404 -32.19 2.64 41.36
N ASP A 405 -32.89 3.37 40.50
CA ASP A 405 -34.20 3.90 40.89
C ASP A 405 -35.21 2.78 41.09
N GLU A 406 -35.21 1.80 40.19
CA GLU A 406 -36.13 0.67 40.32
C GLU A 406 -35.85 -0.12 41.59
N LYS A 407 -34.57 -0.33 41.92
CA LYS A 407 -34.22 -1.17 43.05
C LYS A 407 -34.77 -0.62 44.35
N MET A 408 -34.72 0.70 44.53
CA MET A 408 -35.12 1.29 45.81
C MET A 408 -36.59 1.02 46.10
N ASP A 409 -37.45 1.15 45.09
CA ASP A 409 -38.88 0.92 45.27
C ASP A 409 -39.14 -0.48 45.84
N HIS B 7 3.24 64.86 43.96
CA HIS B 7 4.34 64.76 42.97
C HIS B 7 3.80 64.40 41.59
N MET B 8 4.68 64.42 40.59
CA MET B 8 4.29 64.07 39.23
C MET B 8 3.99 62.57 39.16
N PHE B 9 3.65 62.11 37.95
CA PHE B 9 3.32 60.70 37.71
C PHE B 9 1.96 60.35 38.30
N SER B 10 1.03 61.30 38.25
CA SER B 10 -0.30 61.07 38.80
C SER B 10 -1.01 59.94 38.07
N ARG B 11 -0.84 59.87 36.74
CA ARG B 11 -1.52 58.85 35.96
C ARG B 11 -1.13 57.44 36.40
N PHE B 12 0.01 57.27 37.06
CA PHE B 12 0.45 55.98 37.55
C PHE B 12 0.12 55.77 39.02
N SER B 13 0.17 56.83 39.83
CA SER B 13 -0.17 56.69 41.25
C SER B 13 -1.62 56.27 41.43
N ASN B 14 -2.53 56.86 40.66
CA ASN B 14 -3.94 56.53 40.77
C ASN B 14 -4.27 55.13 40.27
N VAL B 15 -3.35 54.46 39.59
CA VAL B 15 -3.60 53.12 39.09
C VAL B 15 -3.10 52.07 40.07
N VAL B 16 -1.85 52.19 40.53
CA VAL B 16 -1.31 51.20 41.45
C VAL B 16 -2.06 51.23 42.78
N SER B 17 -2.82 52.29 43.04
CA SER B 17 -3.70 52.30 44.20
C SER B 17 -4.86 51.34 44.00
N GLU B 18 -5.48 51.36 42.82
CA GLU B 18 -6.56 50.42 42.53
C GLU B 18 -6.07 48.99 42.55
N ILE B 19 -4.89 48.72 41.98
CA ILE B 19 -4.38 47.36 41.94
C ILE B 19 -4.07 46.87 43.35
N GLU B 20 -4.03 47.76 44.33
CA GLU B 20 -3.85 47.33 45.71
C GLU B 20 -5.18 47.02 46.40
N LYS B 21 -6.28 47.62 45.93
CA LYS B 21 -7.58 47.41 46.56
C LYS B 21 -8.37 46.31 45.87
N LYS B 22 -8.67 46.49 44.59
CA LYS B 22 -9.63 45.63 43.88
C LYS B 22 -9.05 44.28 43.49
N TYR B 23 -7.73 44.16 43.33
CA TYR B 23 -7.16 42.89 42.91
C TYR B 23 -7.54 41.78 43.88
N VAL B 24 -7.49 40.54 43.39
CA VAL B 24 -7.92 39.41 44.21
C VAL B 24 -6.93 39.14 45.34
N ASP B 25 -5.64 39.23 45.05
CA ASP B 25 -4.62 38.84 46.01
C ASP B 25 -4.10 39.98 46.87
N LYS B 26 -4.48 41.22 46.57
CA LYS B 26 -4.07 42.38 47.37
C LYS B 26 -2.56 42.39 47.57
N ILE B 27 -1.83 42.38 46.45
CA ILE B 27 -0.39 42.35 46.50
C ILE B 27 0.15 43.68 47.05
N SER B 28 1.19 43.59 47.87
CA SER B 28 1.78 44.78 48.45
C SER B 28 2.44 45.63 47.37
N ILE B 29 2.46 46.95 47.61
CA ILE B 29 3.01 47.88 46.63
C ILE B 29 4.48 47.58 46.36
N SER B 30 5.22 47.18 47.40
CA SER B 30 6.64 46.88 47.21
C SER B 30 6.85 45.80 46.16
N GLU B 31 5.90 44.88 46.03
CA GLU B 31 5.96 43.87 44.98
C GLU B 31 5.35 44.36 43.67
N ILE B 32 4.30 45.18 43.74
CA ILE B 32 3.68 45.67 42.52
C ILE B 32 4.66 46.49 41.71
N MET B 33 5.42 47.37 42.38
CA MET B 33 6.37 48.22 41.67
C MET B 33 7.40 47.38 40.92
N THR B 34 7.96 46.37 41.58
CA THR B 34 8.88 45.47 40.88
C THR B 34 8.18 44.76 39.75
N LYS B 35 6.89 44.45 39.91
CA LYS B 35 6.13 43.86 38.81
C LYS B 35 5.96 44.85 37.66
N ALA B 36 5.91 46.15 37.97
CA ALA B 36 5.76 47.16 36.93
C ALA B 36 7.04 47.40 36.16
N ILE B 37 8.19 47.35 36.85
CA ILE B 37 9.47 47.58 36.18
C ILE B 37 9.73 46.46 35.17
N GLU B 38 9.58 45.20 35.61
CA GLU B 38 9.84 44.09 34.71
C GLU B 38 8.90 44.12 33.51
N GLY B 39 7.62 44.44 33.75
CA GLY B 39 6.70 44.59 32.64
C GLY B 39 7.05 45.73 31.71
N LEU B 40 7.59 46.82 32.26
CA LEU B 40 7.89 48.00 31.45
C LEU B 40 9.02 47.72 30.47
N LEU B 41 10.13 47.16 30.96
CA LEU B 41 11.25 46.87 30.08
C LEU B 41 10.87 45.83 29.04
N SER B 42 10.14 44.79 29.44
CA SER B 42 9.68 43.80 28.47
C SER B 42 8.68 44.38 27.49
N ASN B 43 8.07 45.51 27.81
CA ASN B 43 7.15 46.19 26.90
C ASN B 43 7.85 47.26 26.07
N LEU B 44 9.17 47.40 26.21
CA LEU B 44 9.93 48.41 25.47
C LEU B 44 10.49 47.83 24.17
N ASP B 45 11.26 46.75 24.28
CA ASP B 45 11.72 46.02 23.10
C ASP B 45 12.09 44.61 23.54
N ALA B 46 12.19 43.71 22.55
CA ALA B 46 12.35 42.29 22.85
C ALA B 46 13.60 42.03 23.68
N HIS B 47 14.70 42.72 23.37
CA HIS B 47 15.97 42.42 24.01
C HIS B 47 16.10 43.02 25.40
N SER B 48 15.20 43.94 25.78
CA SER B 48 15.27 44.53 27.12
C SER B 48 14.95 43.49 28.18
N ALA B 49 15.58 43.64 29.33
CA ALA B 49 15.37 42.72 30.44
C ALA B 49 15.74 43.40 31.74
N TYR B 50 15.29 42.81 32.85
CA TYR B 50 15.56 43.32 34.18
C TYR B 50 16.37 42.30 34.96
N LEU B 51 17.39 42.78 35.67
CA LEU B 51 18.24 41.94 36.51
C LEU B 51 18.04 42.38 37.95
N ASN B 52 17.42 41.51 38.76
CA ASN B 52 17.27 41.78 40.18
C ASN B 52 18.61 41.60 40.87
N GLU B 53 18.64 41.67 42.20
CA GLU B 53 19.92 41.58 42.92
C GLU B 53 20.60 40.24 42.67
N LYS B 54 19.86 39.15 42.83
CA LYS B 54 20.43 37.82 42.61
C LYS B 54 20.88 37.65 41.17
N LYS B 55 20.06 38.07 40.21
CA LYS B 55 20.44 37.99 38.81
C LYS B 55 21.64 38.87 38.52
N PHE B 56 21.78 40.00 39.23
CA PHE B 56 22.91 40.89 39.00
C PHE B 56 24.20 40.24 39.51
N LYS B 57 24.14 39.61 40.69
CA LYS B 57 25.30 38.88 41.18
C LYS B 57 25.66 37.73 40.25
N GLU B 58 24.65 37.02 39.74
CA GLU B 58 24.92 35.93 38.81
C GLU B 58 25.58 36.44 37.54
N PHE B 59 25.11 37.57 37.01
CA PHE B 59 25.74 38.15 35.83
C PHE B 59 27.17 38.57 36.15
N GLN B 60 27.40 39.13 37.33
CA GLN B 60 28.76 39.49 37.73
C GLN B 60 29.66 38.27 37.73
N ALA B 61 29.18 37.15 38.29
CA ALA B 61 29.95 35.91 38.30
C ALA B 61 28.96 34.75 38.18
N GLN B 62 28.73 34.31 36.94
CA GLN B 62 27.84 33.18 36.71
C GLN B 62 28.42 31.89 37.26
N THR B 63 29.74 31.73 37.16
CA THR B 63 30.43 30.55 37.67
C THR B 63 31.88 30.94 37.95
N GLU B 64 32.57 30.08 38.69
CA GLU B 64 34.00 30.29 38.88
C GLU B 64 34.68 30.47 37.52
N GLY B 65 34.31 29.66 36.54
CA GLY B 65 34.68 29.88 35.16
C GLY B 65 33.44 30.03 34.30
N GLU B 66 33.23 31.22 33.74
CA GLU B 66 32.00 31.50 33.02
C GLU B 66 31.86 30.66 31.75
N PHE B 67 32.92 30.00 31.29
CA PHE B 67 32.88 29.16 30.10
C PHE B 67 33.30 27.72 30.34
N GLY B 68 32.61 26.80 29.70
CA GLY B 68 32.92 25.40 29.86
C GLY B 68 32.01 24.55 28.99
N GLY B 69 32.10 23.24 29.20
CA GLY B 69 31.26 22.30 28.46
C GLY B 69 32.01 21.01 28.23
N LEU B 70 31.33 20.10 27.53
CA LEU B 70 31.90 18.80 27.18
C LEU B 70 31.68 18.46 25.71
N GLY B 71 31.26 19.42 24.88
CA GLY B 71 31.00 19.13 23.49
C GLY B 71 29.69 18.42 23.23
N ILE B 72 28.76 18.47 24.19
CA ILE B 72 27.47 17.80 24.04
C ILE B 72 26.45 18.79 23.52
N THR B 73 25.64 18.35 22.56
CA THR B 73 24.59 19.16 21.95
C THR B 73 23.28 18.39 22.06
N VAL B 74 22.48 18.72 23.07
CA VAL B 74 21.21 18.05 23.33
C VAL B 74 20.09 19.00 22.96
N GLY B 75 19.20 18.55 22.07
CA GLY B 75 18.10 19.37 21.60
C GLY B 75 16.91 19.39 22.54
N MET B 76 16.79 18.36 23.38
CA MET B 76 15.69 18.27 24.35
C MET B 76 14.34 18.25 23.66
N ARG B 77 14.29 17.76 22.42
CA ARG B 77 13.04 17.78 21.67
C ARG B 77 11.95 16.86 22.23
N ASP B 78 10.70 17.30 22.13
CA ASP B 78 9.55 16.57 22.63
C ASP B 78 9.60 16.36 24.13
N GLY B 79 10.39 17.17 24.84
CA GLY B 79 10.55 17.02 26.27
C GLY B 79 11.47 15.90 26.70
N VAL B 80 12.12 15.22 25.75
CA VAL B 80 13.04 14.13 26.03
C VAL B 80 14.40 14.51 25.50
N LEU B 81 15.42 14.41 26.36
CA LEU B 81 16.77 14.80 25.96
C LEU B 81 17.30 13.85 24.89
N THR B 82 17.87 14.41 23.83
CA THR B 82 18.44 13.62 22.74
C THR B 82 19.62 14.39 22.16
N VAL B 83 20.73 13.70 21.94
CA VAL B 83 21.93 14.32 21.38
C VAL B 83 21.73 14.47 19.89
N ILE B 84 21.51 15.71 19.43
CA ILE B 84 21.36 15.96 18.00
C ILE B 84 22.65 15.60 17.26
N ALA B 85 23.79 16.00 17.81
CA ALA B 85 25.07 15.71 17.19
C ALA B 85 26.19 15.72 18.22
N PRO B 86 26.92 14.62 18.39
CA PRO B 86 28.07 14.63 19.31
C PRO B 86 29.30 15.20 18.63
N LEU B 87 29.94 16.17 19.28
CA LEU B 87 31.14 16.78 18.72
C LEU B 87 32.30 15.79 18.76
N GLU B 88 32.75 15.37 17.59
CA GLU B 88 33.83 14.40 17.50
C GLU B 88 35.12 14.98 18.04
N GLY B 89 35.87 14.16 18.78
CA GLY B 89 37.13 14.57 19.35
C GLY B 89 37.04 15.22 20.71
N THR B 90 35.85 15.63 21.14
CA THR B 90 35.69 16.23 22.45
C THR B 90 35.75 15.15 23.53
N PRO B 91 35.99 15.54 24.78
CA PRO B 91 36.09 14.54 25.86
C PRO B 91 34.86 13.64 25.96
N ALA B 92 33.67 14.20 25.77
CA ALA B 92 32.46 13.39 25.83
C ALA B 92 32.45 12.31 24.76
N TYR B 93 32.85 12.66 23.53
CA TYR B 93 32.92 11.67 22.46
C TYR B 93 33.93 10.59 22.79
N LYS B 94 35.11 10.98 23.28
CA LYS B 94 36.12 9.98 23.63
C LYS B 94 35.64 9.08 24.75
N ALA B 95 34.76 9.59 25.63
CA ALA B 95 34.22 8.77 26.70
C ALA B 95 33.41 7.61 26.15
N GLY B 96 32.62 7.86 25.10
CA GLY B 96 31.83 6.81 24.48
C GLY B 96 30.35 7.12 24.38
N VAL B 97 29.99 8.41 24.42
CA VAL B 97 28.58 8.78 24.28
C VAL B 97 28.07 8.34 22.91
N LYS B 98 26.78 7.99 22.85
CA LYS B 98 26.17 7.48 21.64
C LYS B 98 24.82 8.14 21.43
N SER B 99 24.48 8.34 20.16
CA SER B 99 23.18 8.90 19.81
C SER B 99 22.09 7.83 19.92
N GLY B 100 20.84 8.29 19.97
CA GLY B 100 19.72 7.39 20.14
C GLY B 100 19.57 6.85 21.53
N ASP B 101 20.31 7.38 22.50
CA ASP B 101 20.28 6.89 23.87
C ASP B 101 19.21 7.63 24.67
N ASN B 102 19.15 7.35 25.97
CA ASN B 102 18.22 8.00 26.88
C ASN B 102 19.02 8.83 27.88
N ILE B 103 18.68 10.11 28.00
CA ILE B 103 19.32 11.02 28.92
C ILE B 103 18.24 11.50 29.89
N LEU B 104 18.10 10.80 31.02
CA LEU B 104 17.17 11.21 32.06
C LEU B 104 17.86 12.01 33.16
N LYS B 105 19.14 11.77 33.39
CA LYS B 105 19.88 12.50 34.40
C LYS B 105 21.34 12.60 33.97
N ILE B 106 21.92 13.79 34.13
CA ILE B 106 23.32 14.02 33.82
C ILE B 106 24.09 14.13 35.14
N ASN B 107 23.75 15.13 35.95
CA ASN B 107 24.39 15.32 37.25
C ASN B 107 23.56 14.69 38.36
N ASN B 108 23.19 13.42 38.19
CA ASN B 108 22.40 12.69 39.18
C ASN B 108 21.11 13.45 39.52
N GLU B 109 20.51 14.09 38.52
CA GLU B 109 19.29 14.87 38.71
C GLU B 109 18.45 14.82 37.45
N SER B 110 17.15 15.05 37.61
CA SER B 110 16.25 15.05 36.47
C SER B 110 16.68 16.11 35.45
N THR B 111 16.60 15.75 34.17
CA THR B 111 17.00 16.63 33.09
C THR B 111 15.89 16.95 32.09
N LEU B 112 14.85 16.13 32.01
CA LEU B 112 13.76 16.42 31.08
C LEU B 112 13.02 17.70 31.45
N SER B 113 13.09 18.13 32.71
CA SER B 113 12.41 19.34 33.15
C SER B 113 13.31 20.18 34.04
N MET B 114 14.62 20.09 33.86
CA MET B 114 15.56 20.87 34.65
C MET B 114 15.53 22.34 34.22
N SER B 115 15.87 23.22 35.15
CA SER B 115 16.01 24.63 34.84
C SER B 115 17.14 24.82 33.82
N ILE B 116 16.86 25.58 32.77
CA ILE B 116 17.85 25.75 31.70
C ILE B 116 19.08 26.48 32.23
N ASP B 117 18.88 27.53 33.04
CA ASP B 117 20.01 28.30 33.55
C ASP B 117 20.91 27.45 34.44
N ASP B 118 20.32 26.64 35.32
CA ASP B 118 21.12 25.80 36.20
C ASP B 118 21.93 24.79 35.41
N ALA B 119 21.31 24.15 34.42
CA ALA B 119 22.05 23.23 33.56
C ALA B 119 23.10 23.96 32.72
N ILE B 120 22.87 25.23 32.42
CA ILE B 120 23.86 26.01 31.69
C ILE B 120 25.07 26.29 32.56
N ASN B 121 24.85 26.59 33.84
CA ASN B 121 25.96 26.71 34.76
C ASN B 121 26.68 25.37 34.94
N LEU B 122 25.91 24.28 34.97
CA LEU B 122 26.50 22.95 35.12
C LEU B 122 27.47 22.65 33.99
N MET B 123 27.06 22.91 32.75
CA MET B 123 27.91 22.62 31.59
C MET B 123 28.97 23.69 31.41
N ARG B 124 28.54 24.93 31.18
CA ARG B 124 29.45 26.07 30.98
C ARG B 124 29.96 26.51 32.33
N GLY B 125 31.00 25.84 32.82
CA GLY B 125 31.58 26.13 34.11
C GLY B 125 33.09 26.00 34.05
N LYS B 126 33.72 26.25 35.20
CA LYS B 126 35.18 26.19 35.25
C LYS B 126 35.66 24.80 34.89
N PRO B 127 36.65 24.66 34.01
CA PRO B 127 37.19 23.32 33.74
C PRO B 127 37.73 22.63 34.98
N LYS B 128 38.27 23.39 35.93
CA LYS B 128 38.78 22.78 37.17
C LYS B 128 37.68 22.10 37.96
N THR B 129 36.45 22.58 37.84
CA THR B 129 35.34 22.00 38.60
C THR B 129 34.97 20.64 38.03
N PRO B 130 35.05 19.56 38.81
CA PRO B 130 34.60 18.26 38.30
C PRO B 130 33.10 18.25 38.05
N ILE B 131 32.70 17.45 37.05
CA ILE B 131 31.31 17.25 36.72
C ILE B 131 31.10 15.78 36.40
N GLN B 132 29.98 15.22 36.86
CA GLN B 132 29.69 13.81 36.73
C GLN B 132 28.59 13.60 35.69
N ILE B 133 28.74 12.54 34.90
CA ILE B 133 27.74 12.12 33.91
C ILE B 133 27.31 10.70 34.27
N THR B 134 26.00 10.51 34.44
CA THR B 134 25.42 9.22 34.83
C THR B 134 24.31 8.88 33.85
N ILE B 135 24.66 8.17 32.79
CA ILE B 135 23.68 7.76 31.78
C ILE B 135 22.94 6.53 32.29
N VAL B 136 21.61 6.60 32.27
CA VAL B 136 20.76 5.52 32.76
C VAL B 136 19.84 5.06 31.64
N ARG B 137 19.51 3.78 31.66
CA ARG B 137 18.62 3.19 30.67
C ARG B 137 17.86 2.04 31.32
N LYS B 138 16.57 1.94 31.00
CA LYS B 138 15.75 0.89 31.59
C LYS B 138 16.20 -0.50 31.17
N ASN B 139 16.74 -0.63 29.95
CA ASN B 139 17.12 -1.93 29.43
C ASN B 139 18.40 -2.47 30.06
N GLU B 140 19.29 -1.60 30.55
CA GLU B 140 20.55 -2.02 31.14
C GLU B 140 20.49 -1.89 32.65
N PRO B 141 20.59 -3.00 33.40
CA PRO B 141 20.52 -2.88 34.87
C PRO B 141 21.67 -2.09 35.48
N LYS B 142 22.82 -2.02 34.80
CA LYS B 142 23.99 -1.33 35.32
C LYS B 142 24.23 -0.05 34.54
N PRO B 143 24.00 1.13 35.11
CA PRO B 143 24.19 2.37 34.35
C PRO B 143 25.64 2.60 33.97
N LEU B 144 25.83 3.39 32.92
CA LEU B 144 27.14 3.76 32.43
C LEU B 144 27.53 5.11 33.00
N VAL B 145 28.75 5.20 33.53
CA VAL B 145 29.25 6.41 34.18
C VAL B 145 30.48 6.89 33.41
N PHE B 146 30.44 8.14 32.96
CA PHE B 146 31.56 8.79 32.29
C PHE B 146 31.99 9.98 33.15
N ASN B 147 33.19 9.90 33.72
CA ASN B 147 33.69 10.93 34.63
C ASN B 147 34.63 11.83 33.85
N ILE B 148 34.14 13.01 33.49
CA ILE B 148 34.92 14.02 32.79
C ILE B 148 34.71 15.36 33.49
N ILE B 149 35.80 16.08 33.75
CA ILE B 149 35.69 17.43 34.28
C ILE B 149 35.27 18.37 33.16
N ARG B 150 34.75 19.53 33.55
CA ARG B 150 34.35 20.53 32.57
C ARG B 150 35.54 20.92 31.70
N ASP B 151 35.25 21.45 30.51
CA ASP B 151 36.29 21.84 29.57
C ASP B 151 35.78 22.99 28.71
N ILE B 152 36.65 23.95 28.46
CA ILE B 152 36.32 25.07 27.58
C ILE B 152 36.56 24.63 26.15
N ILE B 153 35.55 24.03 25.52
CA ILE B 153 35.68 23.54 24.15
C ILE B 153 36.16 24.68 23.28
N LYS B 154 37.26 24.46 22.56
CA LYS B 154 37.92 25.56 21.86
C LYS B 154 37.00 26.17 20.81
N LEU B 155 36.45 25.35 19.92
CA LEU B 155 35.73 25.86 18.76
C LEU B 155 36.54 27.01 18.16
N PRO B 156 37.70 26.73 17.57
CA PRO B 156 38.58 27.81 17.15
C PRO B 156 37.94 28.80 16.20
N SER B 157 36.95 28.35 15.41
CA SER B 157 36.37 29.17 14.36
C SER B 157 37.39 29.52 13.29
N VAL B 158 38.34 28.61 13.06
CA VAL B 158 39.37 28.79 12.04
C VAL B 158 39.49 27.58 11.13
N TYR B 159 38.65 26.55 11.33
CA TYR B 159 38.69 25.35 10.50
C TYR B 159 38.73 25.72 9.02
N VAL B 160 39.84 25.36 8.36
CA VAL B 160 40.07 25.76 6.98
C VAL B 160 39.70 24.61 6.05
N LYS B 161 40.42 23.50 6.17
CA LYS B 161 40.16 22.30 5.39
C LYS B 161 40.02 22.63 3.90
N LYS B 162 41.15 23.07 3.34
CA LYS B 162 41.19 23.47 1.93
C LYS B 162 40.50 22.44 1.05
N ILE B 163 39.77 22.94 0.06
CA ILE B 163 39.00 22.07 -0.83
C ILE B 163 39.92 21.48 -1.89
N LYS B 164 39.45 20.43 -2.55
CA LYS B 164 40.24 19.67 -3.52
C LYS B 164 40.22 20.38 -4.86
N GLU B 165 41.33 21.05 -5.20
CA GLU B 165 41.65 21.56 -6.53
C GLU B 165 40.65 22.59 -7.07
N THR B 166 39.65 22.97 -6.29
CA THR B 166 38.71 24.01 -6.64
C THR B 166 38.95 25.22 -5.76
N PRO B 167 38.27 26.35 -6.02
CA PRO B 167 38.42 27.52 -5.13
C PRO B 167 38.42 27.06 -3.68
N TYR B 168 39.55 27.24 -3.01
CA TYR B 168 40.02 26.28 -2.02
C TYR B 168 39.58 26.60 -0.59
N LEU B 169 40.02 27.75 -0.07
CA LEU B 169 39.94 27.98 1.36
C LEU B 169 38.49 27.96 1.85
N TYR B 170 38.13 26.92 2.60
CA TYR B 170 36.80 26.84 3.21
C TYR B 170 36.89 27.36 4.64
N VAL B 171 37.08 28.68 4.73
CA VAL B 171 37.16 29.33 6.03
C VAL B 171 35.86 29.08 6.78
N ARG B 172 35.97 28.68 8.04
CA ARG B 172 34.81 28.40 8.88
C ARG B 172 34.88 29.29 10.12
N VAL B 173 33.81 30.02 10.38
CA VAL B 173 33.70 30.91 11.53
C VAL B 173 32.42 30.53 12.26
N SER B 174 32.54 29.68 13.28
CA SER B 174 31.39 29.29 14.08
C SER B 174 31.04 30.31 15.16
N GLY B 175 32.04 30.94 15.75
CA GLY B 175 31.81 31.93 16.78
C GLY B 175 32.93 32.95 16.79
N PHE B 176 32.59 34.19 17.16
CA PHE B 176 33.55 35.28 17.15
C PHE B 176 34.27 35.33 18.50
N ASP B 177 35.29 34.48 18.63
CA ASP B 177 36.16 34.49 19.79
C ASP B 177 37.19 35.61 19.61
N LYS B 178 38.21 35.64 20.45
CA LYS B 178 39.19 36.73 20.44
C LYS B 178 40.33 36.51 19.45
N ASN B 179 40.53 35.29 18.97
CA ASN B 179 41.64 34.95 18.10
C ASN B 179 41.24 34.74 16.65
N VAL B 180 40.01 35.10 16.26
CA VAL B 180 39.51 34.74 14.94
C VAL B 180 40.36 35.41 13.85
N THR B 181 40.56 36.72 13.96
CA THR B 181 41.20 37.45 12.86
C THR B 181 42.64 37.00 12.65
N LYS B 182 43.44 37.01 13.71
CA LYS B 182 44.85 36.68 13.57
C LYS B 182 45.03 35.21 13.17
N SER B 183 44.23 34.32 13.76
CA SER B 183 44.32 32.91 13.41
C SER B 183 43.95 32.67 11.96
N VAL B 184 42.89 33.35 11.48
CA VAL B 184 42.49 33.20 10.08
C VAL B 184 43.58 33.73 9.16
N LEU B 185 44.17 34.87 9.51
CA LEU B 185 45.24 35.43 8.70
C LEU B 185 46.44 34.48 8.65
N GLU B 186 46.80 33.90 9.79
CA GLU B 186 47.90 32.95 9.81
C GLU B 186 47.58 31.72 8.98
N GLY B 187 46.36 31.19 9.08
CA GLY B 187 45.97 30.05 8.29
C GLY B 187 46.05 30.34 6.79
N LEU B 188 45.58 31.51 6.38
CA LEU B 188 45.70 31.90 4.98
C LEU B 188 47.17 32.01 4.58
N LYS B 189 47.99 32.57 5.48
CA LYS B 189 49.43 32.65 5.21
C LYS B 189 50.05 31.28 5.06
N ALA B 190 49.49 30.28 5.75
CA ALA B 190 49.99 28.91 5.66
C ALA B 190 49.44 28.16 4.45
N ASN B 191 48.47 28.73 3.75
CA ASN B 191 47.90 28.12 2.54
C ASN B 191 47.89 29.14 1.41
N PRO B 192 49.08 29.56 0.96
CA PRO B 192 49.14 30.47 -0.20
C PRO B 192 48.89 29.74 -1.50
N LYS B 193 49.02 30.45 -2.63
CA LYS B 193 48.83 29.84 -3.94
C LYS B 193 47.42 29.28 -4.09
N ALA B 194 46.45 29.98 -3.49
CA ALA B 194 45.05 29.59 -3.54
C ALA B 194 44.21 30.82 -3.83
N LYS B 195 43.13 30.63 -4.59
CA LYS B 195 42.24 31.70 -5.00
C LYS B 195 40.84 31.42 -4.51
N GLY B 196 40.25 32.39 -3.82
CA GLY B 196 38.86 32.26 -3.37
C GLY B 196 38.73 31.60 -2.03
N ILE B 197 37.91 32.20 -1.15
CA ILE B 197 37.61 31.64 0.16
C ILE B 197 36.10 31.68 0.35
N VAL B 198 35.53 30.54 0.73
CA VAL B 198 34.09 30.47 1.03
C VAL B 198 33.96 30.80 2.50
N LEU B 199 33.93 32.10 2.80
CA LEU B 199 33.84 32.57 4.18
C LEU B 199 32.52 32.09 4.77
N ASP B 200 32.59 31.14 5.70
CA ASP B 200 31.39 30.47 6.21
C ASP B 200 30.93 31.19 7.48
N LEU B 201 29.77 31.85 7.39
CA LEU B 201 29.15 32.51 8.53
C LEU B 201 27.82 31.87 8.91
N ARG B 202 27.56 30.65 8.46
CA ARG B 202 26.32 29.97 8.80
C ARG B 202 26.31 29.61 10.26
N GLY B 203 25.21 29.90 10.95
CA GLY B 203 25.05 29.51 12.33
C GLY B 203 25.99 30.18 13.30
N ASN B 204 26.45 31.40 13.01
CA ASN B 204 27.30 32.13 13.93
C ASN B 204 26.51 33.28 14.52
N PRO B 205 26.05 33.20 15.77
CA PRO B 205 25.22 34.26 16.34
C PRO B 205 25.94 35.59 16.48
N GLY B 206 27.27 35.61 16.44
CA GLY B 206 28.02 36.85 16.53
C GLY B 206 29.02 36.85 17.66
N GLY B 207 29.44 38.04 18.09
CA GLY B 207 30.38 38.14 19.19
C GLY B 207 31.11 39.47 19.24
N LEU B 208 32.42 39.42 19.47
CA LEU B 208 33.21 40.64 19.63
C LEU B 208 33.10 41.52 18.40
N LEU B 209 32.70 42.78 18.61
CA LEU B 209 32.61 43.72 17.49
C LEU B 209 33.98 43.97 16.88
N ASN B 210 35.01 44.14 17.72
CA ASN B 210 36.36 44.36 17.20
C ASN B 210 36.81 43.19 16.36
N GLN B 211 36.38 41.97 16.69
CA GLN B 211 36.75 40.82 15.87
C GLN B 211 36.11 40.93 14.48
N ALA B 212 34.85 41.34 14.42
CA ALA B 212 34.19 41.51 13.13
C ALA B 212 34.86 42.61 12.32
N VAL B 213 35.22 43.73 12.97
CA VAL B 213 35.85 44.82 12.23
C VAL B 213 37.22 44.40 11.74
N GLY B 214 37.96 43.61 12.52
CA GLY B 214 39.24 43.10 12.06
C GLY B 214 39.10 42.16 10.89
N LEU B 215 38.10 41.27 10.94
CA LEU B 215 37.86 40.36 9.81
C LEU B 215 37.51 41.14 8.56
N SER B 216 36.70 42.19 8.70
CA SER B 216 36.38 43.03 7.55
C SER B 216 37.62 43.73 7.03
N ASN B 217 38.45 44.27 7.92
CA ASN B 217 39.67 44.93 7.49
C ASN B 217 40.60 43.96 6.75
N LEU B 218 40.55 42.68 7.11
CA LEU B 218 41.43 41.71 6.47
C LEU B 218 41.23 41.67 4.96
N PHE B 219 40.05 42.05 4.48
CA PHE B 219 39.72 41.97 3.05
C PHE B 219 39.54 43.32 2.40
N ILE B 220 38.71 44.19 2.94
CA ILE B 220 38.41 45.48 2.33
C ILE B 220 39.58 46.43 2.60
N LYS B 221 39.77 47.39 1.69
CA LYS B 221 40.90 48.32 1.78
C LYS B 221 40.49 49.64 2.45
N GLU B 222 39.51 50.33 1.89
CA GLU B 222 39.13 51.65 2.34
C GLU B 222 37.62 51.83 2.21
N GLY B 223 37.08 52.76 3.00
CA GLY B 223 35.67 53.10 2.95
C GLY B 223 35.01 53.05 4.30
N VAL B 224 33.84 53.69 4.42
CA VAL B 224 33.08 53.66 5.66
C VAL B 224 32.56 52.25 5.88
N LEU B 225 32.76 51.72 7.10
CA LEU B 225 32.51 50.33 7.39
C LEU B 225 31.29 50.13 8.29
N VAL B 226 31.26 50.77 9.45
CA VAL B 226 30.16 50.65 10.40
C VAL B 226 29.97 51.99 11.11
N SER B 227 28.75 52.21 11.59
CA SER B 227 28.42 53.46 12.27
C SER B 227 27.41 53.19 13.38
N GLN B 228 27.39 54.09 14.35
CA GLN B 228 26.47 54.02 15.48
C GLN B 228 25.50 55.19 15.42
N LYS B 229 24.27 54.96 15.86
CA LYS B 229 23.22 55.96 15.81
C LYS B 229 22.42 55.93 17.11
N GLY B 230 21.81 57.06 17.43
CA GLY B 230 20.97 57.19 18.61
C GLY B 230 21.05 58.59 19.17
N LYS B 231 20.62 58.72 20.42
CA LYS B 231 20.68 60.00 21.11
C LYS B 231 22.11 60.47 21.33
N ASN B 232 23.08 59.56 21.21
CA ASN B 232 24.48 59.89 21.48
C ASN B 232 25.14 60.53 20.25
N LYS B 233 24.52 61.62 19.78
CA LYS B 233 25.11 62.38 18.69
C LYS B 233 26.46 62.97 19.07
N GLU B 234 26.75 63.08 20.37
CA GLU B 234 28.03 63.63 20.78
C GLU B 234 29.19 62.78 20.30
N GLU B 235 28.99 61.46 20.19
CA GLU B 235 30.03 60.55 19.74
C GLU B 235 29.69 59.90 18.41
N SER B 236 28.56 59.21 18.32
CA SER B 236 28.13 58.53 17.09
C SER B 236 29.31 57.88 16.39
N LEU B 237 30.09 57.13 17.17
CA LEU B 237 31.36 56.63 16.68
C LEU B 237 31.18 55.72 15.47
N GLU B 238 32.12 55.82 14.53
CA GLU B 238 32.17 54.97 13.35
C GLU B 238 33.53 54.27 13.31
N TYR B 239 33.54 53.10 12.66
CA TYR B 239 34.75 52.34 12.44
C TYR B 239 35.04 52.32 10.94
N LYS B 240 36.26 52.67 10.56
CA LYS B 240 36.66 52.75 9.16
C LYS B 240 37.87 51.85 8.94
N ALA B 241 37.70 50.83 8.10
CA ALA B 241 38.84 50.01 7.71
C ALA B 241 39.81 50.85 6.89
N ASN B 242 41.10 50.67 7.16
CA ASN B 242 42.11 51.52 6.54
C ASN B 242 43.45 50.79 6.50
N GLY B 243 44.35 51.34 5.70
CA GLY B 243 45.72 50.87 5.70
C GLY B 243 45.83 49.42 5.26
N ARG B 244 46.42 48.60 6.12
CA ARG B 244 46.76 47.23 5.75
C ARG B 244 45.52 46.46 5.30
N ALA B 245 45.66 45.73 4.21
CA ALA B 245 44.63 44.85 3.68
C ALA B 245 45.30 43.81 2.80
N PRO B 246 45.79 42.71 3.38
CA PRO B 246 46.63 41.78 2.59
C PRO B 246 45.92 41.17 1.41
N TYR B 247 44.59 41.14 1.39
CA TYR B 247 43.81 40.41 0.40
C TYR B 247 42.77 41.31 -0.24
N THR B 248 43.21 42.49 -0.69
CA THR B 248 42.31 43.46 -1.28
C THR B 248 41.71 43.01 -2.61
N ASN B 249 42.22 41.94 -3.21
CA ASN B 249 41.79 41.52 -4.53
C ASN B 249 41.28 40.08 -4.59
N LEU B 250 41.40 39.31 -3.50
CA LEU B 250 40.95 37.93 -3.52
C LEU B 250 39.45 37.88 -3.77
N PRO B 251 38.97 36.83 -4.44
CA PRO B 251 37.52 36.64 -4.55
C PRO B 251 36.94 36.03 -3.29
N ILE B 252 35.71 36.43 -2.97
CA ILE B 252 35.05 36.02 -1.73
C ILE B 252 33.65 35.53 -2.06
N ALA B 253 33.16 34.63 -1.21
CA ALA B 253 31.77 34.17 -1.29
C ALA B 253 31.35 33.79 0.12
N VAL B 254 30.67 34.72 0.81
CA VAL B 254 30.28 34.52 2.19
C VAL B 254 28.93 33.82 2.23
N LEU B 255 28.79 32.84 3.11
CA LEU B 255 27.57 32.09 3.28
C LEU B 255 26.83 32.57 4.52
N VAL B 256 25.54 32.86 4.37
CA VAL B 256 24.71 33.32 5.47
C VAL B 256 23.47 32.44 5.54
N ASN B 257 22.81 32.47 6.70
CA ASN B 257 21.58 31.73 6.91
C ASN B 257 20.84 32.37 8.07
N GLY B 258 19.79 31.69 8.56
CA GLY B 258 19.04 32.23 9.68
C GLY B 258 19.87 32.33 10.95
N GLY B 259 20.78 31.36 11.15
CA GLY B 259 21.56 31.34 12.37
C GLY B 259 22.47 32.54 12.54
N SER B 260 23.08 32.99 11.45
CA SER B 260 23.99 34.12 11.53
C SER B 260 23.28 35.35 12.09
N ALA B 261 23.96 36.07 12.98
CA ALA B 261 23.36 37.23 13.63
C ALA B 261 24.46 38.13 14.18
N SER B 262 24.09 39.39 14.41
CA SER B 262 24.94 40.35 15.10
C SER B 262 26.29 40.51 14.39
N ALA B 263 27.39 40.10 15.04
CA ALA B 263 28.71 40.31 14.46
C ALA B 263 28.88 39.60 13.13
N SER B 264 28.05 38.59 12.84
CA SER B 264 28.11 37.95 11.54
C SER B 264 27.44 38.80 10.48
N GLU B 265 26.35 39.47 10.84
CA GLU B 265 25.63 40.29 9.86
C GLU B 265 26.32 41.62 9.59
N ILE B 266 27.18 42.09 10.50
CA ILE B 266 27.85 43.36 10.28
C ILE B 266 28.97 43.18 9.25
N VAL B 267 29.71 42.08 9.32
CA VAL B 267 30.77 41.83 8.35
C VAL B 267 30.18 41.52 6.99
N ALA B 268 29.14 40.67 6.94
CA ALA B 268 28.52 40.34 5.66
C ALA B 268 27.89 41.58 5.03
N GLY B 269 27.20 42.39 5.82
CA GLY B 269 26.61 43.61 5.27
C GLY B 269 27.66 44.57 4.75
N ALA B 270 28.79 44.68 5.44
CA ALA B 270 29.84 45.58 5.01
C ALA B 270 30.39 45.18 3.64
N LEU B 271 30.59 43.88 3.43
CA LEU B 271 31.10 43.42 2.15
C LEU B 271 30.12 43.72 1.02
N GLN B 272 28.84 43.39 1.23
CA GLN B 272 27.86 43.54 0.15
C GLN B 272 27.73 44.99 -0.27
N ASP B 273 27.70 45.92 0.68
CA ASP B 273 27.55 47.33 0.33
C ASP B 273 28.74 47.83 -0.47
N HIS B 274 29.92 47.24 -0.26
CA HIS B 274 31.13 47.61 -0.98
C HIS B 274 31.35 46.77 -2.23
N LYS B 275 30.44 45.84 -2.53
CA LYS B 275 30.59 44.94 -3.67
C LYS B 275 31.91 44.17 -3.58
N ARG B 276 32.40 43.96 -2.36
CA ARG B 276 33.64 43.23 -2.12
C ARG B 276 33.41 41.73 -2.00
N ALA B 277 32.17 41.28 -2.11
CA ALA B 277 31.89 39.85 -2.03
C ALA B 277 30.46 39.62 -2.50
N VAL B 278 30.05 38.36 -2.47
CA VAL B 278 28.69 37.96 -2.82
C VAL B 278 28.10 37.21 -1.64
N ILE B 279 26.93 37.66 -1.19
CA ILE B 279 26.26 37.06 -0.04
C ILE B 279 25.29 36.00 -0.58
N ILE B 280 25.49 34.75 -0.16
CA ILE B 280 24.75 33.63 -0.69
C ILE B 280 24.11 32.87 0.46
N GLY B 281 22.81 32.59 0.33
CA GLY B 281 22.06 31.92 1.38
C GLY B 281 20.63 32.40 1.42
N GLU B 282 20.10 32.63 2.62
CA GLU B 282 18.79 33.23 2.79
C GLU B 282 18.85 34.23 3.94
N LYS B 283 17.82 35.08 4.01
CA LYS B 283 17.85 36.23 4.90
C LYS B 283 18.33 35.84 6.30
N THR B 284 19.02 36.77 6.95
CA THR B 284 19.59 36.55 8.26
C THR B 284 18.60 36.96 9.35
N PHE B 285 18.97 36.69 10.60
CA PHE B 285 18.03 36.89 11.71
C PHE B 285 17.62 38.34 11.83
N GLY B 286 18.59 39.26 11.75
CA GLY B 286 18.31 40.68 11.85
C GLY B 286 18.72 41.31 13.16
N LYS B 287 19.71 40.76 13.86
CA LYS B 287 20.16 41.28 15.15
C LYS B 287 20.98 42.55 14.90
N GLY B 288 20.27 43.67 14.80
CA GLY B 288 20.88 44.97 14.62
C GLY B 288 20.96 45.82 15.86
N SER B 289 20.77 45.24 17.04
CA SER B 289 20.76 45.97 18.30
C SER B 289 21.90 45.51 19.20
N VAL B 290 22.40 46.43 20.02
CA VAL B 290 23.49 46.16 20.96
C VAL B 290 22.91 46.22 22.37
N GLN B 291 23.22 45.20 23.17
CA GLN B 291 22.67 45.05 24.51
C GLN B 291 23.79 45.23 25.52
N MET B 292 23.55 46.06 26.53
CA MET B 292 24.48 46.25 27.62
C MET B 292 23.69 46.54 28.88
N LEU B 293 24.34 46.40 30.02
CA LEU B 293 23.72 46.63 31.31
C LEU B 293 24.19 47.96 31.88
N LEU B 294 23.25 48.75 32.39
CA LEU B 294 23.55 50.02 33.04
C LEU B 294 23.24 49.88 34.53
N PRO B 295 24.21 50.06 35.42
CA PRO B 295 23.91 49.98 36.86
C PRO B 295 22.84 50.98 37.26
N VAL B 296 22.01 50.58 38.22
CA VAL B 296 20.89 51.39 38.69
C VAL B 296 21.02 51.57 40.19
N ASN B 297 20.31 52.56 40.71
CA ASN B 297 20.46 52.97 42.11
C ASN B 297 20.11 51.85 43.09
N LYS B 298 19.35 50.84 42.66
CA LYS B 298 18.86 49.80 43.55
C LYS B 298 19.81 48.63 43.69
N ASP B 299 21.12 48.85 43.48
CA ASP B 299 22.10 47.77 43.55
C ASP B 299 21.75 46.66 42.56
N GLU B 300 21.28 47.06 41.38
CA GLU B 300 20.86 46.13 40.34
C GLU B 300 21.28 46.72 39.00
N ALA B 301 20.75 46.16 37.92
CA ALA B 301 21.07 46.65 36.58
C ALA B 301 19.88 46.43 35.67
N ILE B 302 19.85 47.20 34.59
CA ILE B 302 18.81 47.11 33.56
C ILE B 302 19.50 46.90 32.22
N LYS B 303 19.10 45.86 31.50
CA LYS B 303 19.63 45.58 30.17
C LYS B 303 18.79 46.33 29.15
N ILE B 304 19.42 47.32 28.50
CA ILE B 304 18.72 48.22 27.59
C ILE B 304 19.52 48.34 26.30
N THR B 305 18.83 48.75 25.24
CA THR B 305 19.43 48.96 23.93
C THR B 305 19.85 50.42 23.82
N THR B 306 21.16 50.68 23.93
CA THR B 306 21.66 52.05 23.79
C THR B 306 21.65 52.51 22.35
N ALA B 307 22.08 51.68 21.41
CA ALA B 307 22.23 52.10 20.02
C ALA B 307 22.03 50.87 19.12
N ARG B 308 22.20 51.09 17.82
CA ARG B 308 21.94 50.06 16.81
C ARG B 308 22.90 50.24 15.66
N TYR B 309 23.41 49.12 15.15
CA TYR B 309 24.41 49.16 14.09
C TYR B 309 23.80 49.70 12.80
N TYR B 310 24.60 50.48 12.07
CA TYR B 310 24.21 51.04 10.78
C TYR B 310 25.24 50.62 9.73
N LEU B 311 24.78 49.96 8.69
CA LEU B 311 25.65 49.54 7.59
C LEU B 311 26.01 50.74 6.72
N PRO B 312 27.06 50.61 5.91
CA PRO B 312 27.43 51.71 5.02
C PRO B 312 26.30 52.05 4.06
N SER B 313 26.26 53.31 3.65
CA SER B 313 25.25 53.88 2.75
C SER B 313 23.95 54.20 3.49
N GLY B 314 23.93 54.08 4.82
CA GLY B 314 22.77 54.47 5.61
C GLY B 314 21.76 53.38 5.85
N ARG B 315 21.88 52.22 5.22
CA ARG B 315 20.98 51.12 5.48
C ARG B 315 21.26 50.52 6.85
N THR B 316 20.21 50.06 7.52
CA THR B 316 20.30 49.54 8.88
C THR B 316 19.71 48.15 8.94
N ILE B 317 20.29 47.30 9.80
CA ILE B 317 19.85 45.91 9.94
C ILE B 317 18.98 45.71 11.17
N GLN B 318 18.65 46.78 11.90
CA GLN B 318 17.77 46.64 13.06
C GLN B 318 16.41 46.07 12.65
N ALA B 319 15.77 46.68 11.65
CA ALA B 319 14.40 46.31 11.27
C ALA B 319 14.34 45.26 10.17
N LYS B 320 15.48 44.87 9.60
CA LYS B 320 15.47 43.91 8.51
C LYS B 320 16.85 43.25 8.43
N GLY B 321 16.88 42.07 7.81
CA GLY B 321 18.11 41.34 7.63
C GLY B 321 18.81 41.67 6.32
N ILE B 322 19.85 40.90 6.04
CA ILE B 322 20.59 41.05 4.79
C ILE B 322 19.94 40.17 3.73
N THR B 323 19.75 40.74 2.54
CA THR B 323 19.15 40.01 1.43
C THR B 323 20.26 39.43 0.56
N PRO B 324 20.48 38.12 0.57
CA PRO B 324 21.56 37.56 -0.27
C PRO B 324 21.33 37.86 -1.75
N ASP B 325 22.41 38.16 -2.46
CA ASP B 325 22.30 38.40 -3.89
C ASP B 325 21.82 37.15 -4.63
N ILE B 326 22.37 35.99 -4.26
CA ILE B 326 21.97 34.70 -4.82
C ILE B 326 21.41 33.87 -3.68
N VAL B 327 20.16 33.46 -3.80
CA VAL B 327 19.43 32.82 -2.71
C VAL B 327 19.29 31.34 -3.02
N ILE B 328 19.83 30.50 -2.13
CA ILE B 328 19.74 29.05 -2.26
C ILE B 328 19.53 28.50 -0.85
N TYR B 329 18.34 27.97 -0.58
CA TYR B 329 18.01 27.48 0.74
C TYR B 329 18.75 26.17 1.04
N PRO B 330 18.87 25.80 2.32
CA PRO B 330 19.71 24.65 2.70
C PRO B 330 19.04 23.30 2.49
N GLY B 331 18.03 23.25 1.63
CA GLY B 331 17.32 21.99 1.40
C GLY B 331 18.22 20.79 1.17
N LYS B 332 19.43 21.01 0.64
CA LYS B 332 20.33 19.94 0.24
C LYS B 332 19.65 19.00 -0.75
N VAL B 333 19.37 19.55 -1.93
CA VAL B 333 18.67 18.80 -2.97
C VAL B 333 19.47 18.86 -4.27
N PRO B 334 20.62 18.20 -4.34
CA PRO B 334 21.36 18.12 -5.61
C PRO B 334 20.82 16.98 -6.48
N GLU B 335 21.35 16.92 -7.69
CA GLU B 335 21.13 15.79 -8.57
C GLU B 335 22.48 15.29 -9.05
N ASN B 336 22.70 13.97 -8.95
CA ASN B 336 23.97 13.36 -9.33
C ASN B 336 23.74 12.10 -10.15
N GLU B 337 22.67 12.06 -10.94
CA GLU B 337 22.38 10.89 -11.76
C GLU B 337 23.47 10.69 -12.80
N ASN B 338 23.85 9.43 -13.00
CA ASN B 338 24.81 9.05 -14.01
C ASN B 338 24.29 7.84 -14.77
N LYS B 339 24.72 7.71 -16.03
CA LYS B 339 24.24 6.66 -16.91
C LYS B 339 25.44 5.99 -17.59
N PHE B 340 25.27 4.71 -17.91
CA PHE B 340 26.33 3.98 -18.60
C PHE B 340 26.52 4.46 -20.03
N SER B 341 25.44 4.84 -20.71
CA SER B 341 25.52 5.33 -22.08
C SER B 341 25.83 6.83 -22.10
N GLU B 377 40.59 13.15 5.12
CA GLU B 377 41.13 13.46 6.45
C GLU B 377 41.59 14.91 6.51
N LYS B 378 42.07 15.42 5.38
CA LYS B 378 42.56 16.80 5.30
C LYS B 378 41.82 17.63 4.26
N GLU B 379 40.80 17.08 3.62
CA GLU B 379 40.08 17.79 2.56
C GLU B 379 38.60 17.48 2.67
N VAL B 380 37.79 18.35 2.09
CA VAL B 380 36.35 18.16 2.04
C VAL B 380 36.01 17.21 0.89
N THR B 381 35.34 16.11 1.22
CA THR B 381 34.99 15.15 0.20
C THR B 381 34.02 15.76 -0.80
N PRO B 382 34.13 15.43 -2.09
CA PRO B 382 33.15 15.97 -3.05
C PRO B 382 31.72 15.56 -2.74
N LYS B 383 31.51 14.46 -2.00
CA LYS B 383 30.15 14.02 -1.68
C LYS B 383 29.49 14.98 -0.70
N MET B 384 30.20 15.35 0.37
CA MET B 384 29.59 16.19 1.39
C MET B 384 29.20 17.55 0.83
N ILE B 385 30.07 18.13 -0.01
CA ILE B 385 29.73 19.38 -0.68
C ILE B 385 28.58 19.16 -1.65
N ASN B 386 28.56 17.99 -2.31
CA ASN B 386 27.46 17.69 -3.21
C ASN B 386 26.13 17.77 -2.48
N ASP B 387 26.04 17.15 -1.30
CA ASP B 387 24.86 17.33 -0.46
C ASP B 387 24.74 18.77 0.01
N ASP B 388 25.87 19.44 0.24
CA ASP B 388 25.90 20.83 0.71
C ASP B 388 25.64 21.74 -0.48
N ILE B 389 24.36 21.91 -0.80
CA ILE B 389 23.97 22.68 -1.97
C ILE B 389 24.48 24.12 -1.85
N GLN B 390 24.38 24.71 -0.66
CA GLN B 390 24.82 26.08 -0.48
C GLN B 390 26.32 26.22 -0.75
N LEU B 391 27.12 25.30 -0.23
CA LEU B 391 28.55 25.33 -0.47
C LEU B 391 28.85 25.13 -1.95
N LYS B 392 28.07 24.28 -2.62
CA LYS B 392 28.24 24.07 -4.05
C LYS B 392 27.98 25.35 -4.82
N THR B 393 26.92 26.08 -4.48
CA THR B 393 26.62 27.32 -5.17
C THR B 393 27.69 28.37 -4.89
N ALA B 394 28.19 28.42 -3.65
CA ALA B 394 29.29 29.33 -3.35
C ALA B 394 30.52 29.00 -4.18
N ILE B 395 30.82 27.72 -4.33
CA ILE B 395 31.95 27.30 -5.16
C ILE B 395 31.73 27.73 -6.60
N ASP B 396 30.48 27.62 -7.09
CA ASP B 396 30.19 28.06 -8.45
C ASP B 396 30.43 29.55 -8.60
N SER B 397 30.01 30.33 -7.60
CA SER B 397 30.26 31.77 -7.65
C SER B 397 31.76 32.07 -7.68
N LEU B 398 32.53 31.35 -6.87
CA LEU B 398 33.97 31.54 -6.88
C LEU B 398 34.56 31.18 -8.25
N LYS B 399 34.06 30.12 -8.87
CA LYS B 399 34.55 29.72 -10.18
C LYS B 399 34.25 30.80 -11.22
N THR B 400 33.06 31.38 -11.17
CA THR B 400 32.74 32.47 -12.09
C THR B 400 33.65 33.67 -11.86
N TRP B 401 33.92 33.98 -10.59
CA TRP B 401 34.86 35.05 -10.29
C TRP B 401 36.24 34.77 -10.87
N SER B 402 36.70 33.53 -10.74
CA SER B 402 38.00 33.17 -11.30
C SER B 402 38.01 33.32 -12.80
N ILE B 403 36.93 32.90 -13.47
CA ILE B 403 36.86 33.05 -14.92
C ILE B 403 36.92 34.51 -15.31
N VAL B 404 36.19 35.37 -14.58
CA VAL B 404 36.23 36.80 -14.88
C VAL B 404 37.64 37.35 -14.71
N ASP B 405 38.30 36.96 -13.62
CA ASP B 405 39.66 37.46 -13.39
C ASP B 405 40.61 37.00 -14.50
N GLU B 406 40.47 35.75 -14.96
CA GLU B 406 41.28 35.29 -16.08
C GLU B 406 40.97 36.11 -17.33
N LYS B 407 39.70 36.44 -17.56
CA LYS B 407 39.35 37.25 -18.72
C LYS B 407 40.00 38.62 -18.64
N MET B 408 40.10 39.18 -17.44
CA MET B 408 40.64 40.53 -17.29
C MET B 408 42.15 40.59 -17.54
N ASP B 409 42.82 39.47 -17.70
CA ASP B 409 44.27 39.45 -17.91
C ASP B 409 44.98 40.13 -16.75
N HIS C 7 -54.65 -48.68 14.05
CA HIS C 7 -54.43 -47.27 14.45
C HIS C 7 -53.14 -46.74 13.84
N MET C 8 -52.58 -45.68 14.41
CA MET C 8 -51.36 -45.09 13.85
C MET C 8 -50.23 -46.10 13.76
N PHE C 9 -50.16 -47.04 14.71
CA PHE C 9 -49.10 -48.05 14.67
C PHE C 9 -49.10 -48.83 13.36
N SER C 10 -50.26 -48.91 12.70
CA SER C 10 -50.33 -49.62 11.43
C SER C 10 -49.43 -48.97 10.38
N ARG C 11 -49.39 -47.64 10.36
CA ARG C 11 -48.52 -46.95 9.41
C ARG C 11 -47.07 -47.36 9.62
N PHE C 12 -46.61 -47.34 10.88
CA PHE C 12 -45.22 -47.69 11.15
C PHE C 12 -44.96 -49.16 10.83
N SER C 13 -45.91 -50.04 11.15
CA SER C 13 -45.71 -51.45 10.83
C SER C 13 -45.59 -51.67 9.33
N ASN C 14 -46.45 -51.01 8.55
CA ASN C 14 -46.35 -51.13 7.10
C ASN C 14 -45.02 -50.59 6.59
N VAL C 15 -44.57 -49.45 7.12
CA VAL C 15 -43.32 -48.87 6.66
C VAL C 15 -42.15 -49.80 6.96
N VAL C 16 -42.12 -50.36 8.17
CA VAL C 16 -41.01 -51.24 8.53
C VAL C 16 -41.06 -52.53 7.71
N SER C 17 -42.27 -53.05 7.46
CA SER C 17 -42.39 -54.24 6.62
C SER C 17 -41.87 -53.96 5.22
N GLU C 18 -42.22 -52.80 4.66
CA GLU C 18 -41.72 -52.44 3.34
C GLU C 18 -40.21 -52.32 3.34
N ILE C 19 -39.64 -51.72 4.39
CA ILE C 19 -38.18 -51.59 4.48
C ILE C 19 -37.54 -52.97 4.53
N GLU C 20 -38.13 -53.89 5.30
CA GLU C 20 -37.59 -55.23 5.44
C GLU C 20 -37.67 -56.03 4.15
N LYS C 21 -38.44 -55.56 3.17
CA LYS C 21 -38.69 -56.31 1.95
C LYS C 21 -37.78 -55.89 0.80
N LYS C 22 -37.34 -54.62 0.78
CA LYS C 22 -36.65 -54.06 -0.36
C LYS C 22 -35.24 -53.57 -0.07
N TYR C 23 -34.88 -53.34 1.19
CA TYR C 23 -33.56 -52.81 1.49
C TYR C 23 -32.48 -53.79 1.05
N VAL C 24 -31.35 -53.24 0.62
CA VAL C 24 -30.36 -54.04 -0.09
C VAL C 24 -29.64 -55.03 0.83
N ASP C 25 -29.31 -54.61 2.05
CA ASP C 25 -28.33 -55.31 2.87
C ASP C 25 -28.96 -56.31 3.84
N LYS C 26 -30.22 -56.70 3.61
CA LYS C 26 -30.88 -57.68 4.46
C LYS C 26 -30.81 -57.27 5.92
N ILE C 27 -31.42 -56.12 6.22
CA ILE C 27 -31.39 -55.57 7.56
C ILE C 27 -32.31 -56.38 8.47
N SER C 28 -31.82 -56.69 9.66
CA SER C 28 -32.60 -57.43 10.64
C SER C 28 -33.54 -56.51 11.40
N ILE C 29 -34.65 -57.07 11.89
CA ILE C 29 -35.64 -56.27 12.60
C ILE C 29 -35.02 -55.63 13.83
N SER C 30 -34.23 -56.40 14.58
CA SER C 30 -33.62 -55.87 15.80
C SER C 30 -32.79 -54.62 15.49
N GLU C 31 -32.11 -54.60 14.35
CA GLU C 31 -31.33 -53.42 13.98
C GLU C 31 -32.21 -52.28 13.51
N ILE C 32 -33.38 -52.59 12.93
CA ILE C 32 -34.29 -51.53 12.49
C ILE C 32 -34.77 -50.72 13.69
N MET C 33 -35.17 -51.40 14.76
CA MET C 33 -35.62 -50.69 15.95
C MET C 33 -34.49 -49.89 16.58
N THR C 34 -33.28 -50.45 16.61
CA THR C 34 -32.14 -49.70 17.10
C THR C 34 -31.81 -48.51 16.20
N LYS C 35 -32.27 -48.52 14.96
CA LYS C 35 -32.10 -47.41 14.04
C LYS C 35 -33.39 -46.63 13.83
N ALA C 36 -34.44 -46.94 14.57
CA ALA C 36 -35.68 -46.16 14.58
C ALA C 36 -35.84 -45.34 15.84
N ILE C 37 -35.64 -45.96 17.01
CA ILE C 37 -35.60 -45.21 18.25
C ILE C 37 -34.49 -44.16 18.20
N GLU C 38 -33.29 -44.60 17.81
CA GLU C 38 -32.16 -43.66 17.70
C GLU C 38 -32.46 -42.57 16.68
N GLY C 39 -33.22 -42.90 15.63
CA GLY C 39 -33.59 -41.91 14.64
C GLY C 39 -34.69 -40.98 15.09
N LEU C 40 -35.48 -41.39 16.09
CA LEU C 40 -36.57 -40.54 16.57
C LEU C 40 -36.05 -39.49 17.55
N LEU C 41 -35.29 -39.92 18.56
CA LEU C 41 -34.86 -39.00 19.61
C LEU C 41 -34.01 -37.87 19.03
N SER C 42 -33.12 -38.20 18.09
CA SER C 42 -32.31 -37.15 17.48
C SER C 42 -33.19 -36.12 16.77
N ASN C 43 -34.23 -36.57 16.10
CA ASN C 43 -35.18 -35.64 15.47
C ASN C 43 -36.09 -34.97 16.49
N LEU C 44 -36.22 -35.55 17.69
CA LEU C 44 -37.10 -34.98 18.69
C LEU C 44 -36.52 -33.68 19.25
N ASP C 45 -35.24 -33.71 19.61
CA ASP C 45 -34.55 -32.54 20.14
C ASP C 45 -33.05 -32.82 20.12
N ALA C 46 -32.27 -31.80 19.78
CA ALA C 46 -30.85 -32.01 19.54
C ALA C 46 -30.15 -32.65 20.73
N HIS C 47 -30.44 -32.16 21.94
CA HIS C 47 -29.74 -32.66 23.12
C HIS C 47 -30.05 -34.11 23.41
N SER C 48 -31.23 -34.61 23.02
CA SER C 48 -31.61 -35.97 23.33
C SER C 48 -30.58 -36.95 22.75
N ALA C 49 -30.64 -38.18 23.26
CA ALA C 49 -29.72 -39.22 22.82
C ALA C 49 -30.27 -40.57 23.27
N TYR C 50 -29.66 -41.63 22.75
CA TYR C 50 -30.09 -43.00 23.04
C TYR C 50 -28.88 -43.83 23.45
N LEU C 51 -29.01 -44.57 24.55
CA LEU C 51 -27.99 -45.47 25.05
C LEU C 51 -28.59 -46.87 25.17
N ASN C 52 -28.00 -47.82 24.46
CA ASN C 52 -28.47 -49.21 24.52
C ASN C 52 -27.94 -49.86 25.79
N GLU C 53 -28.04 -51.18 25.87
CA GLU C 53 -27.59 -51.88 27.08
C GLU C 53 -26.10 -51.66 27.33
N LYS C 54 -25.27 -51.90 26.32
CA LYS C 54 -23.82 -51.76 26.49
C LYS C 54 -23.45 -50.32 26.84
N LYS C 55 -24.00 -49.36 26.10
CA LYS C 55 -23.68 -47.95 26.36
C LYS C 55 -24.15 -47.54 27.75
N PHE C 56 -25.34 -48.00 28.14
CA PHE C 56 -25.86 -47.65 29.46
C PHE C 56 -24.99 -48.23 30.56
N LYS C 57 -24.54 -49.48 30.40
CA LYS C 57 -23.68 -50.08 31.41
C LYS C 57 -22.34 -49.33 31.49
N GLU C 58 -21.75 -49.02 30.35
CA GLU C 58 -20.46 -48.32 30.38
C GLU C 58 -20.60 -46.93 30.99
N PHE C 59 -21.72 -46.25 30.71
CA PHE C 59 -21.96 -44.95 31.32
C PHE C 59 -22.13 -45.08 32.83
N GLN C 60 -22.85 -46.11 33.27
CA GLN C 60 -23.02 -46.33 34.71
C GLN C 60 -21.67 -46.57 35.38
N ALA C 61 -20.82 -47.38 34.76
CA ALA C 61 -19.48 -47.60 35.31
C ALA C 61 -18.63 -46.35 35.23
N GLN C 62 -18.89 -45.47 34.26
CA GLN C 62 -18.09 -44.28 34.09
C GLN C 62 -18.40 -43.26 35.19
N THR C 63 -17.44 -42.37 35.43
CA THR C 63 -17.58 -41.31 36.43
C THR C 63 -16.70 -40.14 36.01
N GLU C 64 -17.07 -38.96 36.49
CA GLU C 64 -16.32 -37.73 36.20
C GLU C 64 -15.08 -37.68 37.09
N GLY C 65 -14.10 -38.50 36.73
CA GLY C 65 -12.86 -38.60 37.49
C GLY C 65 -11.67 -38.05 36.74
N GLU C 66 -10.89 -38.95 36.14
CA GLU C 66 -9.67 -38.56 35.41
C GLU C 66 -9.96 -38.09 33.99
N PHE C 67 -11.22 -38.08 33.56
CA PHE C 67 -11.58 -37.70 32.20
C PHE C 67 -11.71 -36.17 32.07
N GLY C 68 -10.57 -35.50 32.25
CA GLY C 68 -10.56 -34.05 32.12
C GLY C 68 -10.94 -33.59 30.72
N GLY C 69 -10.39 -34.25 29.70
CA GLY C 69 -10.77 -33.95 28.33
C GLY C 69 -10.18 -32.63 27.85
N LEU C 70 -10.56 -32.30 26.61
CA LEU C 70 -10.10 -31.06 25.99
C LEU C 70 -10.62 -29.83 26.72
N GLY C 71 -11.75 -29.95 27.43
CA GLY C 71 -12.40 -28.81 28.03
C GLY C 71 -13.41 -28.12 27.13
N ILE C 72 -13.45 -28.47 25.85
CA ILE C 72 -14.44 -27.90 24.96
C ILE C 72 -15.83 -28.25 25.46
N THR C 73 -16.74 -27.29 25.40
CA THR C 73 -18.16 -27.49 25.66
C THR C 73 -18.91 -27.16 24.38
N VAL C 74 -19.81 -28.05 23.97
CA VAL C 74 -20.47 -27.94 22.68
C VAL C 74 -21.97 -28.03 22.86
N GLY C 75 -22.70 -27.29 22.04
CA GLY C 75 -24.15 -27.34 22.05
C GLY C 75 -24.68 -27.05 20.67
N MET C 76 -25.77 -27.71 20.32
CA MET C 76 -26.33 -27.58 18.98
C MET C 76 -26.81 -26.16 18.73
N ARG C 77 -26.73 -25.75 17.47
CA ARG C 77 -27.27 -24.46 17.05
C ARG C 77 -27.37 -24.46 15.53
N ASP C 78 -28.54 -24.11 15.01
CA ASP C 78 -28.81 -24.10 13.58
C ASP C 78 -28.24 -25.33 12.88
N GLY C 79 -28.45 -26.50 13.47
CA GLY C 79 -28.14 -27.75 12.80
C GLY C 79 -26.67 -28.13 12.75
N VAL C 80 -25.81 -27.43 13.47
CA VAL C 80 -24.38 -27.74 13.50
C VAL C 80 -23.88 -27.65 14.93
N LEU C 81 -22.76 -28.32 15.19
CA LEU C 81 -22.13 -28.27 16.50
C LEU C 81 -21.28 -27.00 16.60
N THR C 82 -21.52 -26.21 17.63
CA THR C 82 -20.75 -24.99 17.88
C THR C 82 -20.16 -25.05 19.28
N VAL C 83 -18.92 -24.60 19.40
CA VAL C 83 -18.23 -24.59 20.69
C VAL C 83 -18.74 -23.39 21.48
N ILE C 84 -19.48 -23.68 22.56
CA ILE C 84 -19.99 -22.61 23.42
C ILE C 84 -18.83 -21.76 23.92
N ALA C 85 -17.90 -22.37 24.66
CA ALA C 85 -16.71 -21.69 25.11
C ALA C 85 -15.75 -22.70 25.73
N PRO C 86 -14.44 -22.60 25.45
CA PRO C 86 -13.48 -23.47 26.14
C PRO C 86 -13.26 -23.00 27.57
N LEU C 87 -13.38 -23.91 28.52
CA LEU C 87 -13.22 -23.54 29.91
C LEU C 87 -11.83 -22.97 30.15
N GLU C 88 -11.75 -21.96 31.01
CA GLU C 88 -10.50 -21.23 31.20
C GLU C 88 -9.41 -22.14 31.75
N GLY C 89 -8.23 -22.07 31.14
CA GLY C 89 -7.07 -22.82 31.59
C GLY C 89 -6.93 -24.20 30.98
N THR C 90 -7.92 -24.67 30.23
CA THR C 90 -7.85 -25.99 29.63
C THR C 90 -7.11 -25.94 28.31
N PRO C 91 -6.65 -27.10 27.81
CA PRO C 91 -5.87 -27.09 26.57
C PRO C 91 -6.59 -26.44 25.39
N ALA C 92 -7.92 -26.58 25.31
CA ALA C 92 -8.64 -25.97 24.20
C ALA C 92 -8.50 -24.46 24.21
N TYR C 93 -8.58 -23.84 25.39
CA TYR C 93 -8.36 -22.40 25.49
C TYR C 93 -6.95 -22.04 25.05
N LYS C 94 -5.95 -22.80 25.53
CA LYS C 94 -4.57 -22.54 25.14
C LYS C 94 -4.30 -22.90 23.69
N ALA C 95 -5.21 -23.61 23.04
CA ALA C 95 -5.04 -24.03 21.65
C ALA C 95 -5.68 -23.07 20.67
N GLY C 96 -6.31 -21.99 21.14
CA GLY C 96 -6.85 -20.97 20.26
C GLY C 96 -8.28 -21.21 19.80
N VAL C 97 -8.95 -22.25 20.27
CA VAL C 97 -10.35 -22.45 19.92
C VAL C 97 -11.20 -21.38 20.60
N LYS C 98 -12.07 -20.74 19.83
CA LYS C 98 -12.87 -19.63 20.32
C LYS C 98 -14.35 -19.94 20.19
N SER C 99 -15.16 -19.30 21.04
CA SER C 99 -16.59 -19.48 20.99
C SER C 99 -17.14 -19.05 19.64
N GLY C 100 -18.16 -19.76 19.17
CA GLY C 100 -18.76 -19.50 17.87
C GLY C 100 -18.16 -20.29 16.73
N ASP C 101 -17.12 -21.10 16.97
CA ASP C 101 -16.54 -21.93 15.94
C ASP C 101 -17.33 -23.22 15.79
N ASN C 102 -17.63 -23.58 14.54
CA ASN C 102 -18.43 -24.77 14.23
C ASN C 102 -17.50 -25.95 13.96
N ILE C 103 -17.60 -26.97 14.80
CA ILE C 103 -16.78 -28.17 14.62
C ILE C 103 -17.23 -28.90 13.37
N LEU C 104 -16.27 -29.34 12.56
CA LEU C 104 -16.53 -30.15 11.36
C LEU C 104 -16.10 -31.59 11.51
N LYS C 105 -14.93 -31.85 12.08
CA LYS C 105 -14.43 -33.21 12.19
C LYS C 105 -13.67 -33.36 13.51
N ILE C 106 -13.82 -34.52 14.14
CA ILE C 106 -12.94 -34.96 15.22
C ILE C 106 -12.18 -36.16 14.69
N ASN C 107 -10.87 -36.02 14.56
CA ASN C 107 -10.06 -37.04 13.88
C ASN C 107 -10.58 -37.09 12.43
N ASN C 108 -10.80 -38.28 11.88
CA ASN C 108 -11.32 -38.41 10.52
C ASN C 108 -12.84 -38.56 10.48
N GLU C 109 -13.51 -38.51 11.62
CA GLU C 109 -14.95 -38.71 11.67
C GLU C 109 -15.67 -37.40 11.38
N SER C 110 -16.37 -37.34 10.25
CA SER C 110 -17.18 -36.17 9.94
C SER C 110 -18.30 -36.03 10.96
N THR C 111 -18.63 -34.77 11.28
CA THR C 111 -19.60 -34.47 12.33
C THR C 111 -20.97 -34.11 11.80
N LEU C 112 -21.22 -34.31 10.51
CA LEU C 112 -22.52 -34.00 9.95
C LEU C 112 -23.58 -34.88 10.60
N SER C 113 -24.47 -34.27 11.39
CA SER C 113 -25.59 -34.98 12.03
C SER C 113 -25.11 -36.01 13.05
N MET C 114 -24.29 -35.57 14.00
CA MET C 114 -24.05 -36.35 15.20
C MET C 114 -24.97 -35.88 16.33
N SER C 115 -25.01 -36.67 17.40
CA SER C 115 -25.65 -36.25 18.63
C SER C 115 -24.62 -35.63 19.56
N ILE C 116 -25.07 -34.68 20.38
CA ILE C 116 -24.15 -34.00 21.28
C ILE C 116 -23.45 -35.00 22.18
N ASP C 117 -24.17 -36.03 22.62
CA ASP C 117 -23.56 -37.07 23.45
C ASP C 117 -22.39 -37.73 22.72
N ASP C 118 -22.55 -37.96 21.41
CA ASP C 118 -21.48 -38.59 20.64
C ASP C 118 -20.20 -37.74 20.68
N ALA C 119 -20.35 -36.43 20.45
CA ALA C 119 -19.18 -35.55 20.50
C ALA C 119 -18.58 -35.52 21.91
N ILE C 120 -19.43 -35.45 22.92
CA ILE C 120 -18.93 -35.41 24.30
C ILE C 120 -18.10 -36.66 24.58
N ASN C 121 -18.61 -37.82 24.19
CA ASN C 121 -17.88 -39.06 24.40
C ASN C 121 -16.60 -39.11 23.57
N LEU C 122 -16.65 -38.55 22.36
CA LEU C 122 -15.46 -38.51 21.52
C LEU C 122 -14.34 -37.72 22.19
N MET C 123 -14.69 -36.59 22.80
CA MET C 123 -13.68 -35.79 23.50
C MET C 123 -13.25 -36.45 24.81
N ARG C 124 -14.15 -37.20 25.46
CA ARG C 124 -13.83 -37.82 26.74
C ARG C 124 -12.91 -39.03 26.55
N GLY C 125 -12.16 -39.34 27.58
CA GLY C 125 -11.25 -40.47 27.57
C GLY C 125 -10.02 -40.16 28.41
N LYS C 126 -8.96 -40.92 28.17
CA LYS C 126 -7.69 -40.69 28.84
C LYS C 126 -7.15 -39.34 28.40
N PRO C 127 -6.93 -38.39 29.32
CA PRO C 127 -6.53 -37.04 28.88
C PRO C 127 -5.29 -37.01 28.01
N LYS C 128 -4.28 -37.83 28.31
CA LYS C 128 -3.02 -37.74 27.59
C LYS C 128 -3.12 -38.18 26.14
N THR C 129 -4.23 -38.80 25.74
CA THR C 129 -4.38 -39.27 24.36
C THR C 129 -4.48 -38.09 23.40
N PRO C 130 -3.59 -37.96 22.42
CA PRO C 130 -3.74 -36.90 21.43
C PRO C 130 -5.01 -37.07 20.60
N ILE C 131 -5.56 -35.94 20.15
CA ILE C 131 -6.75 -35.94 19.32
C ILE C 131 -6.75 -34.68 18.49
N GLN C 132 -7.24 -34.79 17.26
CA GLN C 132 -7.27 -33.68 16.31
C GLN C 132 -8.69 -33.16 16.17
N ILE C 133 -8.80 -31.86 15.89
CA ILE C 133 -10.10 -31.21 15.74
C ILE C 133 -10.03 -30.27 14.55
N THR C 134 -11.15 -30.14 13.84
CA THR C 134 -11.27 -29.24 12.69
C THR C 134 -12.36 -28.23 13.00
N ILE C 135 -12.07 -26.96 12.73
CA ILE C 135 -12.96 -25.86 13.10
C ILE C 135 -13.21 -24.99 11.88
N VAL C 136 -14.40 -24.39 11.83
CA VAL C 136 -14.76 -23.40 10.82
C VAL C 136 -15.01 -22.09 11.52
N ARG C 137 -14.15 -21.10 11.26
CA ARG C 137 -14.29 -19.78 11.85
C ARG C 137 -14.99 -18.86 10.86
N LYS C 138 -15.90 -18.04 11.37
CA LYS C 138 -16.74 -17.23 10.49
C LYS C 138 -15.91 -16.25 9.66
N ASN C 139 -14.91 -15.63 10.26
CA ASN C 139 -14.13 -14.59 9.61
C ASN C 139 -12.75 -15.08 9.19
N GLU C 140 -12.65 -16.34 8.76
CA GLU C 140 -11.39 -16.87 8.26
C GLU C 140 -11.67 -18.00 7.28
N PRO C 141 -11.23 -17.90 6.03
CA PRO C 141 -11.57 -18.94 5.04
C PRO C 141 -10.91 -20.27 5.34
N LYS C 142 -11.59 -21.35 4.95
CA LYS C 142 -11.10 -22.72 5.06
C LYS C 142 -10.96 -23.08 6.54
N PRO C 143 -11.12 -24.35 6.90
CA PRO C 143 -11.10 -24.73 8.32
C PRO C 143 -9.67 -24.78 8.84
N LEU C 144 -9.54 -25.24 10.09
CA LEU C 144 -8.26 -25.31 10.78
C LEU C 144 -8.02 -26.73 11.26
N VAL C 145 -6.92 -26.91 12.00
CA VAL C 145 -6.57 -28.20 12.59
C VAL C 145 -5.84 -27.94 13.89
N PHE C 146 -6.19 -28.67 14.94
CA PHE C 146 -5.63 -28.47 16.27
C PHE C 146 -5.21 -29.81 16.84
N ASN C 147 -3.92 -29.97 17.11
CA ASN C 147 -3.39 -31.12 17.81
C ASN C 147 -3.24 -30.74 19.28
N ILE C 148 -4.02 -31.39 20.14
CA ILE C 148 -4.16 -30.99 21.53
C ILE C 148 -3.98 -32.20 22.43
N ILE C 149 -3.18 -32.05 23.47
CA ILE C 149 -2.98 -33.06 24.51
C ILE C 149 -3.76 -32.62 25.74
N ARG C 150 -4.56 -33.52 26.29
CA ARG C 150 -5.46 -33.21 27.40
C ARG C 150 -4.85 -33.66 28.71
N ASP C 151 -5.30 -33.02 29.79
CA ASP C 151 -4.88 -33.38 31.14
C ASP C 151 -5.92 -32.90 32.13
N ILE C 152 -5.96 -33.55 33.29
CA ILE C 152 -6.89 -33.16 34.33
C ILE C 152 -6.55 -31.76 34.82
N ILE C 153 -7.58 -31.00 35.19
CA ILE C 153 -7.43 -29.60 35.57
C ILE C 153 -7.95 -29.42 37.00
N LYS C 154 -7.13 -28.78 37.83
CA LYS C 154 -7.48 -28.51 39.22
C LYS C 154 -7.39 -27.03 39.56
N LEU C 155 -7.49 -26.16 38.56
CA LEU C 155 -7.31 -24.73 38.78
C LEU C 155 -8.56 -24.14 39.42
N PRO C 156 -8.45 -23.52 40.61
CA PRO C 156 -9.66 -23.02 41.28
C PRO C 156 -10.46 -22.07 40.39
N SER C 157 -11.77 -22.24 40.40
CA SER C 157 -12.60 -21.66 39.36
C SER C 157 -12.95 -20.19 39.58
N VAL C 158 -12.73 -19.63 40.76
CA VAL C 158 -13.06 -18.24 41.04
C VAL C 158 -11.96 -17.60 41.86
N TYR C 159 -11.65 -16.35 41.53
CA TYR C 159 -10.75 -15.52 42.32
C TYR C 159 -11.32 -14.12 42.39
N VAL C 160 -10.96 -13.40 43.45
CA VAL C 160 -11.60 -12.12 43.78
C VAL C 160 -10.60 -10.98 43.67
N LYS C 161 -9.68 -11.08 42.71
CA LYS C 161 -8.71 -10.03 42.45
C LYS C 161 -9.33 -8.65 42.58
N LYS C 162 -8.67 -7.78 43.35
CA LYS C 162 -9.16 -6.43 43.60
C LYS C 162 -8.63 -5.45 42.56
N ILE C 163 -9.42 -4.42 42.28
CA ILE C 163 -9.01 -3.39 41.33
C ILE C 163 -8.04 -2.45 42.03
N LYS C 164 -7.18 -1.80 41.23
CA LYS C 164 -6.01 -1.12 41.79
C LYS C 164 -6.39 0.16 42.52
N GLU C 165 -6.94 1.14 41.79
CA GLU C 165 -7.08 2.50 42.30
C GLU C 165 -8.51 2.81 42.74
N THR C 166 -9.37 1.82 42.86
CA THR C 166 -10.76 2.03 43.24
C THR C 166 -11.19 0.96 44.22
N PRO C 167 -12.21 1.24 45.04
CA PRO C 167 -12.65 0.24 46.04
C PRO C 167 -13.29 -0.99 45.41
N TYR C 168 -13.66 -0.94 44.13
CA TYR C 168 -14.45 -2.00 43.54
C TYR C 168 -13.62 -3.28 43.38
N LEU C 169 -14.24 -4.41 43.71
CA LEU C 169 -13.60 -5.71 43.57
C LEU C 169 -13.71 -6.18 42.12
N TYR C 170 -13.29 -7.41 41.86
CA TYR C 170 -13.48 -8.04 40.55
C TYR C 170 -13.41 -9.54 40.76
N VAL C 171 -14.55 -10.21 40.69
CA VAL C 171 -14.64 -11.65 40.93
C VAL C 171 -14.94 -12.33 39.60
N ARG C 172 -14.03 -13.24 39.20
CA ARG C 172 -14.12 -13.93 37.92
C ARG C 172 -14.63 -15.34 38.18
N VAL C 173 -15.90 -15.59 37.87
CA VAL C 173 -16.49 -16.91 38.02
C VAL C 173 -16.31 -17.61 36.68
N SER C 174 -15.19 -18.32 36.55
CA SER C 174 -14.88 -19.01 35.29
C SER C 174 -15.82 -20.18 35.06
N GLY C 175 -16.01 -21.01 36.07
CA GLY C 175 -16.90 -22.16 35.95
C GLY C 175 -17.53 -22.46 37.30
N PHE C 176 -18.74 -22.99 37.26
CA PHE C 176 -19.50 -23.27 38.49
C PHE C 176 -19.20 -24.68 38.95
N ASP C 177 -18.17 -24.80 39.77
CA ASP C 177 -17.83 -26.07 40.41
C ASP C 177 -18.59 -26.15 41.74
N LYS C 178 -18.25 -27.15 42.55
CA LYS C 178 -18.92 -27.34 43.84
C LYS C 178 -18.49 -26.30 44.88
N ASN C 179 -17.36 -25.63 44.66
CA ASN C 179 -16.83 -24.67 45.62
C ASN C 179 -17.01 -23.22 45.19
N VAL C 180 -17.81 -22.96 44.15
CA VAL C 180 -17.92 -21.60 43.61
C VAL C 180 -18.55 -20.67 44.64
N THR C 181 -19.62 -21.11 45.31
CA THR C 181 -20.33 -20.20 46.21
C THR C 181 -19.54 -19.92 47.48
N LYS C 182 -18.73 -20.89 47.93
CA LYS C 182 -17.93 -20.68 49.13
C LYS C 182 -16.80 -19.69 48.89
N SER C 183 -16.09 -19.83 47.76
CA SER C 183 -14.94 -18.98 47.50
C SER C 183 -15.34 -17.52 47.34
N VAL C 184 -16.45 -17.24 46.66
CA VAL C 184 -16.88 -15.87 46.46
C VAL C 184 -17.22 -15.22 47.80
N LEU C 185 -17.97 -15.94 48.64
CA LEU C 185 -18.33 -15.41 49.94
C LEU C 185 -17.09 -15.19 50.80
N GLU C 186 -16.15 -16.14 50.77
CA GLU C 186 -14.93 -15.99 51.55
C GLU C 186 -14.13 -14.79 51.08
N GLY C 187 -14.03 -14.59 49.77
CA GLY C 187 -13.30 -13.44 49.26
C GLY C 187 -13.95 -12.13 49.66
N LEU C 188 -15.27 -12.04 49.54
CA LEU C 188 -15.96 -10.81 49.96
C LEU C 188 -15.77 -10.56 51.45
N LYS C 189 -15.86 -11.61 52.26
CA LYS C 189 -15.66 -11.45 53.70
C LYS C 189 -14.25 -11.00 54.02
N ALA C 190 -13.26 -11.57 53.34
CA ALA C 190 -11.86 -11.25 53.59
C ALA C 190 -11.43 -9.93 52.94
N ASN C 191 -12.29 -9.33 52.11
CA ASN C 191 -12.02 -8.05 51.47
C ASN C 191 -13.20 -7.13 51.73
N PRO C 192 -13.43 -6.76 52.99
CA PRO C 192 -14.58 -5.90 53.31
C PRO C 192 -14.31 -4.45 52.93
N LYS C 193 -15.37 -3.64 53.07
CA LYS C 193 -15.31 -2.22 52.73
C LYS C 193 -14.87 -2.01 51.29
N ALA C 194 -15.47 -2.74 50.36
CA ALA C 194 -15.09 -2.68 48.96
C ALA C 194 -16.17 -2.13 48.04
N LYS C 195 -17.44 -2.27 48.40
CA LYS C 195 -18.55 -1.76 47.60
C LYS C 195 -18.68 -2.52 46.28
N GLY C 196 -18.49 -1.83 45.15
CA GLY C 196 -18.79 -2.42 43.85
C GLY C 196 -18.19 -3.79 43.64
N ILE C 197 -18.83 -4.59 42.78
CA ILE C 197 -18.36 -5.94 42.47
C ILE C 197 -18.63 -6.24 41.01
N VAL C 198 -17.58 -6.35 40.20
CA VAL C 198 -17.69 -6.66 38.79
C VAL C 198 -17.72 -8.18 38.67
N LEU C 199 -18.91 -8.76 38.65
CA LEU C 199 -19.11 -10.21 38.60
C LEU C 199 -18.97 -10.66 37.15
N ASP C 200 -17.76 -11.04 36.77
CA ASP C 200 -17.45 -11.40 35.39
C ASP C 200 -17.88 -12.83 35.13
N LEU C 201 -18.68 -13.03 34.08
CA LEU C 201 -19.15 -14.36 33.69
C LEU C 201 -18.88 -14.68 32.22
N ARG C 202 -18.17 -13.81 31.50
CA ARG C 202 -17.91 -14.06 30.09
C ARG C 202 -17.19 -15.39 29.91
N GLY C 203 -17.63 -16.15 28.91
CA GLY C 203 -16.98 -17.41 28.60
C GLY C 203 -17.25 -18.53 29.57
N ASN C 204 -18.19 -18.37 30.48
CA ASN C 204 -18.53 -19.41 31.44
C ASN C 204 -19.63 -20.28 30.86
N PRO C 205 -19.31 -21.44 30.29
CA PRO C 205 -20.35 -22.22 29.60
C PRO C 205 -21.51 -22.61 30.49
N GLY C 206 -21.26 -22.96 31.74
CA GLY C 206 -22.31 -23.37 32.63
C GLY C 206 -21.77 -24.25 33.74
N GLY C 207 -22.68 -24.76 34.55
CA GLY C 207 -22.29 -25.63 35.65
C GLY C 207 -23.49 -26.03 36.48
N LEU C 208 -23.20 -26.47 37.70
CA LEU C 208 -24.25 -26.95 38.60
C LEU C 208 -25.27 -25.86 38.86
N LEU C 209 -26.55 -26.21 38.74
CA LEU C 209 -27.60 -25.27 39.13
C LEU C 209 -27.57 -25.02 40.63
N ASN C 210 -27.29 -26.06 41.41
CA ASN C 210 -27.28 -25.90 42.87
C ASN C 210 -26.33 -24.78 43.30
N GLN C 211 -25.26 -24.55 42.54
CA GLN C 211 -24.32 -23.50 42.86
C GLN C 211 -24.63 -22.18 42.19
N ALA C 212 -25.44 -22.18 41.13
CA ALA C 212 -25.91 -20.91 40.57
C ALA C 212 -26.89 -20.25 41.53
N VAL C 213 -27.87 -21.00 42.02
CA VAL C 213 -28.77 -20.48 43.04
C VAL C 213 -28.00 -20.19 44.32
N GLY C 214 -27.02 -21.03 44.63
CA GLY C 214 -26.21 -20.78 45.83
C GLY C 214 -25.49 -19.45 45.77
N LEU C 215 -24.96 -19.09 44.59
CA LEU C 215 -24.28 -17.81 44.45
C LEU C 215 -25.30 -16.66 44.43
N SER C 216 -26.39 -16.82 43.69
CA SER C 216 -27.39 -15.77 43.64
C SER C 216 -28.01 -15.51 45.00
N ASN C 217 -27.99 -16.49 45.90
CA ASN C 217 -28.62 -16.34 47.21
C ASN C 217 -27.95 -15.23 48.02
N LEU C 218 -26.65 -14.99 47.80
CA LEU C 218 -25.96 -13.98 48.59
C LEU C 218 -26.60 -12.61 48.43
N PHE C 219 -26.90 -12.22 47.20
CA PHE C 219 -27.26 -10.85 46.87
C PHE C 219 -28.76 -10.60 46.80
N ILE C 220 -29.60 -11.58 47.11
CA ILE C 220 -31.04 -11.45 46.97
C ILE C 220 -31.73 -11.90 48.24
N LYS C 221 -32.80 -11.19 48.60
CA LYS C 221 -33.66 -11.54 49.72
C LYS C 221 -35.12 -11.65 49.33
N GLU C 222 -35.49 -11.22 48.12
CA GLU C 222 -36.89 -11.03 47.78
C GLU C 222 -37.65 -12.36 47.72
N GLY C 223 -37.11 -13.35 47.02
CA GLY C 223 -37.84 -14.58 46.82
C GLY C 223 -37.37 -15.40 45.63
N VAL C 224 -38.33 -15.75 44.75
CA VAL C 224 -38.06 -16.69 43.67
C VAL C 224 -36.83 -16.25 42.88
N LEU C 225 -35.90 -17.19 42.68
CA LEU C 225 -34.70 -16.96 41.87
C LEU C 225 -34.85 -17.53 40.47
N VAL C 226 -35.14 -18.82 40.35
CA VAL C 226 -35.32 -19.48 39.07
C VAL C 226 -36.46 -20.48 39.19
N SER C 227 -37.46 -20.35 38.34
CA SER C 227 -38.64 -21.21 38.36
C SER C 227 -38.49 -22.24 37.24
N GLN C 228 -38.40 -23.51 37.62
CA GLN C 228 -38.24 -24.61 36.67
C GLN C 228 -39.58 -25.31 36.49
N LYS C 229 -40.02 -25.43 35.24
CA LYS C 229 -41.31 -26.05 34.93
C LYS C 229 -41.17 -26.93 33.70
N GLY C 230 -41.85 -28.07 33.73
CA GLY C 230 -41.89 -28.98 32.60
C GLY C 230 -43.28 -29.06 32.01
N LYS C 231 -43.86 -30.26 32.04
CA LYS C 231 -45.24 -30.48 31.59
C LYS C 231 -46.19 -30.68 32.77
N ASN C 232 -45.89 -31.64 33.64
CA ASN C 232 -46.74 -31.94 34.77
C ASN C 232 -46.29 -31.12 35.99
N LYS C 233 -47.24 -30.93 36.92
CA LYS C 233 -46.98 -30.06 38.06
C LYS C 233 -46.06 -30.71 39.08
N GLU C 234 -46.04 -32.04 39.16
CA GLU C 234 -45.27 -32.71 40.19
C GLU C 234 -43.78 -32.40 40.05
N GLU C 235 -43.25 -32.45 38.82
CA GLU C 235 -41.83 -32.17 38.61
C GLU C 235 -41.51 -30.69 38.63
N SER C 236 -42.51 -29.82 38.53
CA SER C 236 -42.28 -28.39 38.53
C SER C 236 -41.88 -27.92 39.93
N LEU C 237 -40.80 -27.17 40.02
CA LEU C 237 -40.33 -26.63 41.29
C LEU C 237 -39.49 -25.40 41.02
N GLU C 238 -39.41 -24.54 42.03
CA GLU C 238 -38.63 -23.31 41.94
C GLU C 238 -37.79 -23.15 43.20
N TYR C 239 -36.67 -22.45 43.07
CA TYR C 239 -35.73 -22.24 44.16
C TYR C 239 -35.87 -20.80 44.63
N LYS C 240 -36.56 -20.61 45.75
CA LYS C 240 -36.75 -19.28 46.33
C LYS C 240 -35.67 -19.03 47.37
N ALA C 241 -34.88 -17.98 47.17
CA ALA C 241 -33.77 -17.69 48.06
C ALA C 241 -34.28 -17.34 49.46
N ASN C 242 -33.63 -17.90 50.47
CA ASN C 242 -33.96 -17.58 51.84
C ASN C 242 -33.55 -16.14 52.15
N GLY C 243 -33.87 -15.71 53.37
CA GLY C 243 -33.64 -14.32 53.76
C GLY C 243 -32.19 -13.97 54.03
N ARG C 244 -31.30 -14.96 54.06
CA ARG C 244 -29.90 -14.73 54.39
C ARG C 244 -29.20 -14.16 53.17
N ALA C 245 -29.08 -12.83 53.13
CA ALA C 245 -28.43 -12.10 52.04
C ALA C 245 -27.38 -11.19 52.64
N PRO C 246 -26.16 -11.69 52.87
CA PRO C 246 -25.16 -10.88 53.59
C PRO C 246 -24.83 -9.56 52.91
N TYR C 247 -24.95 -9.48 51.59
CA TYR C 247 -24.48 -8.33 50.82
C TYR C 247 -25.60 -7.78 49.94
N THR C 248 -26.75 -7.55 50.55
CA THR C 248 -27.94 -7.13 49.80
C THR C 248 -27.93 -5.65 49.41
N ASN C 249 -26.85 -4.93 49.68
CA ASN C 249 -26.80 -3.49 49.43
C ASN C 249 -25.75 -3.07 48.42
N LEU C 250 -24.59 -3.72 48.40
CA LEU C 250 -23.48 -3.23 47.61
C LEU C 250 -23.81 -3.26 46.12
N PRO C 251 -23.25 -2.32 45.33
CA PRO C 251 -23.49 -2.34 43.88
C PRO C 251 -22.89 -3.58 43.24
N ILE C 252 -23.44 -3.94 42.07
CA ILE C 252 -22.92 -5.03 41.26
C ILE C 252 -23.00 -4.63 39.80
N ALA C 253 -22.17 -5.27 38.98
CA ALA C 253 -22.25 -5.12 37.54
C ALA C 253 -21.66 -6.38 36.91
N VAL C 254 -22.52 -7.28 36.48
CA VAL C 254 -22.09 -8.55 35.92
C VAL C 254 -21.85 -8.36 34.43
N LEU C 255 -20.91 -9.12 33.89
CA LEU C 255 -20.60 -9.09 32.47
C LEU C 255 -20.94 -10.45 31.86
N VAL C 256 -21.68 -10.43 30.76
CA VAL C 256 -22.06 -11.65 30.05
C VAL C 256 -21.66 -11.51 28.59
N ASN C 257 -21.21 -12.62 28.00
CA ASN C 257 -20.73 -12.64 26.64
C ASN C 257 -21.31 -13.86 25.94
N GLY C 258 -21.31 -13.81 24.61
CA GLY C 258 -21.90 -14.85 23.79
C GLY C 258 -21.51 -16.27 24.15
N GLY C 259 -20.44 -16.44 24.91
CA GLY C 259 -19.97 -17.77 25.27
C GLY C 259 -20.30 -18.16 26.70
N SER C 260 -21.51 -17.82 27.15
CA SER C 260 -21.98 -18.19 28.48
C SER C 260 -23.39 -18.75 28.36
N ALA C 261 -23.76 -19.63 29.28
CA ALA C 261 -25.07 -20.27 29.18
C ALA C 261 -25.37 -21.06 30.45
N SER C 262 -26.62 -21.52 30.54
CA SER C 262 -27.08 -22.42 31.59
C SER C 262 -26.94 -21.79 32.98
N ALA C 263 -25.88 -22.14 33.72
CA ALA C 263 -25.78 -21.70 35.10
C ALA C 263 -25.41 -20.23 35.19
N SER C 264 -24.47 -19.79 34.35
CA SER C 264 -24.11 -18.38 34.32
C SER C 264 -25.25 -17.54 33.76
N GLU C 265 -26.23 -18.17 33.11
CA GLU C 265 -27.37 -17.46 32.55
C GLU C 265 -28.55 -17.38 33.51
N ILE C 266 -28.49 -18.09 34.63
CA ILE C 266 -29.52 -17.96 35.66
C ILE C 266 -29.08 -17.04 36.78
N VAL C 267 -27.77 -16.89 36.98
CA VAL C 267 -27.27 -15.88 37.91
C VAL C 267 -27.48 -14.49 37.32
N ALA C 268 -27.15 -14.31 36.05
CA ALA C 268 -27.35 -13.02 35.40
C ALA C 268 -28.84 -12.73 35.23
N GLY C 269 -29.64 -13.74 34.92
CA GLY C 269 -31.06 -13.51 34.73
C GLY C 269 -31.80 -13.27 36.03
N ALA C 270 -31.36 -13.91 37.11
CA ALA C 270 -32.00 -13.70 38.41
C ALA C 270 -31.78 -12.28 38.90
N LEU C 271 -30.54 -11.79 38.79
CA LEU C 271 -30.25 -10.42 39.21
C LEU C 271 -30.99 -9.41 38.35
N GLN C 272 -30.97 -9.60 37.03
CA GLN C 272 -31.60 -8.64 36.14
C GLN C 272 -33.09 -8.46 36.45
N ASP C 273 -33.77 -9.54 36.79
CA ASP C 273 -35.21 -9.47 37.00
C ASP C 273 -35.57 -8.91 38.37
N HIS C 274 -34.62 -8.85 39.29
CA HIS C 274 -34.81 -8.19 40.58
C HIS C 274 -34.15 -6.83 40.63
N LYS C 275 -33.72 -6.30 39.48
CA LYS C 275 -33.04 -5.01 39.42
C LYS C 275 -31.91 -4.93 40.44
N ARG C 276 -31.21 -6.05 40.63
CA ARG C 276 -30.16 -6.15 41.62
C ARG C 276 -28.77 -5.97 41.02
N ALA C 277 -28.67 -5.76 39.71
CA ALA C 277 -27.38 -5.59 39.05
C ALA C 277 -27.64 -5.13 37.62
N VAL C 278 -26.56 -4.86 36.90
CA VAL C 278 -26.62 -4.33 35.54
C VAL C 278 -25.87 -5.28 34.63
N ILE C 279 -26.60 -5.96 33.76
CA ILE C 279 -25.99 -6.91 32.82
C ILE C 279 -25.34 -6.11 31.70
N ILE C 280 -24.05 -6.34 31.47
CA ILE C 280 -23.26 -5.58 30.52
C ILE C 280 -22.52 -6.55 29.61
N GLY C 281 -22.62 -6.33 28.30
CA GLY C 281 -21.91 -7.17 27.35
C GLY C 281 -22.67 -7.39 26.08
N GLU C 282 -22.76 -8.64 25.65
CA GLU C 282 -23.47 -9.01 24.44
C GLU C 282 -24.62 -9.95 24.79
N LYS C 283 -25.29 -10.46 23.76
CA LYS C 283 -26.31 -11.47 23.98
C LYS C 283 -25.68 -12.76 24.48
N THR C 284 -26.48 -13.58 25.16
CA THR C 284 -26.02 -14.84 25.71
C THR C 284 -26.38 -15.98 24.77
N PHE C 285 -25.70 -17.11 24.97
CA PHE C 285 -25.89 -18.26 24.07
C PHE C 285 -27.30 -18.83 24.20
N GLY C 286 -27.88 -18.78 25.40
CA GLY C 286 -29.22 -19.28 25.60
C GLY C 286 -29.33 -20.80 25.57
N LYS C 287 -28.77 -21.47 26.57
CA LYS C 287 -28.92 -22.91 26.75
C LYS C 287 -29.39 -23.14 28.18
N GLY C 288 -30.68 -23.36 28.36
CA GLY C 288 -31.26 -23.44 29.69
C GLY C 288 -32.25 -24.57 29.90
N SER C 289 -32.04 -25.70 29.25
CA SER C 289 -32.89 -26.87 29.42
C SER C 289 -32.20 -27.91 30.29
N VAL C 290 -33.00 -28.87 30.79
CA VAL C 290 -32.53 -29.89 31.70
C VAL C 290 -32.90 -31.26 31.15
N GLN C 291 -31.94 -32.18 31.14
CA GLN C 291 -32.17 -33.57 30.73
C GLN C 291 -31.53 -34.50 31.75
N MET C 292 -32.18 -35.63 32.01
CA MET C 292 -31.59 -36.68 32.82
C MET C 292 -31.93 -38.03 32.21
N LEU C 293 -31.07 -39.00 32.47
CA LEU C 293 -31.30 -40.36 32.00
C LEU C 293 -32.64 -40.86 32.52
N LEU C 294 -33.42 -41.48 31.63
CA LEU C 294 -34.73 -42.01 32.02
C LEU C 294 -34.53 -43.42 32.56
N PRO C 295 -34.77 -43.67 33.85
CA PRO C 295 -34.40 -44.98 34.41
C PRO C 295 -35.19 -46.15 33.86
N VAL C 296 -36.51 -45.98 33.66
CA VAL C 296 -37.33 -47.08 33.19
C VAL C 296 -37.11 -47.22 31.70
N ASN C 297 -36.15 -48.07 31.33
CA ASN C 297 -35.68 -48.12 29.95
C ASN C 297 -35.37 -49.53 29.45
N LYS C 298 -35.68 -50.57 30.23
CA LYS C 298 -35.30 -51.95 29.92
C LYS C 298 -33.85 -52.03 29.44
N ASP C 299 -32.97 -51.45 30.24
CA ASP C 299 -31.52 -51.47 30.03
C ASP C 299 -31.06 -50.56 28.90
N GLU C 300 -32.00 -50.00 28.13
CA GLU C 300 -31.67 -49.09 27.04
C GLU C 300 -31.98 -47.65 27.46
N ALA C 301 -31.15 -47.14 28.38
CA ALA C 301 -31.37 -45.81 28.92
C ALA C 301 -31.41 -44.76 27.82
N ILE C 302 -32.41 -43.89 27.86
CA ILE C 302 -32.55 -42.80 26.92
C ILE C 302 -32.38 -41.48 27.68
N LYS C 303 -32.43 -40.35 26.96
CA LYS C 303 -32.16 -39.07 27.56
C LYS C 303 -32.93 -37.99 26.80
N ILE C 304 -33.82 -37.28 27.48
CA ILE C 304 -34.68 -36.28 26.86
C ILE C 304 -34.71 -35.03 27.73
N THR C 305 -35.08 -33.92 27.11
CA THR C 305 -35.22 -32.64 27.81
C THR C 305 -36.53 -32.66 28.58
N THR C 306 -36.47 -33.10 29.84
CA THR C 306 -37.68 -33.24 30.65
C THR C 306 -38.32 -31.87 30.91
N ALA C 307 -37.53 -30.92 31.40
CA ALA C 307 -38.06 -29.61 31.77
C ALA C 307 -36.99 -28.56 31.52
N ARG C 308 -37.44 -27.32 31.30
CA ARG C 308 -36.55 -26.21 31.00
C ARG C 308 -36.70 -25.14 32.07
N TYR C 309 -35.84 -24.12 31.99
CA TYR C 309 -35.75 -23.09 33.01
C TYR C 309 -36.53 -21.85 32.59
N TYR C 310 -37.23 -21.26 33.56
CA TYR C 310 -37.94 -20.00 33.37
C TYR C 310 -37.44 -18.99 34.40
N LEU C 311 -37.05 -17.82 33.92
CA LEU C 311 -36.64 -16.75 34.81
C LEU C 311 -37.84 -16.24 35.60
N PRO C 312 -37.59 -15.56 36.72
CA PRO C 312 -38.73 -15.10 37.55
C PRO C 312 -39.67 -14.16 36.83
N SER C 313 -39.17 -13.42 35.83
CA SER C 313 -40.04 -12.52 35.07
C SER C 313 -41.06 -13.26 34.21
N GLY C 314 -40.91 -14.58 34.07
CA GLY C 314 -41.78 -15.37 33.22
C GLY C 314 -41.17 -15.75 31.90
N ARG C 315 -40.14 -15.04 31.45
CA ARG C 315 -39.47 -15.37 30.21
C ARG C 315 -38.74 -16.70 30.33
N THR C 316 -38.63 -17.41 29.22
CA THR C 316 -37.82 -18.62 29.12
C THR C 316 -36.53 -18.29 28.36
N ILE C 317 -35.43 -18.88 28.80
CA ILE C 317 -34.12 -18.55 28.26
C ILE C 317 -33.61 -19.64 27.32
N GLN C 318 -34.49 -20.51 26.82
CA GLN C 318 -34.03 -21.65 26.04
C GLN C 318 -33.36 -21.21 24.76
N ALA C 319 -33.91 -20.20 24.09
CA ALA C 319 -33.32 -19.72 22.84
C ALA C 319 -33.18 -18.21 22.85
N LYS C 320 -34.03 -17.53 23.61
CA LYS C 320 -33.96 -16.07 23.67
C LYS C 320 -32.62 -15.60 24.24
N GLY C 321 -32.16 -16.25 25.30
CA GLY C 321 -30.99 -15.79 25.99
C GLY C 321 -31.29 -14.58 26.86
N ILE C 322 -30.22 -13.96 27.35
CA ILE C 322 -30.31 -12.77 28.18
C ILE C 322 -29.81 -11.59 27.36
N THR C 323 -30.61 -10.53 27.29
CA THR C 323 -30.23 -9.33 26.56
C THR C 323 -29.69 -8.31 27.53
N PRO C 324 -28.40 -7.97 27.48
CA PRO C 324 -27.84 -7.09 28.51
C PRO C 324 -28.42 -5.68 28.46
N ASP C 325 -28.44 -5.03 29.62
CA ASP C 325 -28.93 -3.65 29.69
C ASP C 325 -28.07 -2.72 28.85
N ILE C 326 -26.76 -2.87 28.91
CA ILE C 326 -25.81 -1.96 28.26
C ILE C 326 -24.97 -2.81 27.33
N VAL C 327 -25.37 -2.89 26.07
CA VAL C 327 -24.67 -3.72 25.09
C VAL C 327 -23.43 -2.97 24.61
N ILE C 328 -22.27 -3.60 24.77
CA ILE C 328 -21.01 -3.02 24.31
C ILE C 328 -20.07 -4.17 23.96
N TYR C 329 -19.51 -4.12 22.75
CA TYR C 329 -18.78 -5.24 22.18
C TYR C 329 -17.29 -5.14 22.54
N PRO C 330 -16.54 -6.23 22.32
CA PRO C 330 -15.14 -6.23 22.73
C PRO C 330 -14.30 -5.23 21.94
N GLY C 331 -13.12 -4.96 22.48
CA GLY C 331 -12.20 -4.05 21.83
C GLY C 331 -11.26 -3.44 22.85
N LYS C 332 -10.63 -2.35 22.43
CA LYS C 332 -9.75 -1.56 23.28
C LYS C 332 -10.30 -0.14 23.38
N VAL C 333 -10.26 0.42 24.59
CA VAL C 333 -10.85 1.74 24.84
C VAL C 333 -10.08 2.76 24.01
N PRO C 334 -10.71 3.86 23.59
CA PRO C 334 -10.02 4.85 22.75
C PRO C 334 -9.20 5.85 23.56
N GLU C 335 -8.25 5.33 24.34
CA GLU C 335 -7.37 6.21 25.11
C GLU C 335 -6.51 7.09 24.21
N ASN C 336 -6.39 6.72 22.93
CA ASN C 336 -5.63 7.53 21.99
C ASN C 336 -6.42 8.77 21.59
N GLU C 337 -5.75 9.66 20.86
CA GLU C 337 -6.30 10.92 20.36
C GLU C 337 -6.51 11.95 21.46
N ASN C 338 -6.26 11.62 22.72
CA ASN C 338 -6.27 12.61 23.79
C ASN C 338 -4.95 13.37 23.88
N LYS C 339 -3.97 13.02 23.07
CA LYS C 339 -2.67 13.68 23.04
C LYS C 339 -2.28 13.86 21.58
N PHE C 340 -1.02 14.21 21.34
CA PHE C 340 -0.53 14.28 19.97
C PHE C 340 -0.74 12.96 19.23
N SER C 341 -0.64 11.85 19.94
CA SER C 341 -0.85 10.53 19.35
C SER C 341 -2.20 9.96 19.78
N GLU C 377 -0.83 -7.84 38.26
CA GLU C 377 -0.79 -9.26 38.63
C GLU C 377 -1.73 -9.54 39.79
N LYS C 378 -1.34 -9.10 40.98
CA LYS C 378 -2.13 -9.36 42.19
C LYS C 378 -3.39 -8.50 42.26
N GLU C 379 -3.52 -7.49 41.40
CA GLU C 379 -4.69 -6.64 41.40
C GLU C 379 -4.84 -6.04 40.00
N VAL C 380 -6.09 -5.90 39.56
CA VAL C 380 -6.35 -5.33 38.23
C VAL C 380 -5.77 -3.92 38.20
N THR C 381 -5.06 -3.61 37.13
CA THR C 381 -4.41 -2.32 36.95
C THR C 381 -4.99 -1.59 35.76
N PRO C 382 -4.81 -0.27 35.69
CA PRO C 382 -5.36 0.47 34.53
C PRO C 382 -4.87 -0.05 33.21
N LYS C 383 -3.68 -0.65 33.16
CA LYS C 383 -3.19 -1.21 31.90
C LYS C 383 -4.12 -2.30 31.39
N MET C 384 -4.57 -3.19 32.28
CA MET C 384 -5.43 -4.28 31.86
C MET C 384 -6.84 -3.78 31.55
N ILE C 385 -7.33 -2.82 32.33
CA ILE C 385 -8.67 -2.28 32.08
C ILE C 385 -8.74 -1.66 30.70
N ASN C 386 -7.71 -0.90 30.32
CA ASN C 386 -7.72 -0.25 29.01
C ASN C 386 -7.60 -1.23 27.86
N ASP C 387 -7.20 -2.47 28.15
CA ASP C 387 -7.15 -3.52 27.13
C ASP C 387 -8.45 -4.30 27.03
N ASP C 388 -9.49 -3.90 27.77
CA ASP C 388 -10.76 -4.63 27.79
C ASP C 388 -11.88 -3.60 27.96
N ILE C 389 -12.48 -3.20 26.85
CA ILE C 389 -13.51 -2.16 26.92
C ILE C 389 -14.72 -2.65 27.70
N GLN C 390 -15.09 -3.92 27.53
CA GLN C 390 -16.26 -4.44 28.25
C GLN C 390 -16.07 -4.35 29.75
N LEU C 391 -14.81 -4.40 30.22
CA LEU C 391 -14.56 -4.25 31.65
C LEU C 391 -14.48 -2.78 32.05
N LYS C 392 -14.09 -1.91 31.13
CA LYS C 392 -14.12 -0.48 31.41
C LYS C 392 -15.54 0.00 31.63
N THR C 393 -16.48 -0.52 30.84
CA THR C 393 -17.88 -0.11 30.99
C THR C 393 -18.45 -0.56 32.32
N ALA C 394 -18.07 -1.75 32.77
CA ALA C 394 -18.59 -2.24 34.05
C ALA C 394 -18.16 -1.34 35.20
N ILE C 395 -16.92 -0.88 35.18
CA ILE C 395 -16.45 0.03 36.24
C ILE C 395 -17.24 1.33 36.21
N ASP C 396 -17.45 1.88 35.01
CA ASP C 396 -18.20 3.13 34.90
C ASP C 396 -19.62 2.96 35.43
N SER C 397 -20.26 1.85 35.11
CA SER C 397 -21.62 1.60 35.60
C SER C 397 -21.68 1.35 37.09
N LEU C 398 -20.53 1.18 37.75
CA LEU C 398 -20.48 1.14 39.19
C LEU C 398 -20.31 2.52 39.80
N LYS C 399 -19.59 3.41 39.11
CA LYS C 399 -19.44 4.78 39.61
C LYS C 399 -20.79 5.49 39.68
N THR C 400 -21.63 5.32 38.66
CA THR C 400 -22.96 5.92 38.69
C THR C 400 -23.79 5.37 39.83
N TRP C 401 -23.66 4.07 40.10
CA TRP C 401 -24.38 3.48 41.22
C TRP C 401 -23.94 4.11 42.54
N SER C 402 -22.63 4.32 42.71
CA SER C 402 -22.15 4.94 43.93
C SER C 402 -22.67 6.38 44.06
N ILE C 403 -22.66 7.13 42.95
CA ILE C 403 -23.15 8.49 42.99
C ILE C 403 -24.63 8.52 43.38
N VAL C 404 -25.43 7.63 42.79
CA VAL C 404 -26.86 7.61 43.09
C VAL C 404 -27.10 7.15 44.52
N ASP C 405 -26.23 6.28 45.03
CA ASP C 405 -26.37 5.84 46.43
C ASP C 405 -26.07 7.00 47.38
N GLU C 406 -25.01 7.76 47.12
CA GLU C 406 -24.68 8.89 47.96
C GLU C 406 -25.71 10.00 47.85
N LYS C 407 -26.30 10.17 46.66
CA LYS C 407 -27.23 11.27 46.45
C LYS C 407 -28.46 11.17 47.35
N MET C 408 -28.81 9.95 47.78
CA MET C 408 -29.99 9.77 48.63
C MET C 408 -29.75 10.23 50.05
N ASP C 409 -28.52 10.17 50.53
CA ASP C 409 -28.21 10.58 51.91
C ASP C 409 -28.21 12.10 52.03
N HIS D 7 -44.57 -58.02 21.53
CA HIS D 7 -43.85 -58.81 20.50
C HIS D 7 -42.61 -58.03 20.03
N MET D 8 -42.29 -58.12 18.74
CA MET D 8 -41.08 -57.46 18.24
C MET D 8 -41.14 -55.95 18.40
N PHE D 9 -42.34 -55.36 18.30
CA PHE D 9 -42.50 -53.92 18.45
C PHE D 9 -42.43 -53.46 19.89
N SER D 10 -42.05 -54.33 20.83
CA SER D 10 -41.95 -53.92 22.23
C SER D 10 -40.93 -52.80 22.40
N ARG D 11 -39.79 -52.92 21.72
CA ARG D 11 -38.71 -51.96 21.91
C ARG D 11 -39.16 -50.54 21.61
N PHE D 12 -39.89 -50.35 20.50
CA PHE D 12 -40.31 -49.01 20.11
C PHE D 12 -41.61 -48.60 20.80
N SER D 13 -42.46 -49.57 21.16
CA SER D 13 -43.72 -49.24 21.81
C SER D 13 -43.50 -48.79 23.25
N ASN D 14 -42.53 -49.39 23.94
CA ASN D 14 -42.25 -48.97 25.31
C ASN D 14 -41.59 -47.59 25.34
N VAL D 15 -40.60 -47.37 24.49
CA VAL D 15 -39.88 -46.08 24.49
C VAL D 15 -40.84 -44.95 24.12
N VAL D 16 -41.65 -45.17 23.08
CA VAL D 16 -42.55 -44.12 22.63
C VAL D 16 -43.59 -43.77 23.69
N SER D 17 -43.75 -44.61 24.72
CA SER D 17 -44.65 -44.27 25.81
C SER D 17 -44.04 -43.19 26.71
N GLU D 18 -42.74 -43.29 26.98
CA GLU D 18 -42.08 -42.27 27.80
C GLU D 18 -42.14 -40.91 27.14
N ILE D 19 -41.84 -40.83 25.84
CA ILE D 19 -41.82 -39.56 25.14
C ILE D 19 -43.19 -38.91 25.15
N GLU D 20 -44.25 -39.68 25.39
CA GLU D 20 -45.59 -39.11 25.41
C GLU D 20 -45.79 -38.19 26.61
N LYS D 21 -45.20 -38.52 27.75
CA LYS D 21 -45.47 -37.82 29.00
C LYS D 21 -44.34 -36.94 29.49
N LYS D 22 -43.08 -37.38 29.37
CA LYS D 22 -41.97 -36.71 30.01
C LYS D 22 -41.33 -35.63 29.15
N TYR D 23 -41.58 -35.62 27.84
CA TYR D 23 -41.04 -34.56 27.00
C TYR D 23 -41.77 -33.25 27.29
N VAL D 24 -41.02 -32.14 27.19
CA VAL D 24 -41.55 -30.85 27.64
C VAL D 24 -42.85 -30.50 26.93
N ASP D 25 -42.82 -30.43 25.59
CA ASP D 25 -43.85 -29.71 24.85
C ASP D 25 -45.01 -30.61 24.44
N LYS D 26 -45.55 -31.37 25.39
CA LYS D 26 -46.80 -32.10 25.20
C LYS D 26 -46.93 -32.68 23.80
N ILE D 27 -45.96 -33.49 23.38
CA ILE D 27 -45.96 -34.03 22.03
C ILE D 27 -47.09 -35.05 21.90
N SER D 28 -47.78 -35.01 20.77
CA SER D 28 -48.88 -35.93 20.50
C SER D 28 -48.35 -37.19 19.82
N ILE D 29 -48.90 -38.34 20.22
CA ILE D 29 -48.45 -39.61 19.64
C ILE D 29 -48.76 -39.64 18.14
N SER D 30 -49.76 -38.87 17.70
CA SER D 30 -50.03 -38.78 16.27
C SER D 30 -48.86 -38.16 15.51
N GLU D 31 -48.23 -37.15 16.09
CA GLU D 31 -47.07 -36.51 15.48
C GLU D 31 -45.78 -37.27 15.73
N ILE D 32 -45.70 -38.06 16.81
CA ILE D 32 -44.47 -38.78 17.10
C ILE D 32 -44.13 -39.73 15.97
N MET D 33 -45.13 -40.46 15.46
CA MET D 33 -44.88 -41.36 14.34
C MET D 33 -44.39 -40.60 13.11
N THR D 34 -44.91 -39.37 12.92
CA THR D 34 -44.40 -38.55 11.83
C THR D 34 -42.92 -38.25 11.99
N LYS D 35 -42.42 -38.27 13.22
CA LYS D 35 -41.02 -38.01 13.50
C LYS D 35 -40.20 -39.30 13.58
N ALA D 36 -40.83 -40.43 13.90
CA ALA D 36 -40.10 -41.69 13.98
C ALA D 36 -39.83 -42.25 12.59
N ILE D 37 -40.78 -42.11 11.67
CA ILE D 37 -40.56 -42.57 10.29
C ILE D 37 -39.41 -41.79 9.66
N GLU D 38 -39.47 -40.46 9.76
CA GLU D 38 -38.39 -39.64 9.20
C GLU D 38 -37.06 -39.99 9.85
N GLY D 39 -37.09 -40.37 11.14
CA GLY D 39 -35.87 -40.77 11.80
C GLY D 39 -35.29 -42.07 11.26
N LEU D 40 -36.15 -43.05 11.01
CA LEU D 40 -35.68 -44.38 10.61
C LEU D 40 -35.01 -44.33 9.25
N LEU D 41 -35.68 -43.75 8.26
CA LEU D 41 -35.17 -43.79 6.90
C LEU D 41 -33.86 -43.03 6.78
N SER D 42 -33.74 -41.88 7.43
CA SER D 42 -32.51 -41.11 7.36
C SER D 42 -31.32 -41.85 7.97
N ASN D 43 -31.57 -42.90 8.75
CA ASN D 43 -30.51 -43.60 9.45
C ASN D 43 -30.05 -44.88 8.73
N LEU D 44 -30.74 -45.30 7.67
CA LEU D 44 -30.29 -46.47 6.93
C LEU D 44 -29.04 -46.15 6.11
N ASP D 45 -29.02 -45.01 5.45
CA ASP D 45 -27.88 -44.58 4.65
C ASP D 45 -27.95 -43.06 4.51
N ALA D 46 -27.13 -42.51 3.61
CA ALA D 46 -27.02 -41.07 3.45
C ALA D 46 -27.95 -40.50 2.39
N HIS D 47 -28.82 -41.32 1.80
CA HIS D 47 -29.64 -40.87 0.68
C HIS D 47 -31.13 -41.18 0.82
N SER D 48 -31.53 -42.02 1.76
CA SER D 48 -32.94 -42.32 1.94
C SER D 48 -33.67 -41.10 2.49
N ALA D 49 -34.98 -41.03 2.19
CA ALA D 49 -35.80 -39.92 2.65
C ALA D 49 -37.25 -40.37 2.67
N TYR D 50 -38.07 -39.60 3.37
CA TYR D 50 -39.49 -39.88 3.53
C TYR D 50 -40.30 -38.79 2.82
N LEU D 51 -41.20 -39.22 1.93
CA LEU D 51 -42.05 -38.32 1.18
C LEU D 51 -43.50 -38.59 1.59
N ASN D 52 -44.00 -37.79 2.53
CA ASN D 52 -45.36 -37.98 3.05
C ASN D 52 -46.39 -37.64 1.98
N GLU D 53 -47.66 -37.72 2.36
CA GLU D 53 -48.74 -37.51 1.41
C GLU D 53 -48.67 -36.12 0.79
N LYS D 54 -48.49 -35.09 1.62
CA LYS D 54 -48.50 -33.73 1.11
C LYS D 54 -47.36 -33.50 0.13
N LYS D 55 -46.15 -33.96 0.47
CA LYS D 55 -45.01 -33.81 -0.42
C LYS D 55 -45.02 -34.82 -1.56
N PHE D 56 -45.80 -35.89 -1.45
CA PHE D 56 -45.69 -37.00 -2.40
C PHE D 56 -45.95 -36.54 -3.83
N LYS D 57 -47.17 -36.08 -4.10
CA LYS D 57 -47.52 -35.72 -5.47
C LYS D 57 -46.73 -34.51 -5.95
N GLU D 58 -46.46 -33.56 -5.06
CA GLU D 58 -45.69 -32.38 -5.46
C GLU D 58 -44.30 -32.77 -5.94
N PHE D 59 -43.62 -33.66 -5.21
CA PHE D 59 -42.31 -34.12 -5.63
C PHE D 59 -42.40 -34.99 -6.88
N GLN D 60 -43.45 -35.82 -7.00
CA GLN D 60 -43.59 -36.66 -8.17
C GLN D 60 -43.76 -35.81 -9.43
N ALA D 61 -44.56 -34.76 -9.35
CA ALA D 61 -44.81 -33.93 -10.53
C ALA D 61 -43.57 -33.12 -10.91
N GLN D 62 -42.84 -32.63 -9.92
CA GLN D 62 -41.68 -31.75 -10.15
C GLN D 62 -40.38 -32.52 -10.29
N THR D 63 -40.43 -33.78 -10.74
CA THR D 63 -39.22 -34.55 -10.94
C THR D 63 -38.43 -33.97 -12.12
N GLU D 64 -37.31 -34.63 -12.44
CA GLU D 64 -36.42 -34.12 -13.48
C GLU D 64 -37.16 -34.02 -14.81
N GLY D 65 -36.97 -32.89 -15.49
CA GLY D 65 -37.63 -32.59 -16.74
C GLY D 65 -38.05 -31.14 -16.77
N GLU D 66 -39.11 -30.87 -17.53
CA GLU D 66 -39.66 -29.53 -17.63
C GLU D 66 -40.88 -29.40 -16.72
N PHE D 67 -40.98 -28.25 -16.06
CA PHE D 67 -42.13 -27.95 -15.20
C PHE D 67 -42.32 -26.45 -15.13
N GLY D 68 -43.52 -26.04 -14.76
CA GLY D 68 -43.85 -24.63 -14.72
C GLY D 68 -42.94 -23.86 -13.79
N GLY D 69 -42.66 -22.62 -14.16
CA GLY D 69 -41.76 -21.80 -13.38
C GLY D 69 -41.66 -20.40 -13.95
N LEU D 70 -40.61 -19.69 -13.51
CA LEU D 70 -40.36 -18.33 -13.96
C LEU D 70 -39.19 -18.19 -14.91
N GLY D 71 -38.29 -19.18 -14.95
CA GLY D 71 -37.15 -19.12 -15.84
C GLY D 71 -36.22 -17.96 -15.53
N ILE D 72 -35.90 -17.77 -14.26
CA ILE D 72 -35.03 -16.69 -13.80
C ILE D 72 -33.93 -17.31 -12.95
N THR D 73 -32.69 -16.88 -13.18
CA THR D 73 -31.55 -17.38 -12.44
C THR D 73 -31.36 -16.57 -11.16
N VAL D 74 -31.19 -17.27 -10.05
CA VAL D 74 -31.02 -16.66 -8.73
C VAL D 74 -29.59 -16.92 -8.27
N GLY D 75 -28.90 -15.86 -7.86
CA GLY D 75 -27.52 -15.97 -7.42
C GLY D 75 -27.20 -15.15 -6.19
N MET D 76 -28.19 -14.45 -5.64
CA MET D 76 -28.00 -13.63 -4.44
C MET D 76 -26.85 -12.64 -4.64
N ARG D 77 -26.85 -11.98 -5.80
CA ARG D 77 -25.78 -11.06 -6.12
C ARG D 77 -25.65 -9.98 -5.06
N ASP D 78 -26.78 -9.35 -4.69
CA ASP D 78 -26.78 -8.26 -3.74
C ASP D 78 -27.46 -8.62 -2.43
N GLY D 79 -27.71 -9.90 -2.19
CA GLY D 79 -28.41 -10.32 -0.99
C GLY D 79 -29.89 -10.05 -1.00
N VAL D 80 -30.46 -9.64 -2.14
CA VAL D 80 -31.86 -9.26 -2.22
C VAL D 80 -32.53 -9.96 -3.39
N LEU D 81 -31.99 -11.10 -3.80
CA LEU D 81 -32.50 -11.87 -4.95
C LEU D 81 -32.44 -11.04 -6.23
N THR D 82 -31.21 -10.67 -6.59
CA THR D 82 -31.00 -9.89 -7.81
C THR D 82 -31.27 -10.73 -9.05
N VAL D 83 -31.55 -10.05 -10.15
CA VAL D 83 -31.78 -10.71 -11.44
C VAL D 83 -30.40 -11.03 -12.02
N ILE D 84 -30.03 -12.31 -12.02
CA ILE D 84 -28.70 -12.70 -12.48
C ILE D 84 -28.70 -12.94 -13.98
N ALA D 85 -29.69 -13.66 -14.49
CA ALA D 85 -29.74 -14.01 -15.91
C ALA D 85 -31.20 -14.11 -16.35
N PRO D 86 -31.72 -13.11 -17.06
CA PRO D 86 -33.02 -13.27 -17.74
C PRO D 86 -32.85 -14.12 -19.01
N LEU D 87 -32.90 -15.44 -18.82
CA LEU D 87 -32.60 -16.37 -19.91
C LEU D 87 -33.46 -16.04 -21.13
N GLU D 88 -32.85 -16.19 -22.31
CA GLU D 88 -33.53 -15.84 -23.55
C GLU D 88 -34.69 -16.80 -23.80
N GLY D 89 -35.86 -16.25 -24.12
CA GLY D 89 -37.01 -17.04 -24.46
C GLY D 89 -37.80 -17.57 -23.28
N THR D 90 -37.37 -17.31 -22.05
CA THR D 90 -38.08 -17.79 -20.88
C THR D 90 -39.23 -16.86 -20.53
N PRO D 91 -40.22 -17.34 -19.77
CA PRO D 91 -41.37 -16.49 -19.43
C PRO D 91 -40.97 -15.19 -18.77
N ALA D 92 -39.94 -15.20 -17.92
CA ALA D 92 -39.48 -13.96 -17.32
C ALA D 92 -39.03 -12.97 -18.39
N TYR D 93 -38.34 -13.46 -19.42
CA TYR D 93 -37.94 -12.59 -20.51
C TYR D 93 -39.15 -12.09 -21.29
N LYS D 94 -40.20 -12.91 -21.39
CA LYS D 94 -41.45 -12.43 -21.99
C LYS D 94 -42.03 -11.29 -21.16
N ALA D 95 -41.90 -11.37 -19.84
CA ALA D 95 -42.36 -10.30 -18.97
C ALA D 95 -41.49 -9.06 -19.05
N GLY D 96 -40.34 -9.14 -19.73
CA GLY D 96 -39.49 -7.97 -19.88
C GLY D 96 -38.65 -7.62 -18.68
N VAL D 97 -38.37 -8.60 -17.81
CA VAL D 97 -37.55 -8.33 -16.63
C VAL D 97 -36.18 -7.85 -17.08
N LYS D 98 -35.61 -6.93 -16.30
CA LYS D 98 -34.32 -6.33 -16.59
C LYS D 98 -33.35 -6.58 -15.45
N SER D 99 -32.06 -6.55 -15.79
CA SER D 99 -31.02 -6.73 -14.79
C SER D 99 -30.99 -5.54 -13.84
N GLY D 100 -30.51 -5.79 -12.62
CA GLY D 100 -30.46 -4.79 -11.58
C GLY D 100 -31.66 -4.80 -10.65
N ASP D 101 -32.77 -5.40 -11.07
CA ASP D 101 -33.93 -5.55 -10.20
C ASP D 101 -33.68 -6.64 -9.17
N ASN D 102 -34.36 -6.54 -8.04
CA ASN D 102 -34.24 -7.52 -6.98
C ASN D 102 -35.63 -7.84 -6.44
N ILE D 103 -35.78 -9.05 -5.90
CA ILE D 103 -37.07 -9.57 -5.48
C ILE D 103 -37.16 -9.38 -3.97
N LEU D 104 -37.70 -8.23 -3.54
CA LEU D 104 -37.98 -8.03 -2.12
C LEU D 104 -39.12 -8.92 -1.66
N LYS D 105 -40.15 -9.07 -2.50
CA LYS D 105 -41.33 -9.83 -2.13
C LYS D 105 -41.92 -10.44 -3.40
N ILE D 106 -42.74 -11.47 -3.22
CA ILE D 106 -43.40 -12.12 -4.34
C ILE D 106 -44.75 -11.47 -4.56
N ASN D 107 -45.65 -11.58 -3.58
CA ASN D 107 -46.93 -10.89 -3.61
C ASN D 107 -47.10 -9.98 -2.40
N ASN D 108 -46.96 -10.50 -1.19
CA ASN D 108 -47.07 -9.69 0.02
C ASN D 108 -46.08 -10.11 1.10
N GLU D 109 -45.12 -10.99 0.79
CA GLU D 109 -44.25 -11.59 1.78
C GLU D 109 -42.79 -11.32 1.43
N SER D 110 -42.02 -10.89 2.43
CA SER D 110 -40.61 -10.57 2.22
C SER D 110 -39.79 -11.85 2.07
N THR D 111 -39.62 -12.30 0.82
CA THR D 111 -38.87 -13.52 0.58
C THR D 111 -37.41 -13.41 1.01
N LEU D 112 -36.90 -12.19 1.15
CA LEU D 112 -35.51 -12.03 1.55
C LEU D 112 -35.27 -12.53 2.97
N SER D 113 -36.27 -12.41 3.84
CA SER D 113 -36.15 -12.92 5.21
C SER D 113 -36.24 -14.44 5.27
N MET D 114 -36.64 -15.09 4.19
CA MET D 114 -36.68 -16.55 4.10
C MET D 114 -35.60 -17.03 3.14
N SER D 115 -35.02 -18.19 3.46
CA SER D 115 -34.03 -18.78 2.58
C SER D 115 -34.66 -19.20 1.25
N ILE D 116 -33.82 -19.32 0.23
CA ILE D 116 -34.30 -19.68 -1.10
C ILE D 116 -34.94 -21.07 -1.09
N ASP D 117 -34.72 -21.86 -0.04
CA ASP D 117 -35.24 -23.23 -0.02
C ASP D 117 -36.75 -23.25 -0.18
N ASP D 118 -37.46 -22.37 0.53
CA ASP D 118 -38.91 -22.28 0.40
C ASP D 118 -39.37 -21.23 -0.61
N ALA D 119 -38.54 -20.21 -0.87
CA ALA D 119 -38.88 -19.24 -1.89
C ALA D 119 -38.98 -19.90 -3.26
N ILE D 120 -38.04 -20.81 -3.57
CA ILE D 120 -38.08 -21.52 -4.85
C ILE D 120 -39.36 -22.33 -4.95
N ASN D 121 -39.77 -22.98 -3.85
CA ASN D 121 -41.01 -23.73 -3.85
C ASN D 121 -42.20 -22.82 -4.12
N LEU D 122 -42.24 -21.65 -3.47
CA LEU D 122 -43.33 -20.72 -3.68
C LEU D 122 -43.40 -20.24 -5.12
N MET D 123 -42.25 -19.86 -5.69
CA MET D 123 -42.23 -19.33 -7.05
C MET D 123 -42.59 -20.38 -8.08
N ARG D 124 -42.18 -21.63 -7.87
CA ARG D 124 -42.41 -22.71 -8.84
C ARG D 124 -43.75 -23.39 -8.53
N GLY D 125 -44.81 -22.77 -9.01
CA GLY D 125 -46.18 -23.22 -8.78
C GLY D 125 -46.76 -23.93 -9.98
N LYS D 126 -48.04 -23.64 -10.25
CA LYS D 126 -48.75 -24.34 -11.30
C LYS D 126 -48.20 -23.96 -12.68
N PRO D 127 -48.22 -24.89 -13.64
CA PRO D 127 -47.71 -24.57 -14.99
C PRO D 127 -48.58 -23.60 -15.77
N LYS D 128 -49.78 -23.27 -15.31
CA LYS D 128 -50.63 -22.31 -15.99
C LYS D 128 -50.95 -21.09 -15.13
N THR D 129 -51.35 -21.30 -13.87
CA THR D 129 -51.77 -20.20 -13.00
C THR D 129 -50.65 -19.17 -12.86
N PRO D 130 -50.80 -17.98 -13.45
CA PRO D 130 -49.74 -16.97 -13.33
C PRO D 130 -49.56 -16.52 -11.89
N ILE D 131 -48.32 -16.16 -11.57
CA ILE D 131 -47.95 -15.63 -10.25
C ILE D 131 -47.56 -14.17 -10.43
N GLN D 132 -48.16 -13.30 -9.62
CA GLN D 132 -47.91 -11.86 -9.71
C GLN D 132 -46.63 -11.56 -8.94
N ILE D 133 -45.50 -11.63 -9.64
CA ILE D 133 -44.21 -11.37 -9.01
C ILE D 133 -44.08 -9.87 -8.72
N THR D 134 -43.53 -9.56 -7.55
CA THR D 134 -43.29 -8.19 -7.13
C THR D 134 -41.80 -7.89 -7.19
N ILE D 135 -41.45 -6.75 -7.75
CA ILE D 135 -40.07 -6.35 -7.96
C ILE D 135 -39.86 -4.99 -7.31
N VAL D 136 -38.61 -4.69 -6.98
CA VAL D 136 -38.23 -3.39 -6.45
C VAL D 136 -37.00 -2.91 -7.21
N ARG D 137 -37.04 -1.67 -7.69
CA ARG D 137 -35.92 -1.05 -8.37
C ARG D 137 -35.52 0.20 -7.60
N LYS D 138 -34.21 0.39 -7.40
CA LYS D 138 -33.73 1.49 -6.57
C LYS D 138 -34.22 2.84 -7.10
N ASN D 139 -34.37 2.97 -8.42
CA ASN D 139 -34.83 4.24 -8.98
C ASN D 139 -36.22 4.60 -8.47
N GLU D 140 -37.12 3.63 -8.42
CA GLU D 140 -38.48 3.85 -7.91
C GLU D 140 -38.60 3.22 -6.53
N PRO D 141 -38.70 4.01 -5.46
CA PRO D 141 -38.72 3.39 -4.11
C PRO D 141 -39.84 2.38 -3.93
N LYS D 142 -41.02 2.65 -4.47
CA LYS D 142 -42.11 1.69 -4.35
C LYS D 142 -41.87 0.51 -5.29
N PRO D 143 -42.26 -0.70 -4.88
CA PRO D 143 -42.03 -1.87 -5.73
C PRO D 143 -42.73 -1.73 -7.09
N LEU D 144 -42.02 -2.14 -8.13
CA LEU D 144 -42.62 -2.31 -9.45
C LEU D 144 -43.42 -3.62 -9.48
N VAL D 145 -44.05 -3.90 -10.62
CA VAL D 145 -44.85 -5.10 -10.78
C VAL D 145 -44.51 -5.72 -12.13
N PHE D 146 -44.21 -7.02 -12.12
CA PHE D 146 -43.92 -7.78 -13.33
C PHE D 146 -44.58 -9.14 -13.19
N ASN D 147 -45.55 -9.43 -14.07
CA ASN D 147 -46.26 -10.70 -14.05
C ASN D 147 -45.58 -11.68 -15.00
N ILE D 148 -45.20 -12.84 -14.47
CA ILE D 148 -44.56 -13.89 -15.25
C ILE D 148 -45.60 -14.96 -15.50
N ILE D 149 -46.14 -14.99 -16.72
CA ILE D 149 -47.09 -16.06 -17.07
C ILE D 149 -46.38 -17.40 -17.01
N ARG D 150 -47.16 -18.44 -16.71
CA ARG D 150 -46.60 -19.77 -16.48
C ARG D 150 -46.37 -20.48 -17.81
N ASP D 151 -45.34 -21.33 -17.82
CA ASP D 151 -45.00 -22.13 -18.97
C ASP D 151 -43.94 -23.13 -18.55
N ILE D 152 -44.05 -24.36 -19.05
CA ILE D 152 -43.04 -25.37 -18.77
C ILE D 152 -41.70 -24.85 -19.23
N ILE D 153 -40.71 -24.88 -18.33
CA ILE D 153 -39.40 -24.31 -18.62
C ILE D 153 -38.57 -25.34 -19.38
N LYS D 154 -38.21 -25.02 -20.62
CA LYS D 154 -37.42 -25.90 -21.47
C LYS D 154 -35.95 -25.52 -21.31
N LEU D 155 -35.27 -26.20 -20.38
CA LEU D 155 -33.85 -25.98 -20.15
C LEU D 155 -33.07 -27.19 -20.65
N PRO D 156 -32.44 -27.12 -21.82
CA PRO D 156 -31.69 -28.28 -22.31
C PRO D 156 -30.56 -28.64 -21.36
N SER D 157 -30.32 -29.94 -21.23
CA SER D 157 -29.22 -30.43 -20.40
C SER D 157 -27.93 -30.61 -21.18
N VAL D 158 -28.01 -30.76 -22.49
CA VAL D 158 -26.85 -31.06 -23.33
C VAL D 158 -26.78 -30.05 -24.46
N TYR D 159 -25.59 -29.49 -24.68
CA TYR D 159 -25.35 -28.62 -25.82
C TYR D 159 -24.00 -28.98 -26.43
N VAL D 160 -23.90 -28.83 -27.74
CA VAL D 160 -22.70 -29.16 -28.49
C VAL D 160 -22.25 -27.92 -29.24
N LYS D 161 -21.03 -27.46 -28.95
CA LYS D 161 -20.46 -26.30 -29.61
C LYS D 161 -19.04 -26.62 -30.07
N LYS D 162 -18.76 -26.34 -31.34
CA LYS D 162 -17.45 -26.60 -31.90
C LYS D 162 -16.38 -25.80 -31.17
N ILE D 163 -15.12 -26.16 -31.43
CA ILE D 163 -13.97 -25.41 -30.97
C ILE D 163 -13.39 -24.67 -32.17
N LYS D 164 -13.05 -23.39 -31.95
CA LYS D 164 -12.79 -22.49 -33.08
C LYS D 164 -11.67 -23.03 -33.97
N GLU D 165 -10.57 -23.48 -33.38
CA GLU D 165 -9.34 -23.75 -34.12
C GLU D 165 -8.96 -25.22 -34.13
N THR D 166 -9.85 -26.12 -33.75
CA THR D 166 -9.55 -27.53 -33.69
C THR D 166 -10.74 -28.33 -34.20
N PRO D 167 -10.52 -29.57 -34.65
CA PRO D 167 -11.65 -30.41 -35.07
C PRO D 167 -12.43 -30.99 -33.91
N TYR D 168 -12.15 -30.54 -32.70
CA TYR D 168 -12.69 -31.14 -31.49
C TYR D 168 -13.91 -30.38 -31.00
N LEU D 169 -14.97 -31.13 -30.70
CA LEU D 169 -16.21 -30.56 -30.17
C LEU D 169 -16.12 -30.35 -28.67
N TYR D 170 -17.21 -29.88 -28.09
CA TYR D 170 -17.37 -29.74 -26.65
C TYR D 170 -18.81 -30.07 -26.29
N VAL D 171 -19.00 -31.07 -25.45
CA VAL D 171 -20.34 -31.56 -25.09
C VAL D 171 -20.50 -31.44 -23.59
N ARG D 172 -21.46 -30.63 -23.15
CA ARG D 172 -21.77 -30.46 -21.74
C ARG D 172 -22.94 -31.35 -21.38
N VAL D 173 -22.85 -32.03 -20.24
CA VAL D 173 -23.89 -32.94 -19.77
C VAL D 173 -24.12 -32.63 -18.30
N SER D 174 -25.10 -31.78 -18.00
CA SER D 174 -25.51 -31.49 -16.64
C SER D 174 -26.93 -31.98 -16.45
N GLY D 175 -27.12 -32.84 -15.45
CA GLY D 175 -28.38 -33.53 -15.33
C GLY D 175 -28.53 -34.54 -16.47
N PHE D 176 -29.70 -35.18 -16.47
CA PHE D 176 -30.04 -36.13 -17.53
C PHE D 176 -31.54 -36.06 -17.79
N ASP D 177 -31.88 -35.69 -19.02
CA ASP D 177 -33.26 -35.62 -19.47
C ASP D 177 -33.57 -36.81 -20.37
N LYS D 178 -34.84 -36.96 -20.73
CA LYS D 178 -35.28 -38.12 -21.50
C LYS D 178 -34.53 -38.26 -22.82
N ASN D 179 -34.05 -37.16 -23.39
CA ASN D 179 -33.41 -37.16 -24.69
C ASN D 179 -31.96 -36.72 -24.60
N VAL D 180 -31.24 -37.23 -23.60
CA VAL D 180 -29.80 -36.98 -23.52
C VAL D 180 -29.09 -37.67 -24.66
N THR D 181 -29.38 -38.97 -24.86
CA THR D 181 -28.75 -39.72 -25.93
C THR D 181 -29.07 -39.11 -27.29
N LYS D 182 -30.35 -38.76 -27.50
CA LYS D 182 -30.73 -38.13 -28.76
C LYS D 182 -30.03 -36.78 -28.92
N SER D 183 -29.90 -36.03 -27.83
CA SER D 183 -29.26 -34.73 -27.90
C SER D 183 -27.80 -34.86 -28.36
N VAL D 184 -27.05 -35.74 -27.71
CA VAL D 184 -25.64 -35.92 -28.09
C VAL D 184 -25.55 -36.47 -29.50
N LEU D 185 -26.42 -37.42 -29.86
CA LEU D 185 -26.33 -38.03 -31.18
C LEU D 185 -26.60 -37.01 -32.29
N GLU D 186 -27.64 -36.19 -32.11
CA GLU D 186 -27.92 -35.16 -33.10
C GLU D 186 -26.83 -34.10 -33.13
N GLY D 187 -26.24 -33.77 -31.97
CA GLY D 187 -25.12 -32.84 -31.97
C GLY D 187 -23.95 -33.36 -32.79
N LEU D 188 -23.61 -34.64 -32.61
CA LEU D 188 -22.54 -35.23 -33.41
C LEU D 188 -22.93 -35.26 -34.88
N LYS D 189 -24.19 -35.59 -35.18
CA LYS D 189 -24.65 -35.59 -36.58
C LYS D 189 -24.49 -34.21 -37.20
N ALA D 190 -24.70 -33.15 -36.42
CA ALA D 190 -24.57 -31.81 -36.95
C ALA D 190 -23.15 -31.50 -37.40
N ASN D 191 -22.16 -32.16 -36.81
CA ASN D 191 -20.75 -31.95 -37.12
C ASN D 191 -20.12 -33.28 -37.49
N PRO D 192 -20.38 -33.77 -38.69
CA PRO D 192 -19.88 -35.11 -39.06
C PRO D 192 -18.36 -35.23 -39.12
N LYS D 193 -17.63 -34.11 -39.17
CA LYS D 193 -16.19 -34.13 -39.36
C LYS D 193 -15.41 -33.92 -38.07
N ALA D 194 -16.06 -34.04 -36.92
CA ALA D 194 -15.34 -33.92 -35.65
C ALA D 194 -14.36 -35.08 -35.49
N LYS D 195 -13.24 -34.81 -34.82
CA LYS D 195 -12.20 -35.80 -34.59
C LYS D 195 -11.92 -36.00 -33.11
N GLY D 196 -12.88 -35.70 -32.25
CA GLY D 196 -12.70 -35.83 -30.82
C GLY D 196 -13.69 -34.99 -30.05
N ILE D 197 -14.23 -35.53 -28.96
CA ILE D 197 -15.27 -34.86 -28.19
C ILE D 197 -14.81 -34.75 -26.74
N VAL D 198 -14.86 -33.54 -26.19
CA VAL D 198 -14.55 -33.31 -24.79
C VAL D 198 -15.89 -33.46 -24.05
N LEU D 199 -16.21 -34.70 -23.69
CA LEU D 199 -17.50 -35.00 -23.05
C LEU D 199 -17.44 -34.52 -21.61
N ASP D 200 -17.73 -33.23 -21.43
CA ASP D 200 -17.69 -32.60 -20.12
C ASP D 200 -18.97 -32.94 -19.37
N LEU D 201 -18.87 -33.87 -18.43
CA LEU D 201 -19.95 -34.17 -17.49
C LEU D 201 -19.44 -33.89 -16.09
N ARG D 202 -18.81 -32.73 -15.93
CA ARG D 202 -18.09 -32.37 -14.72
C ARG D 202 -19.08 -31.96 -13.64
N GLY D 203 -19.01 -32.61 -12.48
CA GLY D 203 -19.83 -32.26 -11.34
C GLY D 203 -21.30 -32.62 -11.47
N ASN D 204 -21.69 -33.30 -12.54
CA ASN D 204 -23.10 -33.63 -12.75
C ASN D 204 -23.51 -34.76 -11.81
N PRO D 205 -24.50 -34.55 -10.93
CA PRO D 205 -24.78 -35.57 -9.92
C PRO D 205 -25.20 -36.91 -10.50
N GLY D 206 -26.25 -36.93 -11.30
CA GLY D 206 -26.68 -38.16 -11.93
C GLY D 206 -28.18 -38.17 -12.15
N GLY D 207 -28.74 -39.37 -12.09
CA GLY D 207 -30.15 -39.58 -12.31
C GLY D 207 -30.46 -40.01 -13.73
N LEU D 208 -31.60 -40.71 -13.89
CA LEU D 208 -32.06 -41.17 -15.20
C LEU D 208 -31.06 -42.14 -15.83
N LEU D 209 -30.87 -43.27 -15.15
CA LEU D 209 -29.90 -44.25 -15.62
C LEU D 209 -30.25 -44.77 -17.02
N ASN D 210 -31.53 -44.78 -17.39
CA ASN D 210 -31.91 -45.35 -18.66
C ASN D 210 -31.31 -44.60 -19.84
N GLN D 211 -30.83 -43.38 -19.62
CA GLN D 211 -30.15 -42.60 -20.66
C GLN D 211 -28.63 -42.69 -20.59
N ALA D 212 -28.08 -42.96 -19.40
CA ALA D 212 -26.64 -43.20 -19.31
C ALA D 212 -26.24 -44.44 -20.09
N VAL D 213 -27.04 -45.51 -19.97
CA VAL D 213 -26.74 -46.73 -20.71
C VAL D 213 -26.81 -46.49 -22.20
N GLY D 214 -27.81 -45.72 -22.65
CA GLY D 214 -27.88 -45.38 -24.06
C GLY D 214 -26.67 -44.57 -24.52
N LEU D 215 -26.25 -43.61 -23.72
CA LEU D 215 -25.08 -42.80 -24.06
C LEU D 215 -23.85 -43.68 -24.20
N SER D 216 -23.58 -44.52 -23.21
CA SER D 216 -22.41 -45.40 -23.28
C SER D 216 -22.52 -46.35 -24.46
N ASN D 217 -23.71 -46.89 -24.71
CA ASN D 217 -23.91 -47.80 -25.83
C ASN D 217 -23.68 -47.10 -27.16
N LEU D 218 -23.88 -45.78 -27.20
CA LEU D 218 -23.63 -45.04 -28.43
C LEU D 218 -22.18 -45.15 -28.89
N PHE D 219 -21.27 -45.51 -27.99
CA PHE D 219 -19.85 -45.63 -28.30
C PHE D 219 -19.35 -47.07 -28.25
N ILE D 220 -19.53 -47.74 -27.11
CA ILE D 220 -18.98 -49.09 -26.97
C ILE D 220 -19.73 -50.05 -27.88
N LYS D 221 -19.07 -51.17 -28.20
CA LYS D 221 -19.64 -52.18 -29.08
C LYS D 221 -19.95 -53.51 -28.39
N GLU D 222 -19.27 -53.83 -27.30
CA GLU D 222 -19.55 -55.03 -26.53
C GLU D 222 -20.13 -54.68 -25.15
N GLY D 223 -19.41 -53.89 -24.37
CA GLY D 223 -19.97 -53.22 -23.21
C GLY D 223 -20.80 -54.05 -22.25
N VAL D 224 -21.66 -53.38 -21.52
CA VAL D 224 -22.54 -53.99 -20.52
C VAL D 224 -23.91 -53.34 -20.64
N LEU D 225 -24.96 -54.12 -20.37
CA LEU D 225 -26.33 -53.64 -20.61
C LEU D 225 -26.79 -52.77 -19.45
N VAL D 226 -26.91 -53.35 -18.25
CA VAL D 226 -27.06 -52.60 -17.01
C VAL D 226 -26.20 -53.31 -15.96
N SER D 227 -25.18 -52.63 -15.46
CA SER D 227 -24.20 -53.26 -14.57
C SER D 227 -24.60 -53.02 -13.12
N GLN D 228 -25.62 -53.74 -12.68
CA GLN D 228 -26.07 -53.69 -11.29
C GLN D 228 -26.56 -55.07 -10.88
N LYS D 229 -26.50 -55.35 -9.58
CA LYS D 229 -26.91 -56.64 -9.04
C LYS D 229 -28.06 -56.55 -8.06
N GLY D 230 -27.99 -55.66 -7.08
CA GLY D 230 -29.04 -55.57 -6.07
C GLY D 230 -28.98 -56.67 -5.04
N LYS D 231 -30.09 -56.83 -4.32
CA LYS D 231 -30.21 -57.83 -3.27
C LYS D 231 -30.81 -59.13 -3.81
N ASN D 232 -32.03 -59.06 -4.33
CA ASN D 232 -32.67 -60.24 -4.89
C ASN D 232 -32.03 -60.61 -6.23
N LYS D 233 -31.92 -61.91 -6.48
CA LYS D 233 -31.23 -62.38 -7.68
C LYS D 233 -31.92 -61.91 -8.95
N GLU D 234 -33.25 -61.77 -8.92
CA GLU D 234 -33.99 -61.36 -10.11
C GLU D 234 -33.64 -59.94 -10.55
N GLU D 235 -33.19 -59.09 -9.64
CA GLU D 235 -32.95 -57.69 -9.97
C GLU D 235 -31.66 -57.47 -10.74
N SER D 236 -30.70 -58.38 -10.67
CA SER D 236 -29.43 -58.19 -11.38
C SER D 236 -29.68 -58.15 -12.88
N LEU D 237 -28.92 -57.29 -13.57
CA LEU D 237 -29.09 -57.08 -15.01
C LEU D 237 -27.75 -56.94 -15.72
N GLU D 238 -26.69 -57.55 -15.21
CA GLU D 238 -25.33 -57.37 -15.74
C GLU D 238 -25.15 -58.20 -17.01
N TYR D 239 -25.82 -57.75 -18.07
CA TYR D 239 -25.76 -58.35 -19.39
C TYR D 239 -24.77 -57.56 -20.27
N LYS D 240 -24.79 -57.84 -21.57
CA LYS D 240 -23.97 -57.13 -22.55
C LYS D 240 -24.80 -56.10 -23.31
N ALA D 241 -24.13 -55.03 -23.72
CA ALA D 241 -24.77 -53.99 -24.52
C ALA D 241 -24.72 -54.35 -26.00
N ASN D 242 -25.63 -53.75 -26.76
CA ASN D 242 -25.73 -54.05 -28.18
C ASN D 242 -24.57 -53.43 -28.96
N GLY D 243 -24.36 -53.94 -30.17
CA GLY D 243 -23.23 -53.54 -30.98
C GLY D 243 -23.59 -52.64 -32.14
N ARG D 244 -24.60 -51.79 -31.95
CA ARG D 244 -25.05 -50.85 -32.98
C ARG D 244 -24.47 -49.45 -32.80
N ALA D 245 -23.30 -49.34 -32.17
CA ALA D 245 -22.72 -48.03 -31.88
C ALA D 245 -22.09 -47.45 -33.14
N PRO D 246 -22.49 -46.26 -33.60
CA PRO D 246 -21.88 -45.68 -34.80
C PRO D 246 -20.44 -45.24 -34.58
N TYR D 247 -20.21 -44.44 -33.53
CA TYR D 247 -18.90 -43.83 -33.29
C TYR D 247 -18.09 -44.74 -32.38
N THR D 248 -17.47 -45.75 -32.97
CA THR D 248 -16.74 -46.76 -32.21
C THR D 248 -15.24 -46.47 -32.12
N ASN D 249 -14.74 -45.43 -32.78
CA ASN D 249 -13.31 -45.12 -32.76
C ASN D 249 -13.05 -43.62 -32.63
N LEU D 250 -14.05 -42.86 -32.22
CA LEU D 250 -13.89 -41.42 -32.07
C LEU D 250 -13.14 -41.11 -30.77
N PRO D 251 -12.03 -40.37 -30.81
CA PRO D 251 -11.34 -40.03 -29.57
C PRO D 251 -12.24 -39.30 -28.60
N ILE D 252 -12.06 -39.58 -27.31
CA ILE D 252 -12.90 -39.01 -26.27
C ILE D 252 -12.03 -38.62 -25.08
N ALA D 253 -12.53 -37.67 -24.29
CA ALA D 253 -11.90 -37.30 -23.03
C ALA D 253 -12.99 -36.71 -22.15
N VAL D 254 -13.50 -37.51 -21.22
CA VAL D 254 -14.60 -37.10 -20.36
C VAL D 254 -14.03 -36.40 -19.13
N LEU D 255 -14.61 -35.26 -18.79
CA LEU D 255 -14.15 -34.46 -17.66
C LEU D 255 -15.05 -34.70 -16.46
N VAL D 256 -14.45 -35.10 -15.34
CA VAL D 256 -15.19 -35.43 -14.13
C VAL D 256 -14.71 -34.50 -13.01
N ASN D 257 -15.51 -34.46 -11.95
CA ASN D 257 -15.25 -33.60 -10.79
C ASN D 257 -15.95 -34.21 -9.59
N GLY D 258 -15.53 -33.76 -8.41
CA GLY D 258 -16.06 -34.32 -7.17
C GLY D 258 -17.58 -34.47 -7.16
N GLY D 259 -18.28 -33.63 -7.92
CA GLY D 259 -19.73 -33.68 -7.91
C GLY D 259 -20.29 -34.97 -8.49
N SER D 260 -19.74 -35.41 -9.62
CA SER D 260 -20.27 -36.57 -10.33
C SER D 260 -20.43 -37.76 -9.39
N ALA D 261 -21.67 -38.23 -9.23
CA ALA D 261 -21.97 -39.23 -8.21
C ALA D 261 -22.44 -40.57 -8.77
N SER D 262 -23.55 -40.61 -9.51
CA SER D 262 -24.17 -41.88 -9.87
C SER D 262 -24.25 -42.12 -11.37
N ALA D 263 -24.89 -41.22 -12.12
CA ALA D 263 -25.08 -41.47 -13.54
C ALA D 263 -23.87 -41.05 -14.36
N SER D 264 -23.22 -39.95 -13.96
CA SER D 264 -21.95 -39.58 -14.54
C SER D 264 -20.81 -40.44 -14.02
N GLU D 265 -21.07 -41.27 -13.00
CA GLU D 265 -20.08 -42.20 -12.51
C GLU D 265 -20.18 -43.58 -13.15
N ILE D 266 -21.19 -43.81 -13.99
CA ILE D 266 -21.34 -45.11 -14.65
C ILE D 266 -21.08 -44.94 -16.14
N VAL D 267 -21.28 -43.73 -16.66
CA VAL D 267 -20.91 -43.47 -18.05
C VAL D 267 -19.43 -43.19 -18.16
N ALA D 268 -18.85 -42.50 -17.17
CA ALA D 268 -17.41 -42.32 -17.14
C ALA D 268 -16.71 -43.62 -16.76
N GLY D 269 -17.16 -44.27 -15.70
CA GLY D 269 -16.52 -45.50 -15.26
C GLY D 269 -16.61 -46.62 -16.27
N ALA D 270 -17.76 -46.71 -16.96
CA ALA D 270 -17.92 -47.75 -17.97
C ALA D 270 -16.91 -47.56 -19.10
N LEU D 271 -16.71 -46.33 -19.56
CA LEU D 271 -15.74 -46.08 -20.60
C LEU D 271 -14.33 -46.41 -20.15
N GLN D 272 -13.99 -46.07 -18.90
CA GLN D 272 -12.64 -46.29 -18.41
C GLN D 272 -12.29 -47.77 -18.40
N ASP D 273 -13.23 -48.62 -17.97
CA ASP D 273 -12.92 -50.04 -17.86
C ASP D 273 -12.87 -50.71 -19.23
N HIS D 274 -13.47 -50.11 -20.24
CA HIS D 274 -13.32 -50.55 -21.62
C HIS D 274 -12.23 -49.78 -22.35
N LYS D 275 -11.55 -48.87 -21.66
CA LYS D 275 -10.45 -48.10 -22.23
C LYS D 275 -10.89 -47.42 -23.53
N ARG D 276 -12.12 -46.92 -23.54
CA ARG D 276 -12.66 -46.19 -24.68
C ARG D 276 -12.52 -44.67 -24.54
N ALA D 277 -11.91 -44.19 -23.46
CA ALA D 277 -11.81 -42.75 -23.24
C ALA D 277 -10.78 -42.50 -22.15
N VAL D 278 -10.44 -41.22 -21.98
CA VAL D 278 -9.47 -40.76 -21.00
C VAL D 278 -10.18 -39.82 -20.04
N ILE D 279 -10.24 -40.20 -18.78
CA ILE D 279 -10.99 -39.46 -17.77
C ILE D 279 -10.04 -38.46 -17.10
N ILE D 280 -10.38 -37.18 -17.21
CA ILE D 280 -9.50 -36.09 -16.81
C ILE D 280 -10.23 -35.22 -15.81
N GLY D 281 -9.58 -34.93 -14.69
CA GLY D 281 -10.17 -34.06 -13.69
C GLY D 281 -9.74 -34.41 -12.28
N GLU D 282 -10.71 -34.47 -11.38
CA GLU D 282 -10.44 -34.75 -9.97
C GLU D 282 -11.34 -35.89 -9.50
N LYS D 283 -10.97 -36.49 -8.38
CA LYS D 283 -11.69 -37.64 -7.86
C LYS D 283 -13.17 -37.33 -7.72
N THR D 284 -14.00 -38.37 -7.71
CA THR D 284 -15.45 -38.23 -7.77
C THR D 284 -16.08 -38.64 -6.43
N PHE D 285 -17.41 -38.62 -6.41
CA PHE D 285 -18.16 -38.73 -5.16
C PHE D 285 -18.23 -40.16 -4.64
N GLY D 286 -18.08 -41.16 -5.50
CA GLY D 286 -18.19 -42.54 -5.06
C GLY D 286 -19.58 -42.94 -4.59
N LYS D 287 -20.62 -42.53 -5.32
CA LYS D 287 -22.00 -42.84 -4.95
C LYS D 287 -22.44 -44.08 -5.73
N GLY D 288 -22.05 -45.23 -5.21
CA GLY D 288 -22.40 -46.49 -5.84
C GLY D 288 -23.69 -47.10 -5.32
N SER D 289 -24.82 -46.46 -5.61
CA SER D 289 -26.12 -46.97 -5.19
C SER D 289 -27.21 -46.32 -6.03
N VAL D 290 -28.38 -46.95 -6.03
CA VAL D 290 -29.57 -46.44 -6.69
C VAL D 290 -30.71 -46.44 -5.69
N GLN D 291 -31.74 -45.65 -5.98
CA GLN D 291 -32.87 -45.49 -5.06
C GLN D 291 -34.17 -45.56 -5.84
N MET D 292 -35.01 -46.53 -5.50
CA MET D 292 -36.38 -46.63 -6.02
C MET D 292 -37.33 -45.91 -5.08
N LEU D 293 -38.31 -45.23 -5.67
CA LEU D 293 -39.29 -44.46 -4.90
C LEU D 293 -40.59 -45.27 -4.78
N LEU D 294 -40.50 -46.34 -4.01
CA LEU D 294 -41.62 -47.26 -3.86
C LEU D 294 -42.65 -46.68 -2.88
N PRO D 295 -43.90 -46.49 -3.29
CA PRO D 295 -44.92 -46.01 -2.34
C PRO D 295 -45.34 -47.08 -1.34
N VAL D 296 -45.90 -46.62 -0.22
CA VAL D 296 -46.48 -47.49 0.79
C VAL D 296 -47.55 -46.70 1.54
N ASN D 297 -48.40 -47.43 2.28
CA ASN D 297 -49.47 -46.83 3.06
C ASN D 297 -50.36 -45.95 2.20
N LYS D 298 -50.38 -44.64 2.47
CA LYS D 298 -51.31 -43.74 1.79
C LYS D 298 -50.62 -43.06 0.60
N ASP D 299 -50.13 -43.89 -0.32
CA ASP D 299 -49.49 -43.42 -1.54
C ASP D 299 -48.40 -42.39 -1.22
N GLU D 300 -47.40 -42.84 -0.45
CA GLU D 300 -46.29 -42.01 -0.04
C GLU D 300 -44.99 -42.76 -0.33
N ALA D 301 -44.10 -42.12 -1.08
CA ALA D 301 -42.89 -42.77 -1.58
C ALA D 301 -41.87 -42.91 -0.46
N ILE D 302 -41.63 -44.14 -0.03
CA ILE D 302 -40.57 -44.43 0.96
C ILE D 302 -39.31 -44.68 0.14
N LYS D 303 -38.63 -43.58 -0.21
CA LYS D 303 -37.43 -43.69 -1.03
C LYS D 303 -36.35 -44.42 -0.25
N ILE D 304 -35.74 -45.43 -0.89
CA ILE D 304 -34.77 -46.27 -0.22
C ILE D 304 -33.86 -46.88 -1.28
N THR D 305 -32.60 -47.11 -0.91
CA THR D 305 -31.67 -47.74 -1.82
C THR D 305 -32.08 -49.18 -2.10
N THR D 306 -31.94 -49.60 -3.35
CA THR D 306 -32.33 -50.93 -3.78
C THR D 306 -31.25 -51.72 -4.51
N ALA D 307 -30.21 -51.07 -5.02
CA ALA D 307 -29.15 -51.80 -5.72
C ALA D 307 -27.86 -51.02 -5.66
N ARG D 308 -26.75 -51.76 -5.78
CA ARG D 308 -25.40 -51.22 -5.76
C ARG D 308 -24.79 -51.39 -7.14
N TYR D 309 -24.51 -50.28 -7.82
CA TYR D 309 -23.92 -50.35 -9.15
C TYR D 309 -22.52 -50.97 -9.08
N TYR D 310 -22.22 -51.82 -10.06
CA TYR D 310 -20.91 -52.40 -10.24
C TYR D 310 -20.38 -52.03 -11.62
N LEU D 311 -19.11 -51.63 -11.69
CA LEU D 311 -18.50 -51.35 -12.97
C LEU D 311 -18.21 -52.64 -13.71
N PRO D 312 -17.99 -52.56 -15.04
CA PRO D 312 -17.78 -53.80 -15.80
C PRO D 312 -16.65 -54.66 -15.27
N SER D 313 -15.56 -54.06 -14.80
CA SER D 313 -14.42 -54.83 -14.33
C SER D 313 -14.73 -55.63 -13.07
N GLY D 314 -15.82 -55.33 -12.38
CA GLY D 314 -16.18 -56.00 -11.15
C GLY D 314 -15.88 -55.20 -9.90
N ARG D 315 -15.04 -54.17 -9.99
CA ARG D 315 -14.78 -53.31 -8.85
C ARG D 315 -16.02 -52.48 -8.52
N THR D 316 -16.01 -51.89 -7.32
CA THR D 316 -17.13 -51.11 -6.84
C THR D 316 -16.73 -49.65 -6.70
N ILE D 317 -17.60 -48.75 -7.15
CA ILE D 317 -17.34 -47.33 -7.05
C ILE D 317 -17.64 -46.78 -5.65
N GLN D 318 -18.46 -47.48 -4.88
CA GLN D 318 -18.90 -46.95 -3.59
C GLN D 318 -17.70 -46.68 -2.68
N ALA D 319 -17.67 -45.47 -2.12
CA ALA D 319 -16.65 -45.06 -1.15
C ALA D 319 -15.24 -45.16 -1.73
N LYS D 320 -15.10 -45.13 -3.05
CA LYS D 320 -13.79 -45.27 -3.69
C LYS D 320 -13.52 -44.25 -4.78
N GLY D 321 -14.54 -43.63 -5.36
CA GLY D 321 -14.32 -42.65 -6.41
C GLY D 321 -14.06 -43.31 -7.75
N ILE D 322 -13.66 -42.47 -8.71
CA ILE D 322 -13.39 -42.92 -10.07
C ILE D 322 -11.94 -42.72 -10.48
N THR D 323 -11.12 -42.07 -9.64
CA THR D 323 -9.68 -41.93 -9.84
C THR D 323 -9.33 -41.62 -11.29
N PRO D 324 -9.56 -40.39 -11.74
CA PRO D 324 -9.26 -40.05 -13.13
C PRO D 324 -7.81 -40.32 -13.47
N ASP D 325 -7.57 -40.73 -14.72
CA ASP D 325 -6.22 -41.08 -15.15
C ASP D 325 -5.29 -39.88 -15.05
N ILE D 326 -5.74 -38.72 -15.50
CA ILE D 326 -4.95 -37.49 -15.51
C ILE D 326 -5.55 -36.58 -14.45
N VAL D 327 -4.99 -36.61 -13.25
CA VAL D 327 -5.53 -35.85 -12.12
C VAL D 327 -5.01 -34.43 -12.19
N ILE D 328 -5.92 -33.48 -12.36
CA ILE D 328 -5.58 -32.05 -12.40
C ILE D 328 -6.77 -31.27 -11.87
N TYR D 329 -6.49 -30.28 -11.04
CA TYR D 329 -7.52 -29.49 -10.37
C TYR D 329 -7.70 -28.15 -11.05
N PRO D 330 -8.82 -27.46 -10.80
CA PRO D 330 -9.07 -26.20 -11.50
C PRO D 330 -8.00 -25.17 -11.25
N GLY D 331 -7.75 -24.34 -12.26
CA GLY D 331 -6.74 -23.31 -12.15
C GLY D 331 -6.68 -22.49 -13.42
N LYS D 332 -5.56 -21.80 -13.59
CA LYS D 332 -5.31 -20.98 -14.76
C LYS D 332 -4.02 -21.42 -15.44
N VAL D 333 -3.97 -21.26 -16.76
CA VAL D 333 -2.79 -21.64 -17.53
C VAL D 333 -1.76 -20.51 -17.42
N PRO D 334 -0.55 -20.79 -16.93
CA PRO D 334 0.43 -19.70 -16.78
C PRO D 334 0.84 -19.12 -18.14
N GLU D 335 1.22 -17.85 -18.12
CA GLU D 335 1.71 -17.15 -19.29
C GLU D 335 2.82 -16.20 -18.87
N ASN D 336 3.71 -15.89 -19.82
CA ASN D 336 4.82 -14.96 -19.60
C ASN D 336 4.74 -13.86 -20.65
N GLU D 337 4.68 -12.61 -20.20
CA GLU D 337 4.60 -11.48 -21.09
C GLU D 337 5.13 -10.24 -20.37
N ASN D 338 5.74 -9.35 -21.15
CA ASN D 338 6.31 -8.11 -20.61
C ASN D 338 5.55 -6.87 -21.04
N LYS D 339 4.98 -6.86 -22.24
CA LYS D 339 4.19 -5.74 -22.72
C LYS D 339 2.90 -6.27 -23.33
N PHE D 340 1.87 -5.43 -23.31
CA PHE D 340 0.57 -5.85 -23.83
C PHE D 340 0.70 -6.31 -25.27
N SER D 341 0.08 -7.46 -25.58
CA SER D 341 0.09 -7.94 -26.96
C SER D 341 -0.54 -6.93 -27.90
N LEU D 342 -1.63 -6.28 -27.47
CA LEU D 342 -2.23 -5.19 -28.21
C LEU D 342 -1.54 -3.89 -27.83
N LYS D 343 -1.45 -2.96 -28.79
CA LYS D 343 -0.83 -1.67 -28.50
C LYS D 343 -1.53 -1.00 -27.33
N GLU D 344 -2.86 -0.98 -27.35
CA GLU D 344 -3.66 -0.57 -26.21
C GLU D 344 -4.90 -1.45 -26.15
N ALA D 345 -5.47 -1.57 -24.95
CA ALA D 345 -6.63 -2.44 -24.78
C ALA D 345 -7.78 -2.03 -25.68
N ASP D 346 -7.88 -0.75 -26.01
CA ASP D 346 -8.96 -0.24 -26.84
C ASP D 346 -8.52 0.14 -28.25
N LEU D 347 -7.24 0.02 -28.57
CA LEU D 347 -6.72 0.38 -29.88
C LEU D 347 -5.97 -0.80 -30.49
N LYS D 348 -5.81 -0.76 -31.81
CA LYS D 348 -5.10 -1.76 -32.60
C LYS D 348 -5.90 -3.04 -32.78
N HIS D 349 -7.07 -3.17 -32.16
CA HIS D 349 -7.88 -4.38 -32.27
C HIS D 349 -8.74 -4.40 -33.53
N HIS D 350 -8.72 -3.35 -34.33
CA HIS D 350 -9.55 -3.27 -35.53
C HIS D 350 -9.17 -4.37 -36.51
N GLU D 375 -23.39 -15.10 -30.58
CA GLU D 375 -22.48 -15.66 -31.57
C GLU D 375 -21.15 -16.04 -30.92
N GLU D 376 -20.87 -15.46 -29.75
CA GLU D 376 -19.67 -15.85 -29.01
C GLU D 376 -19.75 -17.31 -28.58
N GLU D 377 -20.93 -17.77 -28.20
CA GLU D 377 -21.13 -19.18 -27.83
C GLU D 377 -21.08 -20.11 -29.03
N LYS D 378 -21.04 -19.57 -30.25
CA LYS D 378 -21.08 -20.42 -31.44
C LYS D 378 -19.89 -21.39 -31.46
N GLU D 379 -18.82 -21.07 -30.75
CA GLU D 379 -17.69 -21.99 -30.65
C GLU D 379 -16.76 -21.50 -29.55
N VAL D 380 -16.13 -22.46 -28.88
CA VAL D 380 -15.16 -22.14 -27.83
C VAL D 380 -14.01 -21.33 -28.44
N THR D 381 -13.42 -20.46 -27.62
CA THR D 381 -12.30 -19.63 -28.02
C THR D 381 -11.23 -19.69 -26.95
N PRO D 382 -9.96 -19.46 -27.31
CA PRO D 382 -8.89 -19.62 -26.32
C PRO D 382 -9.07 -18.78 -25.07
N LYS D 383 -9.77 -17.65 -25.16
CA LYS D 383 -9.92 -16.79 -23.98
C LYS D 383 -10.66 -17.51 -22.87
N MET D 384 -11.59 -18.40 -23.21
CA MET D 384 -12.29 -19.17 -22.19
C MET D 384 -11.56 -20.46 -21.83
N ILE D 385 -10.81 -21.02 -22.78
CA ILE D 385 -10.01 -22.20 -22.49
C ILE D 385 -8.96 -21.88 -21.44
N ASN D 386 -8.28 -20.74 -21.60
CA ASN D 386 -7.22 -20.38 -20.65
C ASN D 386 -7.77 -20.12 -19.25
N ASP D 387 -9.07 -19.87 -19.11
CA ASP D 387 -9.65 -19.70 -17.80
C ASP D 387 -9.78 -21.01 -17.04
N ASP D 388 -9.90 -22.13 -17.77
CA ASP D 388 -10.10 -23.45 -17.16
C ASP D 388 -9.00 -24.37 -17.64
N ILE D 389 -8.03 -24.67 -16.76
CA ILE D 389 -6.92 -25.52 -17.14
C ILE D 389 -7.38 -26.92 -17.51
N GLN D 390 -8.50 -27.38 -16.94
CA GLN D 390 -8.93 -28.75 -17.17
C GLN D 390 -9.37 -28.97 -18.61
N LEU D 391 -10.09 -28.00 -19.18
CA LEU D 391 -10.49 -28.13 -20.59
C LEU D 391 -9.26 -28.11 -21.49
N LYS D 392 -8.26 -27.31 -21.13
CA LYS D 392 -7.00 -27.32 -21.87
C LYS D 392 -6.35 -28.69 -21.81
N THR D 393 -6.33 -29.31 -20.63
CA THR D 393 -5.75 -30.64 -20.50
C THR D 393 -6.52 -31.66 -21.33
N ALA D 394 -7.84 -31.53 -21.37
CA ALA D 394 -8.65 -32.43 -22.19
C ALA D 394 -8.31 -32.28 -23.66
N ILE D 395 -8.16 -31.03 -24.13
CA ILE D 395 -7.80 -30.82 -25.52
C ILE D 395 -6.42 -31.38 -25.82
N ASP D 396 -5.49 -31.25 -24.85
CA ASP D 396 -4.16 -31.82 -25.03
C ASP D 396 -4.23 -33.34 -25.15
N SER D 397 -5.06 -33.98 -24.31
CA SER D 397 -5.20 -35.43 -24.39
C SER D 397 -5.80 -35.85 -25.72
N LEU D 398 -6.78 -35.09 -26.21
CA LEU D 398 -7.34 -35.39 -27.53
C LEU D 398 -6.29 -35.24 -28.62
N LYS D 399 -5.42 -34.23 -28.50
CA LYS D 399 -4.37 -34.05 -29.50
C LYS D 399 -3.37 -35.21 -29.48
N THR D 400 -3.02 -35.67 -28.28
CA THR D 400 -2.16 -36.86 -28.18
C THR D 400 -2.83 -38.07 -28.80
N TRP D 401 -4.12 -38.24 -28.56
CA TRP D 401 -4.85 -39.34 -29.17
C TRP D 401 -4.82 -39.25 -30.68
N SER D 402 -5.02 -38.04 -31.23
CA SER D 402 -4.99 -37.87 -32.67
C SER D 402 -3.62 -38.22 -33.24
N ILE D 403 -2.55 -37.76 -32.59
CA ILE D 403 -1.21 -38.07 -33.07
C ILE D 403 -0.96 -39.58 -33.03
N VAL D 404 -1.39 -40.23 -31.94
CA VAL D 404 -1.19 -41.68 -31.84
C VAL D 404 -1.95 -42.40 -32.93
N ASP D 405 -3.19 -41.98 -33.19
CA ASP D 405 -3.99 -42.64 -34.22
C ASP D 405 -3.36 -42.45 -35.60
N GLU D 406 -2.80 -41.26 -35.85
CA GLU D 406 -2.13 -41.03 -37.13
C GLU D 406 -0.86 -41.85 -37.27
N LYS D 407 -0.27 -42.31 -36.17
CA LYS D 407 0.93 -43.13 -36.23
C LYS D 407 0.66 -44.52 -36.78
N MET D 408 -0.60 -44.92 -36.90
CA MET D 408 -0.97 -46.24 -37.39
C MET D 408 -1.20 -46.29 -38.90
N ASP D 409 -0.99 -45.17 -39.61
CA ASP D 409 -1.19 -45.14 -41.05
C ASP D 409 -0.24 -46.09 -41.76
N HIS E 7 33.12 -2.34 -66.65
CA HIS E 7 33.43 -3.46 -65.72
C HIS E 7 32.49 -3.41 -64.51
N MET E 8 31.79 -4.52 -64.26
CA MET E 8 30.93 -4.60 -63.09
C MET E 8 31.73 -4.47 -61.81
N PHE E 9 33.00 -4.91 -61.83
CA PHE E 9 33.87 -4.83 -60.66
C PHE E 9 34.39 -3.42 -60.41
N SER E 10 34.15 -2.48 -61.34
CA SER E 10 34.77 -1.17 -61.24
C SER E 10 34.34 -0.43 -59.98
N ARG E 11 33.05 -0.48 -59.64
CA ARG E 11 32.51 0.41 -58.62
C ARG E 11 33.32 0.36 -57.33
N PHE E 12 33.73 -0.84 -56.91
CA PHE E 12 34.49 -0.95 -55.66
C PHE E 12 35.81 -0.21 -55.75
N SER E 13 36.59 -0.48 -56.79
CA SER E 13 37.87 0.21 -56.95
C SER E 13 37.67 1.71 -57.10
N ASN E 14 36.60 2.13 -57.78
CA ASN E 14 36.30 3.55 -57.90
C ASN E 14 36.06 4.17 -56.54
N VAL E 15 35.31 3.49 -55.68
CA VAL E 15 35.04 4.02 -54.34
C VAL E 15 36.32 4.08 -53.53
N VAL E 16 37.10 2.99 -53.53
CA VAL E 16 38.30 2.94 -52.71
C VAL E 16 39.29 4.02 -53.15
N SER E 17 39.33 4.32 -54.45
CA SER E 17 40.23 5.37 -54.93
C SER E 17 39.86 6.71 -54.31
N GLU E 18 38.57 6.99 -54.18
CA GLU E 18 38.14 8.23 -53.54
C GLU E 18 38.61 8.30 -52.10
N ILE E 19 38.52 7.19 -51.36
CA ILE E 19 38.95 7.18 -49.97
C ILE E 19 40.44 7.51 -49.88
N GLU E 20 41.23 7.02 -50.84
CA GLU E 20 42.67 7.22 -50.78
C GLU E 20 43.04 8.70 -50.76
N LYS E 21 42.29 9.55 -51.48
CA LYS E 21 42.64 10.95 -51.61
C LYS E 21 41.91 11.86 -50.64
N LYS E 22 40.75 11.45 -50.13
CA LYS E 22 39.98 12.24 -49.19
C LYS E 22 39.94 11.57 -47.82
N TYR E 23 41.08 11.02 -47.42
CA TYR E 23 41.22 10.39 -46.12
C TYR E 23 41.05 11.41 -44.99
N VAL E 24 40.53 10.93 -43.87
CA VAL E 24 40.68 11.61 -42.60
C VAL E 24 41.64 10.87 -41.66
N ASP E 25 41.78 9.56 -41.82
CA ASP E 25 42.79 8.78 -41.12
C ASP E 25 44.07 8.77 -41.96
N LYS E 26 45.04 7.95 -41.58
CA LYS E 26 46.27 7.76 -42.33
C LYS E 26 46.58 6.27 -42.33
N ILE E 27 46.08 5.56 -43.35
CA ILE E 27 46.25 4.12 -43.44
C ILE E 27 46.22 3.71 -44.91
N SER E 28 46.99 2.67 -45.24
CA SER E 28 47.18 2.26 -46.62
C SER E 28 45.96 1.51 -47.13
N ILE E 29 46.01 1.13 -48.41
CA ILE E 29 44.93 0.38 -49.04
C ILE E 29 44.73 -0.98 -48.41
N SER E 30 45.77 -1.52 -47.76
CA SER E 30 45.62 -2.79 -47.07
C SER E 30 44.49 -2.71 -46.05
N GLU E 31 44.47 -1.65 -45.26
CA GLU E 31 43.41 -1.53 -44.25
C GLU E 31 42.05 -1.30 -44.89
N ILE E 32 41.99 -0.55 -45.99
CA ILE E 32 40.69 -0.33 -46.64
C ILE E 32 40.15 -1.63 -47.18
N MET E 33 41.04 -2.52 -47.66
CA MET E 33 40.58 -3.84 -48.09
C MET E 33 40.16 -4.69 -46.90
N THR E 34 40.94 -4.67 -45.82
CA THR E 34 40.60 -5.48 -44.66
C THR E 34 39.25 -5.07 -44.08
N LYS E 35 38.99 -3.77 -43.98
CA LYS E 35 37.71 -3.31 -43.48
C LYS E 35 36.61 -3.45 -44.51
N ALA E 36 36.96 -3.73 -45.76
CA ALA E 36 35.95 -4.00 -46.78
C ALA E 36 35.44 -5.42 -46.68
N ILE E 37 36.36 -6.40 -46.61
CA ILE E 37 35.97 -7.79 -46.52
C ILE E 37 35.20 -8.05 -45.23
N GLU E 38 35.78 -7.61 -44.09
CA GLU E 38 35.11 -7.82 -42.82
C GLU E 38 33.77 -7.12 -42.78
N GLY E 39 33.62 -6.03 -43.53
CA GLY E 39 32.31 -5.41 -43.65
C GLY E 39 31.32 -6.28 -44.41
N LEU E 40 31.80 -6.92 -45.47
CA LEU E 40 30.91 -7.74 -46.30
C LEU E 40 30.33 -8.90 -45.51
N LEU E 41 31.20 -9.68 -44.85
CA LEU E 41 30.74 -10.87 -44.16
C LEU E 41 29.69 -10.52 -43.11
N SER E 42 29.98 -9.53 -42.27
CA SER E 42 29.02 -9.13 -41.24
C SER E 42 27.76 -8.52 -41.83
N ASN E 43 27.82 -8.03 -43.07
CA ASN E 43 26.67 -7.46 -43.74
C ASN E 43 25.92 -8.46 -44.60
N LEU E 44 26.39 -9.71 -44.66
CA LEU E 44 25.74 -10.76 -45.45
C LEU E 44 24.86 -11.65 -44.57
N ASP E 45 25.44 -12.25 -43.54
CA ASP E 45 24.70 -13.05 -42.58
C ASP E 45 25.29 -12.84 -41.20
N ALA E 46 24.48 -13.10 -40.18
CA ALA E 46 24.88 -12.80 -38.81
C ALA E 46 26.07 -13.65 -38.38
N HIS E 47 26.08 -14.93 -38.71
CA HIS E 47 27.02 -15.87 -38.12
C HIS E 47 28.40 -15.86 -38.76
N SER E 48 28.58 -15.22 -39.90
CA SER E 48 29.87 -15.27 -40.57
C SER E 48 30.87 -14.31 -39.91
N ALA E 49 32.14 -14.53 -40.21
CA ALA E 49 33.21 -13.71 -39.67
C ALA E 49 34.46 -13.88 -40.53
N TYR E 50 35.38 -12.94 -40.38
CA TYR E 50 36.65 -12.96 -41.09
C TYR E 50 37.76 -13.45 -40.17
N LEU E 51 38.77 -14.08 -40.78
CA LEU E 51 39.93 -14.59 -40.05
C LEU E 51 41.18 -14.11 -40.78
N ASN E 52 41.86 -13.13 -40.20
CA ASN E 52 43.13 -12.65 -40.74
C ASN E 52 44.20 -13.70 -40.45
N GLU E 53 45.45 -13.36 -40.75
CA GLU E 53 46.53 -14.33 -40.55
C GLU E 53 46.64 -14.76 -39.10
N LYS E 54 46.62 -13.79 -38.18
CA LYS E 54 46.79 -14.11 -36.76
C LYS E 54 45.61 -14.92 -36.23
N LYS E 55 44.38 -14.47 -36.51
CA LYS E 55 43.20 -15.18 -36.03
C LYS E 55 43.14 -16.58 -36.62
N PHE E 56 43.42 -16.71 -37.92
CA PHE E 56 43.42 -18.03 -38.55
C PHE E 56 44.47 -18.92 -37.91
N LYS E 57 45.68 -18.40 -37.67
CA LYS E 57 46.72 -19.19 -37.05
C LYS E 57 46.31 -19.67 -35.66
N GLU E 58 45.76 -18.77 -34.85
CA GLU E 58 45.43 -19.08 -33.47
C GLU E 58 44.09 -19.81 -33.32
N PHE E 59 43.32 -19.95 -34.40
CA PHE E 59 42.09 -20.73 -34.40
C PHE E 59 42.21 -22.04 -35.17
N GLN E 60 43.31 -22.25 -35.89
CA GLN E 60 43.41 -23.42 -36.76
C GLN E 60 43.67 -24.70 -35.96
N ALA E 61 44.53 -24.63 -34.94
CA ALA E 61 45.02 -25.84 -34.29
C ALA E 61 44.74 -25.89 -32.79
N GLN E 62 44.71 -24.76 -32.10
CA GLN E 62 44.58 -24.77 -30.64
C GLN E 62 43.33 -25.54 -30.22
N THR E 63 43.49 -26.39 -29.21
CA THR E 63 42.36 -27.15 -28.66
C THR E 63 42.77 -27.72 -27.31
N GLU E 64 41.97 -27.44 -26.29
CA GLU E 64 42.21 -28.02 -24.97
C GLU E 64 40.94 -27.87 -24.14
N GLY E 65 40.72 -28.82 -23.25
CA GLY E 65 39.52 -28.79 -22.42
C GLY E 65 39.52 -27.64 -21.43
N GLU E 66 40.70 -27.27 -20.91
CA GLU E 66 40.77 -26.26 -19.86
C GLU E 66 40.25 -24.92 -20.36
N PHE E 67 40.59 -24.53 -21.59
CA PHE E 67 40.23 -23.23 -22.12
C PHE E 67 38.79 -23.17 -22.63
N GLY E 68 37.94 -24.13 -22.26
CA GLY E 68 36.55 -24.06 -22.66
C GLY E 68 35.86 -22.82 -22.12
N GLY E 69 36.11 -22.50 -20.85
CA GLY E 69 35.55 -21.30 -20.26
C GLY E 69 34.20 -21.51 -19.61
N LEU E 70 33.32 -20.51 -19.72
CA LEU E 70 32.01 -20.60 -19.08
C LEU E 70 31.22 -21.79 -19.57
N GLY E 71 31.38 -22.16 -20.83
CA GLY E 71 30.66 -23.28 -21.40
C GLY E 71 29.27 -22.96 -21.90
N ILE E 72 28.86 -21.70 -21.89
CA ILE E 72 27.54 -21.31 -22.40
C ILE E 72 27.63 -21.20 -23.91
N THR E 73 26.46 -21.17 -24.56
CA THR E 73 26.38 -21.07 -26.01
C THR E 73 25.72 -19.74 -26.38
N VAL E 74 26.09 -19.22 -27.55
CA VAL E 74 25.66 -17.90 -27.98
C VAL E 74 25.15 -17.97 -29.40
N GLY E 75 24.22 -17.06 -29.72
CA GLY E 75 23.65 -16.97 -31.05
C GLY E 75 23.09 -15.58 -31.28
N MET E 76 22.68 -15.33 -32.52
CA MET E 76 22.17 -14.03 -32.93
C MET E 76 20.66 -14.09 -33.09
N ARG E 77 19.96 -13.14 -32.47
CA ARG E 77 18.50 -13.09 -32.58
C ARG E 77 18.07 -12.38 -33.86
N ASP E 78 18.27 -11.06 -33.92
CA ASP E 78 17.95 -10.31 -35.13
C ASP E 78 19.01 -9.28 -35.47
N GLY E 79 20.16 -9.29 -34.80
CA GLY E 79 21.16 -8.26 -34.94
C GLY E 79 21.72 -7.87 -33.59
N VAL E 80 20.90 -8.03 -32.56
CA VAL E 80 21.34 -7.84 -31.18
C VAL E 80 21.76 -9.20 -30.63
N LEU E 81 22.99 -9.30 -30.17
CA LEU E 81 23.51 -10.57 -29.68
C LEU E 81 22.74 -11.03 -28.45
N THR E 82 22.45 -12.33 -28.39
CA THR E 82 21.74 -12.92 -27.26
C THR E 82 22.30 -14.31 -26.99
N VAL E 83 22.40 -14.66 -25.70
CA VAL E 83 22.78 -16.02 -25.32
C VAL E 83 21.59 -16.94 -25.53
N ILE E 84 21.86 -18.14 -26.05
CA ILE E 84 20.77 -19.06 -26.38
C ILE E 84 20.38 -19.91 -25.17
N ALA E 85 21.34 -20.48 -24.46
CA ALA E 85 21.03 -21.23 -23.25
C ALA E 85 22.31 -21.56 -22.48
N PRO E 86 22.35 -21.35 -21.17
CA PRO E 86 23.52 -21.80 -20.40
C PRO E 86 23.54 -23.31 -20.26
N LEU E 87 24.71 -23.90 -20.44
CA LEU E 87 24.83 -25.35 -20.35
C LEU E 87 24.69 -25.79 -18.89
N GLU E 88 23.89 -26.82 -18.67
CA GLU E 88 23.51 -27.22 -17.31
C GLU E 88 24.74 -27.53 -16.46
N GLY E 89 24.77 -26.98 -15.25
CA GLY E 89 25.80 -27.28 -14.29
C GLY E 89 27.02 -26.37 -14.34
N THR E 90 27.19 -25.59 -15.39
CA THR E 90 28.33 -24.70 -15.49
C THR E 90 28.16 -23.52 -14.52
N PRO E 91 29.26 -22.83 -14.20
CA PRO E 91 29.13 -21.68 -13.28
C PRO E 91 28.13 -20.65 -13.76
N ALA E 92 28.04 -20.41 -15.07
CA ALA E 92 27.02 -19.50 -15.58
C ALA E 92 25.62 -20.02 -15.28
N TYR E 93 25.41 -21.33 -15.41
CA TYR E 93 24.12 -21.91 -15.09
C TYR E 93 23.77 -21.68 -13.63
N LYS E 94 24.73 -21.86 -12.72
CA LYS E 94 24.47 -21.62 -11.31
C LYS E 94 24.22 -20.15 -11.02
N ALA E 95 24.70 -19.27 -11.89
CA ALA E 95 24.45 -17.83 -11.75
C ALA E 95 23.05 -17.52 -12.30
N GLY E 96 22.76 -16.24 -12.46
CA GLY E 96 21.48 -15.79 -12.96
C GLY E 96 21.35 -15.75 -14.47
N VAL E 97 22.28 -16.37 -15.20
CA VAL E 97 22.23 -16.33 -16.65
C VAL E 97 21.02 -17.13 -17.13
N LYS E 98 20.22 -16.51 -18.00
CA LYS E 98 19.02 -17.13 -18.52
C LYS E 98 18.93 -16.88 -20.02
N SER E 99 18.26 -17.79 -20.72
CA SER E 99 18.13 -17.69 -22.17
C SER E 99 17.28 -16.48 -22.55
N GLY E 100 17.51 -15.99 -23.77
CA GLY E 100 16.76 -14.87 -24.30
C GLY E 100 17.29 -13.50 -23.93
N ASP E 101 18.33 -13.43 -23.12
CA ASP E 101 18.90 -12.14 -22.73
C ASP E 101 19.99 -11.71 -23.71
N ASN E 102 20.24 -10.41 -23.75
CA ASN E 102 21.24 -9.82 -24.63
C ASN E 102 22.51 -9.59 -23.82
N ILE E 103 23.59 -10.27 -24.18
CA ILE E 103 24.89 -10.05 -23.54
C ILE E 103 25.51 -8.83 -24.18
N LEU E 104 25.25 -7.66 -23.60
CA LEU E 104 25.65 -6.41 -24.22
C LEU E 104 27.17 -6.29 -24.31
N LYS E 105 27.89 -6.64 -23.25
CA LYS E 105 29.32 -6.45 -23.20
C LYS E 105 29.98 -7.60 -22.46
N ILE E 106 31.25 -7.85 -22.79
CA ILE E 106 32.08 -8.82 -22.09
C ILE E 106 33.36 -8.12 -21.68
N ASN E 107 33.74 -8.28 -20.41
CA ASN E 107 34.96 -7.65 -19.88
C ASN E 107 34.87 -6.13 -19.99
N ASN E 108 33.66 -5.59 -19.85
CA ASN E 108 33.43 -4.15 -19.99
C ASN E 108 33.87 -3.63 -21.35
N GLU E 109 33.80 -4.49 -22.37
CA GLU E 109 34.14 -4.15 -23.74
C GLU E 109 32.87 -4.20 -24.58
N SER E 110 32.57 -3.09 -25.26
CA SER E 110 31.38 -3.03 -26.09
C SER E 110 31.39 -4.16 -27.12
N THR E 111 30.45 -5.09 -26.98
CA THR E 111 30.33 -6.23 -27.89
C THR E 111 29.41 -5.96 -29.07
N LEU E 112 28.77 -4.80 -29.11
CA LEU E 112 27.82 -4.52 -30.19
C LEU E 112 28.52 -4.57 -31.54
N SER E 113 27.86 -5.20 -32.50
CA SER E 113 28.35 -5.30 -33.88
C SER E 113 29.73 -5.94 -33.96
N MET E 114 30.01 -6.93 -33.11
CA MET E 114 31.28 -7.64 -33.12
C MET E 114 31.02 -9.11 -33.45
N SER E 115 31.96 -9.70 -34.18
CA SER E 115 31.75 -11.06 -34.69
C SER E 115 31.56 -12.04 -33.55
N ILE E 116 30.67 -13.02 -33.78
CA ILE E 116 30.32 -13.96 -32.73
C ILE E 116 31.50 -14.84 -32.36
N ASP E 117 32.31 -15.23 -33.35
CA ASP E 117 33.47 -16.06 -33.04
C ASP E 117 34.44 -15.32 -32.10
N ASP E 118 34.45 -13.99 -32.15
CA ASP E 118 35.26 -13.24 -31.20
C ASP E 118 34.73 -13.40 -29.79
N ALA E 119 33.41 -13.37 -29.63
CA ALA E 119 32.82 -13.62 -28.32
C ALA E 119 33.14 -15.03 -27.83
N ILE E 120 33.04 -16.01 -28.73
CA ILE E 120 33.36 -17.38 -28.35
C ILE E 120 34.80 -17.48 -27.87
N ASN E 121 35.72 -16.85 -28.59
CA ASN E 121 37.12 -16.83 -28.15
C ASN E 121 37.28 -16.13 -26.82
N LEU E 122 36.54 -15.03 -26.61
CA LEU E 122 36.64 -14.29 -25.36
C LEU E 122 36.21 -15.15 -24.18
N MET E 123 35.15 -15.95 -24.35
CA MET E 123 34.75 -16.84 -23.27
C MET E 123 35.86 -17.82 -22.91
N ARG E 124 36.71 -18.16 -23.86
CA ARG E 124 37.82 -19.07 -23.58
C ARG E 124 38.85 -18.42 -22.69
N GLY E 125 39.47 -19.23 -21.84
CA GLY E 125 40.50 -18.74 -20.95
C GLY E 125 40.81 -19.77 -19.87
N LYS E 126 41.77 -19.41 -19.03
CA LYS E 126 42.14 -20.28 -17.92
C LYS E 126 40.91 -20.48 -17.03
N PRO E 127 40.60 -21.71 -16.62
CA PRO E 127 39.39 -21.93 -15.83
C PRO E 127 39.28 -21.03 -14.60
N LYS E 128 40.37 -20.80 -13.89
CA LYS E 128 40.35 -20.00 -12.67
C LYS E 128 40.74 -18.55 -13.00
N THR E 129 39.79 -17.85 -13.63
CA THR E 129 39.95 -16.44 -13.96
C THR E 129 38.57 -15.80 -13.93
N PRO E 130 38.37 -14.74 -13.15
CA PRO E 130 37.06 -14.06 -13.15
C PRO E 130 36.88 -13.19 -14.38
N ILE E 131 35.66 -13.18 -14.90
CA ILE E 131 35.30 -12.39 -16.07
C ILE E 131 33.93 -11.77 -15.83
N GLN E 132 33.80 -10.48 -16.11
CA GLN E 132 32.54 -9.76 -15.95
C GLN E 132 31.78 -9.74 -17.25
N ILE E 133 30.46 -9.63 -17.16
CA ILE E 133 29.57 -9.56 -18.30
C ILE E 133 28.42 -8.60 -17.97
N THR E 134 28.03 -7.80 -18.94
CA THR E 134 26.93 -6.85 -18.78
C THR E 134 25.70 -7.42 -19.49
N ILE E 135 24.96 -8.27 -18.78
CA ILE E 135 23.73 -8.83 -19.34
C ILE E 135 22.66 -7.76 -19.45
N VAL E 136 21.67 -8.02 -20.29
CA VAL E 136 20.48 -7.20 -20.41
C VAL E 136 19.28 -8.13 -20.41
N ARG E 137 18.42 -7.98 -19.41
CA ARG E 137 17.23 -8.82 -19.26
C ARG E 137 16.01 -7.98 -19.60
N LYS E 138 15.26 -8.42 -20.63
CA LYS E 138 14.08 -7.67 -21.02
C LYS E 138 13.06 -7.59 -19.89
N ASN E 139 13.09 -8.55 -18.95
CA ASN E 139 12.15 -8.53 -17.84
C ASN E 139 12.36 -7.32 -16.94
N GLU E 140 13.59 -6.89 -16.76
CA GLU E 140 13.95 -5.81 -15.86
C GLU E 140 14.42 -4.58 -16.63
N PRO E 141 14.31 -3.39 -16.04
CA PRO E 141 14.78 -2.17 -16.72
C PRO E 141 16.26 -1.86 -16.51
N LYS E 142 16.94 -2.57 -15.61
CA LYS E 142 18.33 -2.32 -15.32
C LYS E 142 19.23 -3.25 -16.14
N PRO E 143 20.21 -2.71 -16.88
CA PRO E 143 21.19 -3.60 -17.53
C PRO E 143 22.13 -4.23 -16.53
N LEU E 144 21.67 -5.30 -15.88
CA LEU E 144 22.42 -5.93 -14.79
C LEU E 144 23.83 -6.29 -15.22
N VAL E 145 24.73 -6.41 -14.25
CA VAL E 145 26.12 -6.81 -14.49
C VAL E 145 26.52 -7.82 -13.42
N PHE E 146 27.38 -8.75 -13.80
CA PHE E 146 27.83 -9.79 -12.88
C PHE E 146 29.05 -10.47 -13.48
N ASN E 147 29.92 -10.98 -12.61
CA ASN E 147 31.10 -11.72 -13.02
C ASN E 147 31.04 -13.14 -12.49
N ILE E 148 31.85 -14.01 -13.10
CA ILE E 148 31.89 -15.42 -12.73
C ILE E 148 33.21 -16.00 -13.23
N ILE E 149 33.72 -16.99 -12.51
CA ILE E 149 34.98 -17.62 -12.87
C ILE E 149 34.77 -18.54 -14.07
N ARG E 150 35.84 -18.73 -14.85
CA ARG E 150 35.79 -19.50 -16.09
C ARG E 150 35.89 -21.00 -15.87
N ASP E 151 35.63 -21.49 -14.67
CA ASP E 151 35.84 -22.90 -14.35
C ASP E 151 35.08 -23.79 -15.34
N ILE E 152 35.83 -24.58 -16.10
CA ILE E 152 35.26 -25.46 -17.10
C ILE E 152 34.82 -26.76 -16.42
N ILE E 153 33.58 -27.18 -16.68
CA ILE E 153 33.03 -28.42 -16.16
C ILE E 153 32.60 -29.28 -17.34
N LYS E 154 33.05 -30.53 -17.36
CA LYS E 154 32.60 -31.50 -18.35
C LYS E 154 31.59 -32.42 -17.69
N LEU E 155 30.41 -32.53 -18.29
CA LEU E 155 29.33 -33.30 -17.71
C LEU E 155 28.53 -34.00 -18.79
N PRO E 156 28.51 -35.33 -18.83
CA PRO E 156 27.59 -36.01 -19.75
C PRO E 156 26.16 -35.86 -19.26
N SER E 157 25.39 -35.01 -19.95
CA SER E 157 24.04 -34.69 -19.51
C SER E 157 23.10 -35.88 -19.60
N VAL E 158 23.49 -36.96 -20.29
CA VAL E 158 22.63 -38.11 -20.44
C VAL E 158 22.53 -38.85 -19.11
N TYR E 159 21.30 -39.11 -18.67
CA TYR E 159 21.09 -39.95 -17.49
C TYR E 159 19.62 -40.34 -17.45
N VAL E 160 19.35 -41.59 -17.11
CA VAL E 160 18.00 -42.13 -17.07
C VAL E 160 17.55 -42.17 -15.61
N LYS E 161 16.48 -41.45 -15.30
CA LYS E 161 15.86 -41.44 -13.98
C LYS E 161 14.47 -42.03 -14.12
N LYS E 162 14.14 -43.01 -13.28
CA LYS E 162 12.82 -43.59 -13.30
C LYS E 162 11.81 -42.63 -12.66
N ILE E 163 10.53 -42.97 -12.77
CA ILE E 163 9.45 -42.20 -12.18
C ILE E 163 8.80 -43.06 -11.10
N LYS E 164 8.48 -42.44 -9.97
CA LYS E 164 8.11 -43.18 -8.77
C LYS E 164 6.93 -44.12 -9.02
N GLU E 165 5.77 -43.56 -9.35
CA GLU E 165 4.53 -44.32 -9.38
C GLU E 165 4.09 -44.72 -10.79
N THR E 166 4.97 -44.59 -11.78
CA THR E 166 4.62 -44.95 -13.15
C THR E 166 5.82 -45.65 -13.80
N PRO E 167 5.56 -46.49 -14.81
CA PRO E 167 6.68 -47.12 -15.53
C PRO E 167 7.48 -46.15 -16.39
N TYR E 168 6.98 -44.94 -16.61
CA TYR E 168 7.61 -44.03 -17.55
C TYR E 168 8.99 -43.60 -17.07
N LEU E 169 9.91 -43.47 -18.02
CA LEU E 169 11.30 -43.11 -17.73
C LEU E 169 11.55 -41.67 -18.10
N TYR E 170 12.04 -40.89 -17.13
CA TYR E 170 12.60 -39.58 -17.41
C TYR E 170 13.98 -39.74 -18.02
N VAL E 171 14.23 -39.04 -19.11
CA VAL E 171 15.52 -39.10 -19.81
C VAL E 171 15.87 -37.71 -20.29
N ARG E 172 16.82 -37.07 -19.62
CA ARG E 172 17.26 -35.73 -20.00
C ARG E 172 18.51 -35.82 -20.88
N VAL E 173 18.51 -35.05 -21.96
CA VAL E 173 19.65 -34.95 -22.87
C VAL E 173 19.90 -33.45 -23.05
N SER E 174 20.85 -32.91 -22.29
CA SER E 174 21.14 -31.48 -22.27
C SER E 174 22.46 -31.19 -22.97
N GLY E 175 22.71 -31.85 -24.09
CA GLY E 175 23.93 -31.68 -24.84
C GLY E 175 24.44 -33.00 -25.37
N PHE E 176 24.69 -33.05 -26.68
CA PHE E 176 25.07 -34.29 -27.35
C PHE E 176 26.59 -34.41 -27.32
N ASP E 177 27.11 -35.17 -26.37
CA ASP E 177 28.53 -35.49 -26.33
C ASP E 177 28.82 -36.61 -27.32
N LYS E 178 30.05 -37.13 -27.28
CA LYS E 178 30.47 -38.11 -28.28
C LYS E 178 29.72 -39.43 -28.15
N ASN E 179 29.23 -39.76 -26.95
CA ASN E 179 28.57 -41.03 -26.70
C ASN E 179 27.20 -40.83 -26.06
N VAL E 180 26.46 -39.82 -26.51
CA VAL E 180 25.10 -39.63 -26.02
C VAL E 180 24.21 -40.81 -26.43
N THR E 181 24.34 -41.25 -27.68
CA THR E 181 23.52 -42.36 -28.15
C THR E 181 23.79 -43.63 -27.34
N LYS E 182 25.06 -43.93 -27.11
CA LYS E 182 25.41 -45.12 -26.33
C LYS E 182 24.87 -45.01 -24.91
N SER E 183 25.03 -43.84 -24.29
CA SER E 183 24.57 -43.66 -22.92
C SER E 183 23.07 -43.86 -22.81
N VAL E 184 22.31 -43.23 -23.71
CA VAL E 184 20.85 -43.34 -23.64
C VAL E 184 20.42 -44.76 -23.94
N LEU E 185 21.07 -45.42 -24.91
CA LEU E 185 20.72 -46.79 -25.23
C LEU E 185 20.95 -47.71 -24.03
N GLU E 186 22.11 -47.56 -23.37
CA GLU E 186 22.38 -48.40 -22.21
C GLU E 186 21.41 -48.12 -21.07
N GLY E 187 21.13 -46.85 -20.81
CA GLY E 187 20.19 -46.52 -19.75
C GLY E 187 18.80 -47.08 -20.01
N LEU E 188 18.32 -46.94 -21.24
CA LEU E 188 17.01 -47.46 -21.60
C LEU E 188 16.98 -48.98 -21.54
N LYS E 189 18.06 -49.62 -21.96
CA LYS E 189 18.14 -51.09 -21.88
C LYS E 189 18.16 -51.56 -20.43
N ALA E 190 18.70 -50.74 -19.53
CA ALA E 190 18.72 -51.11 -18.12
C ALA E 190 17.34 -51.16 -17.49
N ASN E 191 16.32 -50.62 -18.15
CA ASN E 191 14.95 -50.60 -17.62
C ASN E 191 13.99 -51.10 -18.68
N PRO E 192 14.06 -52.39 -19.02
CA PRO E 192 13.15 -52.94 -20.05
C PRO E 192 11.68 -52.82 -19.67
N LYS E 193 11.36 -52.87 -18.38
CA LYS E 193 9.96 -52.86 -17.96
C LYS E 193 9.24 -51.58 -18.35
N ALA E 194 9.97 -50.48 -18.52
CA ALA E 194 9.32 -49.20 -18.77
C ALA E 194 8.60 -49.20 -20.12
N LYS E 195 7.54 -48.40 -20.20
CA LYS E 195 6.74 -48.24 -21.40
C LYS E 195 6.47 -46.76 -21.66
N GLY E 196 7.53 -45.96 -21.58
CA GLY E 196 7.43 -44.53 -21.84
C GLY E 196 8.75 -43.81 -21.68
N ILE E 197 8.97 -42.79 -22.49
CA ILE E 197 10.17 -41.95 -22.42
C ILE E 197 9.74 -40.50 -22.58
N VAL E 198 10.19 -39.64 -21.68
CA VAL E 198 9.92 -38.21 -21.76
C VAL E 198 11.27 -37.51 -21.92
N LEU E 199 11.67 -37.31 -23.17
CA LEU E 199 12.94 -36.65 -23.46
C LEU E 199 12.86 -35.18 -23.06
N ASP E 200 13.72 -34.77 -22.12
CA ASP E 200 13.78 -33.37 -21.70
C ASP E 200 14.93 -32.67 -22.44
N LEU E 201 14.73 -32.49 -23.74
CA LEU E 201 15.66 -31.71 -24.54
C LEU E 201 15.60 -30.22 -24.20
N ARG E 202 14.79 -29.83 -23.22
CA ARG E 202 14.63 -28.44 -22.85
C ARG E 202 15.97 -27.84 -22.42
N GLY E 203 16.23 -26.62 -22.88
CA GLY E 203 17.45 -25.93 -22.51
C GLY E 203 18.72 -26.60 -22.98
N ASN E 204 18.69 -27.25 -24.14
CA ASN E 204 19.86 -27.93 -24.68
C ASN E 204 20.38 -27.15 -25.88
N PRO E 205 21.46 -26.37 -25.73
CA PRO E 205 21.82 -25.44 -26.82
C PRO E 205 22.05 -26.11 -28.16
N GLY E 206 22.67 -27.29 -28.17
CA GLY E 206 22.92 -27.97 -29.42
C GLY E 206 23.94 -29.08 -29.24
N GLY E 207 24.40 -29.60 -30.37
CA GLY E 207 25.38 -30.67 -30.34
C GLY E 207 25.85 -31.00 -31.73
N LEU E 208 26.61 -32.08 -31.82
CA LEU E 208 27.14 -32.54 -33.10
C LEU E 208 26.12 -33.44 -33.81
N LEU E 209 25.97 -33.22 -35.12
CA LEU E 209 24.89 -33.88 -35.86
C LEU E 209 25.05 -35.39 -35.88
N ASN E 210 26.29 -35.90 -35.90
CA ASN E 210 26.49 -37.34 -35.99
C ASN E 210 26.06 -38.08 -34.73
N GLN E 211 25.52 -37.37 -33.73
CA GLN E 211 24.91 -37.98 -32.56
C GLN E 211 23.41 -37.78 -32.51
N ALA E 212 22.92 -36.61 -32.90
CA ALA E 212 21.48 -36.41 -33.01
C ALA E 212 20.88 -37.33 -34.07
N VAL E 213 21.60 -37.52 -35.18
CA VAL E 213 21.12 -38.44 -36.21
C VAL E 213 21.02 -39.86 -35.66
N GLY E 214 22.01 -40.27 -34.88
CA GLY E 214 21.96 -41.59 -34.27
C GLY E 214 20.82 -41.73 -33.28
N LEU E 215 20.61 -40.71 -32.44
CA LEU E 215 19.52 -40.75 -31.48
C LEU E 215 18.17 -40.85 -32.19
N SER E 216 17.98 -40.08 -33.25
CA SER E 216 16.74 -40.17 -34.00
C SER E 216 16.59 -41.53 -34.67
N ASN E 217 17.69 -42.07 -35.21
CA ASN E 217 17.67 -43.40 -35.80
C ASN E 217 17.29 -44.46 -34.77
N LEU E 218 17.62 -44.23 -33.51
CA LEU E 218 17.32 -45.21 -32.47
C LEU E 218 15.82 -45.50 -32.39
N PHE E 219 14.97 -44.52 -32.71
CA PHE E 219 13.53 -44.64 -32.51
C PHE E 219 12.72 -44.71 -33.79
N ILE E 220 13.36 -44.80 -34.96
CA ILE E 220 12.65 -44.81 -36.23
C ILE E 220 13.18 -45.95 -37.09
N LYS E 221 12.30 -46.53 -37.89
CA LYS E 221 12.64 -47.69 -38.71
C LYS E 221 13.00 -47.29 -40.15
N GLU E 222 12.08 -46.64 -40.85
CA GLU E 222 12.33 -46.30 -42.25
C GLU E 222 13.33 -45.15 -42.33
N GLY E 223 12.93 -43.97 -41.87
CA GLY E 223 13.87 -42.90 -41.62
C GLY E 223 14.19 -42.01 -42.80
N VAL E 224 13.77 -40.75 -42.73
CA VAL E 224 14.38 -39.66 -43.49
C VAL E 224 14.54 -38.54 -42.47
N LEU E 225 15.71 -38.47 -41.82
CA LEU E 225 15.83 -37.67 -40.62
C LEU E 225 15.99 -36.19 -40.93
N VAL E 226 17.07 -35.82 -41.62
CA VAL E 226 17.38 -34.43 -41.91
C VAL E 226 17.97 -34.35 -43.32
N SER E 227 18.05 -33.13 -43.84
CA SER E 227 18.60 -32.90 -45.18
C SER E 227 19.45 -31.64 -45.15
N GLN E 228 20.76 -31.80 -45.21
CA GLN E 228 21.71 -30.69 -45.24
C GLN E 228 21.95 -30.34 -46.70
N LYS E 229 21.09 -29.48 -47.26
CA LYS E 229 21.03 -29.28 -48.70
C LYS E 229 22.00 -28.23 -49.20
N GLY E 230 21.87 -26.99 -48.72
CA GLY E 230 22.66 -25.90 -49.24
C GLY E 230 22.09 -25.36 -50.55
N LYS E 231 22.98 -24.97 -51.47
CA LYS E 231 22.58 -24.50 -52.78
C LYS E 231 23.14 -25.35 -53.92
N ASN E 232 24.25 -26.04 -53.71
CA ASN E 232 24.81 -26.91 -54.73
C ASN E 232 24.06 -28.23 -54.74
N LYS E 233 23.26 -28.45 -55.78
CA LYS E 233 22.45 -29.67 -55.82
C LYS E 233 23.31 -30.92 -55.75
N GLU E 234 24.52 -30.87 -56.33
CA GLU E 234 25.40 -32.04 -56.28
C GLU E 234 25.92 -32.28 -54.87
N GLU E 235 26.04 -31.25 -54.06
CA GLU E 235 26.56 -31.36 -52.70
C GLU E 235 25.48 -31.63 -51.67
N SER E 236 24.21 -31.67 -52.06
CA SER E 236 23.15 -31.89 -51.09
C SER E 236 23.29 -33.26 -50.43
N LEU E 237 23.03 -33.30 -49.12
CA LEU E 237 23.16 -34.50 -48.33
C LEU E 237 21.83 -34.80 -47.63
N GLU E 238 21.42 -36.06 -47.66
CA GLU E 238 20.21 -36.50 -46.99
C GLU E 238 20.55 -37.67 -46.07
N TYR E 239 20.11 -37.57 -44.82
CA TYR E 239 20.32 -38.63 -43.84
C TYR E 239 19.08 -39.51 -43.75
N LYS E 240 19.32 -40.82 -43.65
CA LYS E 240 18.24 -41.79 -43.49
C LYS E 240 18.61 -42.75 -42.37
N ALA E 241 17.68 -42.98 -41.45
CA ALA E 241 17.93 -43.90 -40.35
C ALA E 241 17.94 -45.33 -40.86
N ASN E 242 18.90 -46.11 -40.40
CA ASN E 242 19.02 -47.49 -40.83
C ASN E 242 17.81 -48.30 -40.36
N GLY E 243 17.75 -49.55 -40.81
CA GLY E 243 16.58 -50.37 -40.53
C GLY E 243 16.40 -50.66 -39.05
N ARG E 244 17.48 -50.96 -38.35
CA ARG E 244 17.37 -51.36 -36.95
C ARG E 244 16.79 -50.24 -36.11
N ALA E 245 15.87 -50.60 -35.22
CA ALA E 245 15.21 -49.63 -34.34
C ALA E 245 14.86 -50.34 -33.04
N PRO E 246 15.74 -50.29 -32.05
CA PRO E 246 15.53 -51.11 -30.84
C PRO E 246 14.23 -50.80 -30.10
N TYR E 247 13.71 -49.57 -30.21
CA TYR E 247 12.54 -49.13 -29.44
C TYR E 247 11.53 -48.44 -30.34
N THR E 248 11.18 -49.10 -31.44
CA THR E 248 10.28 -48.50 -32.43
C THR E 248 8.81 -48.51 -31.99
N ASN E 249 8.52 -48.79 -30.72
CA ASN E 249 7.13 -48.81 -30.24
C ASN E 249 6.92 -48.07 -28.93
N LEU E 250 7.97 -47.71 -28.21
CA LEU E 250 7.80 -47.04 -26.93
C LEU E 250 7.09 -45.70 -27.12
N PRO E 251 6.05 -45.39 -26.35
CA PRO E 251 5.52 -44.03 -26.37
C PRO E 251 6.58 -43.02 -25.95
N ILE E 252 6.52 -41.84 -26.56
CA ILE E 252 7.51 -40.79 -26.34
C ILE E 252 6.79 -39.46 -26.13
N ALA E 253 7.48 -38.53 -25.48
CA ALA E 253 7.00 -37.18 -25.32
C ALA E 253 8.20 -36.27 -25.07
N VAL E 254 8.50 -35.43 -26.05
CA VAL E 254 9.67 -34.58 -26.01
C VAL E 254 9.29 -33.23 -25.41
N LEU E 255 10.28 -32.54 -24.85
CA LEU E 255 10.10 -31.22 -24.29
C LEU E 255 11.08 -30.27 -24.97
N VAL E 256 10.62 -29.07 -25.30
CA VAL E 256 11.43 -28.07 -25.98
C VAL E 256 11.05 -26.69 -25.46
N ASN E 257 12.06 -25.85 -25.24
CA ASN E 257 11.86 -24.46 -24.87
C ASN E 257 12.85 -23.61 -25.67
N GLY E 258 12.75 -22.29 -25.50
CA GLY E 258 13.61 -21.38 -26.24
C GLY E 258 15.09 -21.59 -26.01
N GLY E 259 15.48 -22.44 -25.05
CA GLY E 259 16.88 -22.69 -24.77
C GLY E 259 17.42 -23.93 -25.45
N SER E 260 16.75 -24.39 -26.50
CA SER E 260 17.18 -25.58 -27.24
C SER E 260 17.15 -25.28 -28.72
N ALA E 261 18.24 -25.61 -29.41
CA ALA E 261 18.36 -25.32 -30.83
C ALA E 261 19.40 -26.24 -31.44
N SER E 262 19.46 -26.24 -32.78
CA SER E 262 20.40 -27.05 -33.56
C SER E 262 20.01 -28.52 -33.37
N ALA E 263 20.87 -29.37 -32.80
CA ALA E 263 20.53 -30.78 -32.66
C ALA E 263 19.27 -30.96 -31.83
N SER E 264 19.08 -30.12 -30.82
CA SER E 264 17.95 -30.29 -29.92
C SER E 264 16.62 -30.08 -30.62
N GLU E 265 16.62 -29.43 -31.78
CA GLU E 265 15.43 -29.38 -32.63
C GLU E 265 15.60 -30.18 -33.90
N ILE E 266 16.76 -30.80 -34.10
CA ILE E 266 16.91 -31.77 -35.17
C ILE E 266 16.25 -33.09 -34.77
N VAL E 267 16.48 -33.51 -33.52
CA VAL E 267 15.85 -34.74 -33.06
C VAL E 267 14.38 -34.52 -32.73
N ALA E 268 14.07 -33.39 -32.07
CA ALA E 268 12.67 -33.09 -31.77
C ALA E 268 11.88 -32.87 -33.04
N GLY E 269 12.45 -32.15 -34.00
CA GLY E 269 11.74 -31.91 -35.25
C GLY E 269 11.56 -33.17 -36.07
N ALA E 270 12.56 -34.05 -36.05
CA ALA E 270 12.48 -35.27 -36.85
C ALA E 270 11.31 -36.15 -36.41
N LEU E 271 11.17 -36.34 -35.10
CA LEU E 271 10.08 -37.17 -34.59
C LEU E 271 8.72 -36.56 -34.92
N GLN E 272 8.58 -35.24 -34.73
CA GLN E 272 7.30 -34.60 -34.95
C GLN E 272 6.81 -34.82 -36.38
N ASP E 273 7.74 -34.96 -37.33
CA ASP E 273 7.36 -35.13 -38.73
C ASP E 273 7.07 -36.59 -39.07
N HIS E 274 7.56 -37.52 -38.26
CA HIS E 274 7.24 -38.93 -38.40
C HIS E 274 6.08 -39.36 -37.51
N LYS E 275 5.43 -38.41 -36.83
CA LYS E 275 4.36 -38.72 -35.90
C LYS E 275 4.81 -39.74 -34.86
N ARG E 276 6.09 -39.70 -34.52
CA ARG E 276 6.69 -40.65 -33.58
C ARG E 276 6.77 -40.09 -32.17
N ALA E 277 6.26 -38.90 -31.92
CA ALA E 277 6.25 -38.32 -30.58
C ALA E 277 5.45 -37.04 -30.62
N VAL E 278 5.20 -36.48 -29.44
CA VAL E 278 4.45 -35.23 -29.30
C VAL E 278 5.36 -34.22 -28.63
N ILE E 279 5.65 -33.13 -29.33
CA ILE E 279 6.55 -32.10 -28.83
C ILE E 279 5.76 -31.16 -27.92
N ILE E 280 6.26 -30.97 -26.70
CA ILE E 280 5.56 -30.25 -25.66
C ILE E 280 6.46 -29.14 -25.13
N GLY E 281 5.86 -27.99 -24.85
CA GLY E 281 6.61 -26.86 -24.34
C GLY E 281 6.27 -25.58 -25.05
N GLU E 282 7.23 -24.98 -25.73
CA GLU E 282 6.99 -23.78 -26.51
C GLU E 282 8.04 -23.68 -27.61
N LYS E 283 7.87 -22.70 -28.49
CA LYS E 283 8.71 -22.59 -29.66
C LYS E 283 10.18 -22.59 -29.27
N THR E 284 11.02 -23.04 -30.21
CA THR E 284 12.46 -23.10 -30.03
C THR E 284 13.12 -21.89 -30.70
N PHE E 285 14.42 -21.74 -30.45
CA PHE E 285 15.14 -20.58 -30.99
C PHE E 285 15.18 -20.61 -32.51
N GLY E 286 15.61 -21.73 -33.09
CA GLY E 286 15.64 -21.88 -34.53
C GLY E 286 17.02 -21.75 -35.14
N LYS E 287 18.03 -22.30 -34.49
CA LYS E 287 19.40 -22.29 -35.02
C LYS E 287 19.50 -23.37 -36.08
N GLY E 288 19.13 -23.02 -37.31
CA GLY E 288 19.03 -24.00 -38.38
C GLY E 288 20.01 -23.81 -39.52
N SER E 289 21.26 -23.51 -39.20
CA SER E 289 22.29 -23.32 -40.23
C SER E 289 23.59 -23.93 -39.74
N VAL E 290 24.43 -24.33 -40.70
CA VAL E 290 25.74 -24.90 -40.44
C VAL E 290 26.78 -24.00 -41.08
N GLN E 291 27.97 -23.96 -40.46
CA GLN E 291 29.06 -23.12 -40.93
C GLN E 291 30.34 -23.94 -40.93
N MET E 292 31.20 -23.66 -41.92
CA MET E 292 32.49 -24.32 -42.04
C MET E 292 33.58 -23.27 -42.21
N LEU E 293 34.81 -23.67 -41.92
CA LEU E 293 35.97 -22.79 -41.96
C LEU E 293 36.71 -23.06 -43.27
N LEU E 294 36.50 -22.16 -44.24
CA LEU E 294 37.07 -22.32 -45.57
C LEU E 294 38.33 -21.46 -45.70
N PRO E 295 39.52 -22.05 -45.90
CA PRO E 295 40.69 -21.22 -46.22
C PRO E 295 40.54 -20.56 -47.58
N VAL E 296 40.62 -19.23 -47.62
CA VAL E 296 40.35 -18.49 -48.84
C VAL E 296 41.65 -18.19 -49.57
N ASN E 297 42.54 -17.44 -48.91
CA ASN E 297 43.80 -17.03 -49.49
C ASN E 297 44.95 -17.40 -48.56
N LYS E 298 46.16 -17.05 -48.98
CA LYS E 298 47.35 -17.41 -48.21
C LYS E 298 47.26 -16.86 -46.80
N ASP E 299 47.40 -17.74 -45.82
CA ASP E 299 47.43 -17.36 -44.41
C ASP E 299 46.21 -16.51 -44.03
N GLU E 300 45.04 -16.97 -44.45
CA GLU E 300 43.77 -16.35 -44.07
C GLU E 300 42.65 -17.32 -44.41
N ALA E 301 41.47 -17.06 -43.87
CA ALA E 301 40.31 -17.93 -44.05
C ALA E 301 39.06 -17.14 -43.63
N ILE E 302 37.89 -17.72 -43.93
CA ILE E 302 36.61 -17.12 -43.58
C ILE E 302 35.69 -18.19 -43.02
N LYS E 303 34.62 -17.72 -42.37
CA LYS E 303 33.63 -18.57 -41.73
C LYS E 303 32.26 -18.18 -42.26
N ILE E 304 31.67 -19.01 -43.12
CA ILE E 304 30.45 -18.66 -43.82
C ILE E 304 29.49 -19.84 -43.78
N THR E 305 28.20 -19.53 -43.59
CA THR E 305 27.18 -20.57 -43.65
C THR E 305 27.19 -21.23 -45.01
N THR E 306 27.10 -22.57 -45.02
CA THR E 306 27.16 -23.34 -46.26
C THR E 306 25.95 -24.21 -46.51
N ALA E 307 25.16 -24.57 -45.49
CA ALA E 307 23.97 -25.38 -45.71
C ALA E 307 22.99 -25.15 -44.56
N ARG E 308 21.71 -25.13 -44.90
CA ARG E 308 20.65 -25.04 -43.92
C ARG E 308 20.03 -26.41 -43.70
N TYR E 309 19.56 -26.66 -42.50
CA TYR E 309 18.99 -27.94 -42.13
C TYR E 309 17.52 -28.00 -42.55
N TYR E 310 17.13 -29.10 -43.18
CA TYR E 310 15.79 -29.29 -43.70
C TYR E 310 15.15 -30.49 -43.02
N LEU E 311 13.97 -30.28 -42.44
CA LEU E 311 13.23 -31.35 -41.80
C LEU E 311 12.57 -32.24 -42.86
N PRO E 312 12.07 -33.41 -42.46
CA PRO E 312 11.53 -34.34 -43.47
C PRO E 312 10.44 -33.74 -44.33
N SER E 313 9.60 -32.85 -43.77
CA SER E 313 8.50 -32.27 -44.52
C SER E 313 8.95 -31.19 -45.49
N GLY E 314 10.25 -30.92 -45.59
CA GLY E 314 10.75 -29.89 -46.47
C GLY E 314 10.93 -28.53 -45.83
N ARG E 315 10.41 -28.33 -44.62
CA ARG E 315 10.55 -27.05 -43.95
C ARG E 315 12.00 -26.84 -43.49
N THR E 316 12.28 -25.64 -43.02
CA THR E 316 13.62 -25.26 -42.56
C THR E 316 13.55 -24.79 -41.11
N ILE E 317 14.59 -25.13 -40.34
CA ILE E 317 14.68 -24.70 -38.95
C ILE E 317 15.31 -23.33 -38.80
N GLN E 318 15.66 -22.67 -39.91
CA GLN E 318 16.48 -21.47 -39.82
C GLN E 318 15.79 -20.38 -39.02
N ALA E 319 14.51 -20.17 -39.24
CA ALA E 319 13.76 -19.11 -38.56
C ALA E 319 12.50 -19.61 -37.87
N LYS E 320 11.77 -20.55 -38.49
CA LYS E 320 10.48 -20.96 -37.94
C LYS E 320 10.64 -21.75 -36.64
N GLY E 321 11.71 -22.52 -36.51
CA GLY E 321 11.85 -23.35 -35.34
C GLY E 321 10.83 -24.49 -35.34
N ILE E 322 10.52 -24.98 -34.15
CA ILE E 322 9.55 -26.05 -33.95
C ILE E 322 8.40 -25.50 -33.13
N THR E 323 7.18 -25.68 -33.63
CA THR E 323 5.99 -25.26 -32.90
C THR E 323 5.40 -26.49 -32.20
N PRO E 324 5.57 -26.64 -30.90
CA PRO E 324 5.12 -27.88 -30.25
C PRO E 324 3.62 -28.07 -30.36
N ASP E 325 3.20 -29.33 -30.45
CA ASP E 325 1.78 -29.63 -30.56
C ASP E 325 1.02 -29.20 -29.32
N ILE E 326 1.59 -29.40 -28.13
CA ILE E 326 1.00 -28.99 -26.88
C ILE E 326 1.90 -27.90 -26.30
N VAL E 327 1.36 -26.69 -26.22
CA VAL E 327 2.14 -25.52 -25.83
C VAL E 327 1.69 -25.07 -24.45
N ILE E 328 2.62 -25.07 -23.49
CA ILE E 328 2.35 -24.63 -22.13
C ILE E 328 3.62 -23.99 -21.57
N TYR E 329 3.48 -22.81 -20.99
CA TYR E 329 4.64 -22.11 -20.47
C TYR E 329 4.92 -22.54 -19.03
N PRO E 330 6.18 -22.44 -18.58
CA PRO E 330 6.54 -23.01 -17.28
C PRO E 330 5.79 -22.34 -16.14
N GLY E 331 5.51 -23.13 -15.10
CA GLY E 331 4.84 -22.66 -13.92
C GLY E 331 4.55 -23.77 -12.94
N LYS E 332 4.29 -23.44 -11.68
CA LYS E 332 4.00 -24.46 -10.69
C LYS E 332 2.63 -25.07 -10.92
N VAL E 333 2.53 -26.38 -10.76
CA VAL E 333 1.26 -27.08 -11.01
C VAL E 333 0.22 -26.61 -10.00
N PRO E 334 -1.02 -26.35 -10.41
CA PRO E 334 -2.06 -26.05 -9.42
C PRO E 334 -2.25 -27.22 -8.47
N GLU E 335 -2.49 -26.90 -7.20
CA GLU E 335 -2.61 -27.91 -6.15
C GLU E 335 -3.99 -27.84 -5.52
N ASN E 336 -4.44 -28.97 -5.00
CA ASN E 336 -5.72 -29.03 -4.32
C ASN E 336 -5.73 -28.10 -3.12
N GLU E 337 -6.86 -27.39 -2.93
CA GLU E 337 -6.98 -26.40 -1.87
C GLU E 337 -8.14 -26.66 -0.92
N ASN E 338 -9.14 -27.43 -1.34
CA ASN E 338 -10.37 -27.62 -0.57
C ASN E 338 -10.54 -29.08 -0.21
N LYS E 339 -11.18 -29.33 0.93
CA LYS E 339 -11.49 -30.67 1.42
C LYS E 339 -13.01 -30.77 1.53
N PHE E 340 -13.63 -31.28 0.47
CA PHE E 340 -15.09 -31.43 0.47
C PHE E 340 -15.52 -32.58 1.37
N SER E 341 -16.81 -32.58 1.70
CA SER E 341 -17.40 -33.64 2.52
C SER E 341 -17.83 -34.80 1.61
N LEU E 342 -16.83 -35.47 1.07
CA LEU E 342 -17.10 -36.58 0.15
C LEU E 342 -17.78 -37.74 0.86
N LYS E 343 -17.33 -38.08 2.06
CA LYS E 343 -17.89 -39.17 2.84
C LYS E 343 -18.41 -38.64 4.16
N GLU E 344 -19.59 -39.12 4.56
CA GLU E 344 -20.28 -38.62 5.75
C GLU E 344 -20.64 -39.78 6.67
N ALA E 345 -21.44 -39.48 7.71
CA ALA E 345 -21.90 -40.51 8.62
C ALA E 345 -22.91 -41.43 7.95
N ASP E 346 -23.02 -42.65 8.47
CA ASP E 346 -23.91 -43.66 7.91
C ASP E 346 -23.58 -43.96 6.46
N LEU E 347 -22.30 -43.90 6.11
CA LEU E 347 -21.84 -44.21 4.76
C LEU E 347 -21.80 -45.72 4.54
N LYS E 348 -21.72 -46.10 3.28
CA LYS E 348 -21.51 -47.49 2.93
C LYS E 348 -20.03 -47.84 3.04
N HIS E 349 -19.76 -49.13 3.19
CA HIS E 349 -18.40 -49.62 3.41
C HIS E 349 -18.01 -50.59 2.30
N HIS E 350 -16.70 -50.82 2.19
CA HIS E 350 -16.17 -51.77 1.22
C HIS E 350 -16.50 -51.34 -0.20
N GLU E 377 15.19 -39.26 -4.24
CA GLU E 377 16.64 -39.15 -4.19
C GLU E 377 17.24 -39.50 -5.55
N LYS E 378 17.25 -40.78 -5.89
CA LYS E 378 17.76 -41.26 -7.16
C LYS E 378 16.66 -41.52 -8.18
N GLU E 379 15.44 -41.07 -7.91
CA GLU E 379 14.32 -41.22 -8.83
C GLU E 379 13.50 -39.94 -8.82
N VAL E 380 12.77 -39.71 -9.91
CA VAL E 380 11.96 -38.52 -10.03
C VAL E 380 10.73 -38.66 -9.14
N THR E 381 10.59 -37.76 -8.18
CA THR E 381 9.54 -37.80 -7.18
C THR E 381 8.36 -36.92 -7.59
N PRO E 382 7.18 -37.15 -7.03
CA PRO E 382 6.04 -36.29 -7.36
C PRO E 382 6.27 -34.83 -7.04
N LYS E 383 7.18 -34.52 -6.11
CA LYS E 383 7.48 -33.12 -5.83
C LYS E 383 8.14 -32.45 -7.04
N MET E 384 9.15 -33.10 -7.63
CA MET E 384 9.83 -32.51 -8.78
C MET E 384 8.92 -32.50 -10.00
N ILE E 385 7.90 -33.35 -10.02
CA ILE E 385 6.90 -33.27 -11.08
C ILE E 385 5.95 -32.11 -10.81
N ASN E 386 5.68 -31.83 -9.54
CA ASN E 386 4.68 -30.81 -9.21
C ASN E 386 5.23 -29.40 -9.44
N ASP E 387 6.47 -29.15 -9.00
CA ASP E 387 6.97 -27.77 -9.02
C ASP E 387 6.95 -27.17 -10.42
N ASP E 388 7.03 -28.00 -11.47
CA ASP E 388 7.06 -27.53 -12.85
C ASP E 388 5.95 -28.21 -13.64
N ILE E 389 5.25 -27.44 -14.46
CA ILE E 389 4.09 -27.97 -15.17
C ILE E 389 4.50 -28.64 -16.47
N GLN E 390 5.59 -28.19 -17.10
CA GLN E 390 5.95 -28.73 -18.41
C GLN E 390 6.29 -30.22 -18.32
N LEU E 391 6.76 -30.68 -17.16
CA LEU E 391 7.00 -32.11 -16.98
C LEU E 391 5.76 -32.84 -16.52
N LYS E 392 4.77 -32.13 -15.97
CA LYS E 392 3.51 -32.77 -15.59
C LYS E 392 2.66 -33.06 -16.81
N THR E 393 2.71 -32.19 -17.82
CA THR E 393 1.92 -32.41 -19.03
C THR E 393 2.60 -33.40 -19.97
N ALA E 394 3.91 -33.56 -19.88
CA ALA E 394 4.59 -34.54 -20.72
C ALA E 394 4.32 -35.96 -20.24
N ILE E 395 4.24 -36.15 -18.93
CA ILE E 395 3.90 -37.47 -18.40
C ILE E 395 2.42 -37.77 -18.66
N ASP E 396 1.56 -36.75 -18.53
CA ASP E 396 0.15 -36.96 -18.85
C ASP E 396 -0.03 -37.40 -20.29
N SER E 397 0.69 -36.77 -21.22
CA SER E 397 0.57 -37.14 -22.62
C SER E 397 1.09 -38.54 -22.89
N LEU E 398 1.86 -39.11 -21.95
CA LEU E 398 2.22 -40.52 -22.07
C LEU E 398 1.09 -41.42 -21.63
N LYS E 399 0.31 -41.00 -20.63
CA LYS E 399 -0.80 -41.82 -20.14
C LYS E 399 -1.84 -42.02 -21.24
N THR E 400 -2.16 -40.96 -22.00
CA THR E 400 -3.11 -41.09 -23.08
C THR E 400 -2.62 -42.06 -24.13
N TRP E 401 -1.32 -42.04 -24.41
CA TRP E 401 -0.75 -43.00 -25.36
C TRP E 401 -0.92 -44.43 -24.85
N SER E 402 -0.68 -44.65 -23.55
CA SER E 402 -0.87 -45.98 -23.00
C SER E 402 -2.32 -46.42 -23.11
N ILE E 403 -3.26 -45.52 -22.83
CA ILE E 403 -4.68 -45.84 -22.95
C ILE E 403 -5.03 -46.22 -24.38
N VAL E 404 -4.56 -45.43 -25.34
CA VAL E 404 -4.85 -45.71 -26.75
C VAL E 404 -4.24 -47.04 -27.16
N ASP E 405 -3.04 -47.34 -26.66
CA ASP E 405 -2.41 -48.62 -26.99
C ASP E 405 -3.22 -49.78 -26.43
N GLU E 406 -3.69 -49.66 -25.18
CA GLU E 406 -4.46 -50.75 -24.59
C GLU E 406 -5.80 -50.94 -25.31
N LYS E 407 -6.31 -49.89 -25.95
CA LYS E 407 -7.56 -50.02 -26.71
C LYS E 407 -7.39 -50.92 -27.91
N MET E 408 -6.17 -51.08 -28.42
CA MET E 408 -5.89 -51.96 -29.55
C MET E 408 -5.43 -53.35 -29.13
N ASP E 409 -5.43 -53.64 -27.82
CA ASP E 409 -4.99 -54.94 -27.33
C ASP E 409 -3.55 -55.22 -27.77
N HIS F 7 47.09 -7.94 -58.60
CA HIS F 7 47.50 -6.65 -57.96
C HIS F 7 46.90 -6.55 -56.56
N MET F 8 46.90 -5.34 -56.00
CA MET F 8 46.44 -5.17 -54.61
C MET F 8 44.98 -5.59 -54.42
N PHE F 9 44.21 -5.68 -55.49
CA PHE F 9 42.83 -6.15 -55.41
C PHE F 9 42.73 -7.67 -55.38
N SER F 10 43.83 -8.36 -55.09
CA SER F 10 43.80 -9.82 -55.08
C SER F 10 42.94 -10.36 -53.93
N ARG F 11 43.03 -9.73 -52.75
CA ARG F 11 42.32 -10.25 -51.59
C ARG F 11 40.82 -10.25 -51.80
N PHE F 12 40.26 -9.10 -52.18
CA PHE F 12 38.82 -9.01 -52.37
C PHE F 12 38.35 -9.89 -53.52
N SER F 13 39.10 -9.91 -54.62
CA SER F 13 38.73 -10.75 -55.75
C SER F 13 38.73 -12.22 -55.36
N ASN F 14 39.70 -12.63 -54.54
CA ASN F 14 39.76 -14.02 -54.11
C ASN F 14 38.63 -14.35 -53.14
N VAL F 15 38.26 -13.42 -52.27
CA VAL F 15 37.19 -13.67 -51.32
C VAL F 15 35.84 -13.72 -52.01
N VAL F 16 35.59 -12.80 -52.94
CA VAL F 16 34.27 -12.72 -53.57
C VAL F 16 33.96 -13.99 -54.35
N SER F 17 34.98 -14.74 -54.77
CA SER F 17 34.73 -16.01 -55.43
C SER F 17 34.14 -17.03 -54.45
N GLU F 18 34.73 -17.14 -53.26
CA GLU F 18 34.19 -18.06 -52.27
C GLU F 18 32.77 -17.67 -51.87
N ILE F 19 32.54 -16.39 -51.63
CA ILE F 19 31.19 -15.94 -51.28
C ILE F 19 30.21 -16.17 -52.42
N GLU F 20 30.71 -16.44 -53.62
CA GLU F 20 29.83 -16.68 -54.76
C GLU F 20 29.52 -18.17 -54.95
N LYS F 21 30.44 -19.04 -54.54
CA LYS F 21 30.29 -20.47 -54.76
C LYS F 21 29.74 -21.22 -53.56
N LYS F 22 30.09 -20.80 -52.35
CA LYS F 22 29.78 -21.54 -51.14
C LYS F 22 28.57 -21.02 -50.38
N TYR F 23 28.24 -19.73 -50.51
CA TYR F 23 27.09 -19.21 -49.81
C TYR F 23 25.82 -19.91 -50.27
N VAL F 24 24.80 -19.91 -49.41
CA VAL F 24 23.67 -20.80 -49.59
C VAL F 24 22.53 -20.21 -50.41
N ASP F 25 22.50 -18.88 -50.60
CA ASP F 25 21.38 -18.25 -51.28
C ASP F 25 21.66 -17.92 -52.74
N LYS F 26 22.86 -18.21 -53.25
CA LYS F 26 23.17 -18.01 -54.66
C LYS F 26 22.91 -16.56 -55.08
N ILE F 27 23.62 -15.64 -54.43
CA ILE F 27 23.46 -14.22 -54.77
C ILE F 27 24.31 -13.88 -55.99
N SER F 28 23.98 -12.75 -56.61
CA SER F 28 24.64 -12.29 -57.81
C SER F 28 25.82 -11.38 -57.46
N ILE F 29 26.62 -11.06 -58.49
CA ILE F 29 27.81 -10.25 -58.29
C ILE F 29 27.51 -8.77 -58.14
N SER F 30 26.26 -8.35 -58.35
CA SER F 30 25.89 -6.96 -58.18
C SER F 30 25.42 -6.67 -56.76
N GLU F 31 24.50 -7.50 -56.25
CA GLU F 31 24.01 -7.29 -54.90
C GLU F 31 25.10 -7.52 -53.87
N ILE F 32 26.06 -8.41 -54.17
CA ILE F 32 27.18 -8.60 -53.25
C ILE F 32 28.02 -7.33 -53.18
N MET F 33 28.31 -6.73 -54.33
CA MET F 33 29.10 -5.49 -54.34
C MET F 33 28.36 -4.38 -53.62
N THR F 34 27.05 -4.27 -53.84
CA THR F 34 26.27 -3.29 -53.07
C THR F 34 26.32 -3.63 -51.59
N LYS F 35 26.50 -4.91 -51.26
CA LYS F 35 26.65 -5.33 -49.87
C LYS F 35 28.09 -5.24 -49.38
N ALA F 36 29.04 -4.96 -50.27
CA ALA F 36 30.45 -4.89 -49.90
C ALA F 36 30.86 -3.47 -49.53
N ILE F 37 30.66 -2.52 -50.44
CA ILE F 37 30.99 -1.13 -50.14
C ILE F 37 30.12 -0.61 -49.01
N GLU F 38 28.86 -1.02 -48.96
CA GLU F 38 28.03 -0.68 -47.82
C GLU F 38 28.68 -1.11 -46.52
N GLY F 39 29.28 -2.30 -46.51
CA GLY F 39 30.02 -2.73 -45.34
C GLY F 39 31.26 -1.90 -45.09
N LEU F 40 31.92 -1.44 -46.15
CA LEU F 40 33.14 -0.66 -45.98
C LEU F 40 32.87 0.64 -45.24
N LEU F 41 31.89 1.41 -45.71
CA LEU F 41 31.60 2.70 -45.07
C LEU F 41 31.12 2.51 -43.64
N SER F 42 30.18 1.57 -43.43
CA SER F 42 29.70 1.33 -42.07
C SER F 42 30.83 0.91 -41.15
N ASN F 43 31.84 0.21 -41.67
CA ASN F 43 32.99 -0.21 -40.89
C ASN F 43 34.13 0.79 -40.93
N LEU F 44 34.04 1.83 -41.76
CA LEU F 44 35.12 2.81 -41.88
C LEU F 44 35.03 3.82 -40.74
N ASP F 45 33.93 4.56 -40.67
CA ASP F 45 33.65 5.46 -39.56
C ASP F 45 32.16 5.39 -39.27
N ALA F 46 31.82 5.58 -37.99
CA ALA F 46 30.46 5.33 -37.55
C ALA F 46 29.43 6.09 -38.38
N HIS F 47 29.73 7.35 -38.70
CA HIS F 47 28.76 8.20 -39.40
C HIS F 47 28.72 7.97 -40.90
N SER F 48 29.73 7.32 -41.48
CA SER F 48 29.76 7.13 -42.92
C SER F 48 28.57 6.29 -43.38
N ALA F 49 28.05 6.62 -44.56
CA ALA F 49 26.93 5.91 -45.13
C ALA F 49 27.07 5.90 -46.65
N TYR F 50 26.45 4.91 -47.29
CA TYR F 50 26.47 4.78 -48.73
C TYR F 50 25.12 5.20 -49.31
N LEU F 51 25.17 6.04 -50.33
CA LEU F 51 23.97 6.56 -50.99
C LEU F 51 23.96 6.06 -52.43
N ASN F 52 23.01 5.18 -52.75
CA ASN F 52 22.84 4.69 -54.11
C ASN F 52 22.09 5.75 -54.92
N GLU F 53 21.63 5.38 -56.12
CA GLU F 53 20.92 6.36 -56.97
C GLU F 53 19.62 6.81 -56.33
N LYS F 54 18.85 5.87 -55.78
CA LYS F 54 17.60 6.23 -55.12
C LYS F 54 17.84 7.17 -53.96
N LYS F 55 18.79 6.82 -53.08
CA LYS F 55 19.14 7.71 -51.98
C LYS F 55 19.73 9.02 -52.50
N PHE F 56 20.38 8.98 -53.66
CA PHE F 56 20.94 10.19 -54.25
C PHE F 56 19.84 11.17 -54.59
N LYS F 57 18.83 10.70 -55.33
CA LYS F 57 17.70 11.57 -55.67
C LYS F 57 16.92 11.98 -54.43
N GLU F 58 16.79 11.07 -53.45
CA GLU F 58 16.08 11.41 -52.21
C GLU F 58 16.76 12.57 -51.50
N PHE F 59 18.08 12.46 -51.29
CA PHE F 59 18.81 13.52 -50.59
C PHE F 59 18.83 14.80 -51.39
N GLN F 60 18.96 14.71 -52.72
CA GLN F 60 19.00 15.91 -53.54
C GLN F 60 17.70 16.69 -53.43
N ALA F 61 16.57 16.00 -53.44
CA ALA F 61 15.27 16.66 -53.37
C ALA F 61 14.29 15.82 -52.56
N PHE F 67 11.23 23.81 -45.59
CA PHE F 67 11.25 22.37 -45.33
C PHE F 67 10.94 22.09 -43.87
N GLY F 68 9.85 22.67 -43.37
CA GLY F 68 9.47 22.47 -41.98
C GLY F 68 8.63 21.21 -41.81
N GLY F 69 8.85 20.54 -40.68
CA GLY F 69 8.10 19.34 -40.35
C GLY F 69 6.73 19.66 -39.78
N LEU F 70 5.95 18.62 -39.55
CA LEU F 70 4.61 18.80 -39.01
C LEU F 70 4.65 19.48 -37.65
N GLY F 71 5.74 19.29 -36.90
CA GLY F 71 5.99 20.04 -35.69
C GLY F 71 5.52 19.39 -34.41
N ILE F 72 4.61 18.43 -34.49
CA ILE F 72 4.12 17.76 -33.28
C ILE F 72 5.18 16.76 -32.81
N THR F 73 5.53 16.84 -31.53
CA THR F 73 6.57 15.99 -30.96
C THR F 73 6.03 14.57 -30.84
N VAL F 74 6.35 13.72 -31.81
CA VAL F 74 5.89 12.34 -31.81
C VAL F 74 6.76 11.54 -30.85
N GLY F 75 6.34 11.48 -29.58
CA GLY F 75 7.13 10.78 -28.59
C GLY F 75 7.07 9.26 -28.74
N MET F 76 5.97 8.75 -29.30
CA MET F 76 5.79 7.32 -29.50
C MET F 76 5.97 6.55 -28.19
N ARG F 77 5.71 7.20 -27.06
CA ARG F 77 5.86 6.56 -25.77
C ARG F 77 4.93 5.37 -25.66
N ASP F 78 5.46 4.24 -25.21
CA ASP F 78 4.69 3.01 -25.08
C ASP F 78 4.04 2.61 -26.40
N GLY F 79 4.70 2.90 -27.51
CA GLY F 79 4.20 2.61 -28.84
C GLY F 79 3.23 3.64 -29.38
N VAL F 80 2.28 4.06 -28.55
CA VAL F 80 1.31 5.06 -28.98
C VAL F 80 2.02 6.39 -29.27
N LEU F 81 1.64 7.03 -30.38
CA LEU F 81 2.21 8.31 -30.77
C LEU F 81 1.63 9.42 -29.87
N THR F 82 2.26 9.58 -28.72
CA THR F 82 1.83 10.58 -27.74
C THR F 82 2.55 11.90 -28.02
N VAL F 83 1.79 12.93 -28.35
CA VAL F 83 2.36 14.24 -28.65
C VAL F 83 2.72 14.93 -27.34
N ILE F 84 3.98 15.32 -27.21
CA ILE F 84 4.46 15.99 -26.01
C ILE F 84 4.20 17.48 -26.07
N ALA F 85 4.60 18.13 -27.16
CA ALA F 85 4.37 19.56 -27.33
C ALA F 85 4.40 19.94 -28.80
N PRO F 86 3.34 20.52 -29.35
CA PRO F 86 3.39 20.97 -30.75
C PRO F 86 4.20 22.25 -30.89
N LEU F 87 4.67 22.47 -32.12
CA LEU F 87 5.45 23.65 -32.46
C LEU F 87 4.50 24.76 -32.89
N GLU F 88 4.68 25.95 -32.29
CA GLU F 88 3.74 27.05 -32.53
C GLU F 88 3.75 27.47 -34.00
N GLY F 89 4.87 27.30 -34.69
CA GLY F 89 4.94 27.74 -36.08
C GLY F 89 4.09 26.94 -37.04
N THR F 90 3.75 25.69 -36.69
CA THR F 90 2.97 24.85 -37.58
C THR F 90 1.48 24.98 -37.27
N PRO F 91 0.61 24.77 -38.27
CA PRO F 91 -0.83 24.78 -37.98
C PRO F 91 -1.28 23.73 -36.98
N ALA F 92 -0.41 22.78 -36.61
CA ALA F 92 -0.78 21.80 -35.59
C ALA F 92 -1.07 22.49 -34.26
N TYR F 93 -0.23 23.46 -33.87
CA TYR F 93 -0.50 24.23 -32.67
C TYR F 93 -1.78 25.04 -32.82
N LYS F 94 -1.99 25.64 -34.00
CA LYS F 94 -3.19 26.43 -34.21
C LYS F 94 -4.45 25.59 -34.02
N ALA F 95 -4.44 24.36 -34.54
CA ALA F 95 -5.57 23.46 -34.36
C ALA F 95 -5.76 23.12 -32.89
N GLY F 96 -4.67 23.06 -32.13
CA GLY F 96 -4.74 22.70 -30.73
C GLY F 96 -4.52 21.22 -30.51
N VAL F 97 -3.59 20.63 -31.27
CA VAL F 97 -3.31 19.21 -31.15
C VAL F 97 -2.92 18.90 -29.72
N LYS F 98 -3.67 18.03 -29.07
CA LYS F 98 -3.44 17.67 -27.67
C LYS F 98 -2.60 16.40 -27.58
N SER F 99 -2.05 16.18 -26.39
CA SER F 99 -1.24 15.00 -26.16
C SER F 99 -2.05 13.73 -26.42
N GLY F 100 -1.40 12.76 -27.05
CA GLY F 100 -2.04 11.49 -27.38
C GLY F 100 -2.59 11.41 -28.78
N ASP F 101 -2.65 12.53 -29.51
CA ASP F 101 -3.15 12.49 -30.88
C ASP F 101 -2.26 11.59 -31.73
N ASN F 102 -2.89 10.72 -32.50
CA ASN F 102 -2.20 9.65 -33.23
C ASN F 102 -2.42 9.79 -34.73
N ILE F 103 -1.37 9.52 -35.50
CA ILE F 103 -1.48 9.38 -36.95
C ILE F 103 -1.73 7.89 -37.20
N LEU F 104 -3.00 7.53 -37.30
CA LEU F 104 -3.37 6.11 -37.35
C LEU F 104 -2.71 5.41 -38.53
N LYS F 105 -2.77 6.04 -39.71
CA LYS F 105 -2.16 5.44 -40.90
C LYS F 105 -2.24 6.44 -42.04
N ILE F 106 -1.25 6.37 -42.94
CA ILE F 106 -1.25 7.18 -44.15
C ILE F 106 -1.95 6.39 -45.24
N ASN F 107 -1.38 5.25 -45.61
CA ASN F 107 -2.00 4.30 -46.54
C ASN F 107 -1.73 2.88 -46.04
N ASN F 108 -2.60 2.41 -45.14
CA ASN F 108 -2.66 1.01 -44.73
C ASN F 108 -1.29 0.44 -44.30
N GLU F 109 -0.33 1.29 -43.92
CA GLU F 109 0.96 0.78 -43.47
C GLU F 109 1.03 0.54 -41.97
N SER F 110 0.00 0.94 -41.21
CA SER F 110 0.03 0.82 -39.75
C SER F 110 1.24 1.55 -39.18
N THR F 111 1.28 2.86 -39.42
CA THR F 111 2.42 3.67 -38.99
C THR F 111 2.61 3.64 -37.48
N LEU F 112 1.55 3.34 -36.72
CA LEU F 112 1.68 3.34 -35.26
C LEU F 112 2.67 2.28 -34.78
N SER F 113 2.80 1.17 -35.50
CA SER F 113 3.75 0.14 -35.11
C SER F 113 5.17 0.67 -35.14
N MET F 114 5.52 1.39 -36.20
CA MET F 114 6.84 2.00 -36.32
C MET F 114 6.73 3.20 -37.25
N SER F 115 6.78 4.40 -36.69
CA SER F 115 6.61 5.63 -37.46
C SER F 115 7.97 6.05 -38.00
N ILE F 116 8.24 5.70 -39.25
CA ILE F 116 9.50 6.05 -39.89
C ILE F 116 9.22 6.77 -41.21
N ASP F 117 8.47 6.11 -42.10
CA ASP F 117 8.29 6.65 -43.45
C ASP F 117 7.56 7.99 -43.43
N ASP F 118 6.51 8.10 -42.62
CA ASP F 118 5.74 9.34 -42.57
C ASP F 118 6.64 10.53 -42.26
N ALA F 119 7.27 10.53 -41.09
CA ALA F 119 8.08 11.67 -40.69
C ALA F 119 9.23 11.91 -41.66
N ILE F 120 9.84 10.83 -42.15
CA ILE F 120 11.06 10.98 -42.94
C ILE F 120 10.76 11.57 -44.31
N ASN F 121 9.64 11.16 -44.94
CA ASN F 121 9.43 11.53 -46.34
C ASN F 121 8.00 11.95 -46.68
N LEU F 122 7.22 12.47 -45.73
CA LEU F 122 5.92 13.02 -46.09
C LEU F 122 5.71 14.38 -45.44
N MET F 123 6.36 14.61 -44.29
CA MET F 123 6.25 15.89 -43.60
C MET F 123 7.24 16.92 -44.15
N ARG F 124 8.50 16.51 -44.32
CA ARG F 124 9.49 17.39 -44.93
C ARG F 124 9.35 17.39 -46.44
N GLY F 125 9.49 16.22 -47.07
CA GLY F 125 9.30 16.14 -48.50
C GLY F 125 7.87 16.48 -48.89
N LYS F 126 7.74 17.23 -50.00
CA LYS F 126 6.45 17.67 -50.53
C LYS F 126 5.53 18.10 -49.39
N PRO F 127 5.80 19.21 -48.71
CA PRO F 127 4.91 19.64 -47.62
C PRO F 127 3.49 19.92 -48.07
N LYS F 128 3.25 20.09 -49.36
CA LYS F 128 1.93 20.40 -49.89
C LYS F 128 1.02 19.17 -49.99
N THR F 129 1.36 18.08 -49.33
CA THR F 129 0.51 16.90 -49.36
C THR F 129 -0.85 17.22 -48.74
N PRO F 130 -1.96 16.80 -49.35
CA PRO F 130 -3.27 17.00 -48.69
C PRO F 130 -3.29 16.42 -47.29
N ILE F 131 -3.46 17.28 -46.28
CA ILE F 131 -3.40 16.85 -44.88
C ILE F 131 -4.82 16.48 -44.47
N GLN F 132 -5.17 15.23 -44.74
CA GLN F 132 -6.37 14.59 -44.22
C GLN F 132 -6.03 13.19 -43.75
N ILE F 133 -4.91 13.07 -43.05
CA ILE F 133 -4.28 11.75 -42.82
C ILE F 133 -4.89 11.18 -41.55
N THR F 134 -6.05 10.56 -41.73
CA THR F 134 -6.73 9.82 -40.66
C THR F 134 -6.64 10.56 -39.33
N ILE F 135 -7.24 11.76 -39.31
CA ILE F 135 -7.16 12.62 -38.14
C ILE F 135 -7.96 12.00 -37.02
N VAL F 136 -7.27 11.41 -36.05
CA VAL F 136 -7.90 10.77 -34.91
C VAL F 136 -7.32 11.34 -33.63
N ARG F 137 -8.11 11.30 -32.56
CA ARG F 137 -7.72 11.82 -31.26
C ARG F 137 -7.74 10.70 -30.24
N LYS F 138 -7.08 10.94 -29.11
CA LYS F 138 -7.05 9.95 -28.03
C LYS F 138 -8.46 9.64 -27.53
N ASN F 139 -9.32 10.66 -27.47
CA ASN F 139 -10.67 10.48 -26.97
C ASN F 139 -11.64 9.97 -28.03
N GLU F 140 -11.24 9.94 -29.30
CA GLU F 140 -12.11 9.46 -30.37
C GLU F 140 -11.26 8.71 -31.40
N PRO F 141 -11.17 7.39 -31.28
CA PRO F 141 -10.37 6.61 -32.24
C PRO F 141 -10.89 6.70 -33.67
N LYS F 142 -12.17 7.03 -33.86
CA LYS F 142 -12.74 7.06 -35.19
C LYS F 142 -12.12 8.20 -36.01
N PRO F 143 -12.10 8.08 -37.33
CA PRO F 143 -11.57 9.17 -38.16
C PRO F 143 -12.35 10.46 -37.93
N LEU F 144 -11.65 11.58 -38.06
CA LEU F 144 -12.19 12.89 -37.76
C LEU F 144 -11.73 13.88 -38.82
N VAL F 145 -12.34 15.07 -38.81
CA VAL F 145 -11.95 16.17 -39.67
C VAL F 145 -11.71 17.39 -38.79
N PHE F 146 -10.50 17.96 -38.90
CA PHE F 146 -10.12 19.13 -38.11
C PHE F 146 -9.56 20.26 -38.96
N ASN F 147 -9.62 20.14 -40.29
CA ASN F 147 -9.19 21.20 -41.20
C ASN F 147 -7.73 21.59 -40.97
N ILE F 148 -6.90 20.63 -40.56
CA ILE F 148 -5.48 20.90 -40.37
C ILE F 148 -4.82 21.13 -41.72
N ILE F 149 -3.99 22.16 -41.80
CA ILE F 149 -3.25 22.49 -43.02
C ILE F 149 -1.77 22.31 -42.75
N ARG F 150 -1.02 22.02 -43.81
CA ARG F 150 0.42 21.79 -43.70
C ARG F 150 1.15 22.51 -44.82
N ASP F 151 2.31 23.05 -44.50
CA ASP F 151 3.14 23.78 -45.46
C ASP F 151 4.51 23.98 -44.81
N ILE F 152 5.36 24.78 -45.47
CA ILE F 152 6.66 25.10 -44.89
C ILE F 152 6.45 25.83 -43.58
N ILE F 153 7.21 25.43 -42.55
CA ILE F 153 7.03 25.91 -41.19
C ILE F 153 8.29 26.62 -40.74
N LYS F 154 8.13 27.83 -40.20
CA LYS F 154 9.23 28.53 -39.59
C LYS F 154 9.56 27.91 -38.23
N LEU F 155 10.84 27.92 -37.87
CA LEU F 155 11.30 27.33 -36.63
C LEU F 155 11.85 28.41 -35.69
N PRO F 156 11.72 28.23 -34.37
CA PRO F 156 12.24 29.23 -33.41
C PRO F 156 13.74 29.08 -33.15
N SER F 157 14.53 29.30 -34.20
CA SER F 157 15.98 29.20 -34.05
C SER F 157 16.53 30.24 -33.09
N VAL F 158 15.78 31.33 -32.84
CA VAL F 158 16.13 32.33 -31.86
C VAL F 158 14.87 32.69 -31.08
N TYR F 159 14.98 32.74 -29.76
CA TYR F 159 13.82 32.94 -28.91
C TYR F 159 14.27 33.74 -27.68
N VAL F 160 13.97 35.03 -27.68
CA VAL F 160 14.36 35.93 -26.60
C VAL F 160 13.14 36.16 -25.71
N LYS F 161 13.27 35.80 -24.43
CA LYS F 161 12.19 35.96 -23.47
C LYS F 161 12.50 36.98 -22.38
N LYS F 162 13.62 37.69 -22.49
CA LYS F 162 14.05 38.64 -21.46
C LYS F 162 14.03 37.91 -20.12
N ILE F 163 13.79 38.63 -19.02
CA ILE F 163 13.74 38.07 -17.69
C ILE F 163 12.75 38.86 -16.86
N LYS F 164 12.48 38.39 -15.63
CA LYS F 164 11.41 38.98 -14.83
C LYS F 164 11.73 40.41 -14.42
N GLU F 165 12.81 40.61 -13.67
CA GLU F 165 13.06 41.90 -13.04
C GLU F 165 14.50 42.35 -13.08
N THR F 166 15.37 41.68 -13.84
CA THR F 166 16.79 41.98 -13.89
C THR F 166 17.22 42.30 -15.30
N PRO F 167 18.35 43.00 -15.48
CA PRO F 167 18.85 43.34 -16.82
C PRO F 167 19.59 42.19 -17.50
N TYR F 168 18.95 41.03 -17.56
CA TYR F 168 19.50 39.86 -18.21
C TYR F 168 18.52 39.38 -19.28
N LEU F 169 19.07 38.95 -20.42
CA LEU F 169 18.27 38.55 -21.56
C LEU F 169 18.43 37.05 -21.79
N TYR F 170 17.34 36.30 -21.59
CA TYR F 170 17.35 34.87 -21.85
C TYR F 170 17.28 34.63 -23.35
N VAL F 171 18.28 33.93 -23.89
CA VAL F 171 18.42 33.73 -25.33
C VAL F 171 18.48 32.23 -25.56
N ARG F 172 17.41 31.66 -26.11
CA ARG F 172 17.34 30.25 -26.43
C ARG F 172 17.41 30.09 -27.95
N VAL F 173 18.42 29.37 -28.41
CA VAL F 173 18.57 29.04 -29.83
C VAL F 173 18.41 27.53 -29.96
N SER F 174 17.40 27.12 -30.74
CA SER F 174 17.09 25.71 -30.92
C SER F 174 17.77 25.09 -32.12
N GLY F 175 18.18 25.90 -33.10
CA GLY F 175 18.85 25.40 -34.28
C GLY F 175 19.69 26.46 -34.94
N PHE F 176 20.91 26.10 -35.33
CA PHE F 176 21.84 27.05 -35.96
C PHE F 176 21.56 27.13 -37.46
N ASP F 177 20.47 27.81 -37.78
CA ASP F 177 20.13 28.11 -39.17
C ASP F 177 20.76 29.44 -39.58
N LYS F 178 20.70 29.74 -40.87
CA LYS F 178 21.45 30.86 -41.41
C LYS F 178 21.01 32.21 -40.85
N ASN F 179 19.85 32.28 -40.18
CA ASN F 179 19.29 33.54 -39.72
C ASN F 179 19.36 33.72 -38.21
N VAL F 180 20.09 32.86 -37.48
CA VAL F 180 20.16 33.01 -36.04
C VAL F 180 20.91 34.27 -35.65
N THR F 181 21.95 34.62 -36.41
CA THR F 181 22.78 35.76 -36.04
C THR F 181 22.00 37.06 -36.10
N LYS F 182 21.28 37.30 -37.19
CA LYS F 182 20.51 38.53 -37.31
C LYS F 182 19.39 38.59 -36.28
N SER F 183 18.73 37.45 -36.04
CA SER F 183 17.67 37.42 -35.03
C SER F 183 18.23 37.72 -33.64
N VAL F 184 19.40 37.16 -33.33
CA VAL F 184 20.05 37.46 -32.05
C VAL F 184 20.38 38.94 -31.97
N LEU F 185 20.89 39.52 -33.07
CA LEU F 185 21.20 40.95 -33.07
C LEU F 185 19.96 41.76 -32.77
N GLU F 186 18.84 41.45 -33.44
CA GLU F 186 17.61 42.20 -33.22
C GLU F 186 17.12 42.03 -31.79
N GLY F 187 17.12 40.79 -31.29
CA GLY F 187 16.64 40.56 -29.93
C GLY F 187 17.47 41.28 -28.89
N LEU F 188 18.79 41.20 -29.01
CA LEU F 188 19.66 41.89 -28.07
C LEU F 188 19.47 43.39 -28.16
N LYS F 189 19.35 43.93 -29.38
CA LYS F 189 19.06 45.34 -29.53
C LYS F 189 17.73 45.72 -28.91
N ALA F 190 16.81 44.77 -28.76
CA ALA F 190 15.61 44.99 -27.97
C ALA F 190 15.96 44.90 -26.49
N ASN F 191 15.50 45.87 -25.72
CA ASN F 191 15.94 46.00 -24.33
C ASN F 191 17.45 46.11 -24.30
N PRO F 192 18.04 47.04 -25.07
CA PRO F 192 19.51 47.11 -25.14
C PRO F 192 20.16 47.48 -23.83
N LYS F 193 19.43 48.06 -22.88
CA LYS F 193 20.00 48.47 -21.61
C LYS F 193 20.42 47.28 -20.75
N ALA F 194 19.94 46.08 -21.05
CA ALA F 194 20.33 44.91 -20.29
C ALA F 194 21.84 44.70 -20.37
N LYS F 195 22.41 44.24 -19.26
CA LYS F 195 23.85 44.01 -19.14
C LYS F 195 24.14 42.57 -18.72
N GLY F 196 23.47 41.64 -19.39
CA GLY F 196 23.70 40.22 -19.17
C GLY F 196 23.00 39.36 -20.20
N ILE F 197 23.58 38.22 -20.55
CA ILE F 197 23.04 37.33 -21.57
C ILE F 197 23.22 35.90 -21.11
N VAL F 198 22.22 35.07 -21.39
CA VAL F 198 22.25 33.64 -21.07
C VAL F 198 21.93 32.87 -22.35
N LEU F 199 22.93 32.25 -22.95
CA LEU F 199 22.71 31.38 -24.09
C LEU F 199 22.19 30.04 -23.62
N ASP F 200 21.29 29.45 -24.39
CA ASP F 200 20.72 28.14 -24.10
C ASP F 200 20.95 27.25 -25.32
N LEU F 201 22.00 26.43 -25.26
CA LEU F 201 22.29 25.46 -26.29
C LEU F 201 21.83 24.05 -25.92
N ARG F 202 21.04 23.92 -24.85
CA ARG F 202 20.50 22.62 -24.49
C ARG F 202 19.67 22.06 -25.62
N GLY F 203 20.15 20.97 -26.23
CA GLY F 203 19.60 20.51 -27.48
C GLY F 203 20.34 21.17 -28.63
N ASN F 204 19.61 21.58 -29.67
CA ASN F 204 20.24 22.27 -30.80
C ASN F 204 21.41 21.45 -31.32
N PRO F 205 21.16 20.33 -32.01
CA PRO F 205 22.26 19.42 -32.36
C PRO F 205 23.34 20.05 -33.22
N GLY F 206 23.03 21.08 -34.00
CA GLY F 206 24.05 21.70 -34.82
C GLY F 206 23.46 22.66 -35.83
N GLY F 207 24.25 22.96 -36.85
CA GLY F 207 23.83 23.87 -37.89
C GLY F 207 25.00 24.25 -38.78
N LEU F 208 24.83 25.35 -39.51
CA LEU F 208 25.86 25.83 -40.41
C LEU F 208 27.08 26.31 -39.62
N LEU F 209 28.26 25.84 -40.02
CA LEU F 209 29.48 26.26 -39.33
C LEU F 209 29.70 27.77 -39.47
N ASN F 210 29.47 28.31 -40.67
CA ASN F 210 29.62 29.74 -40.85
C ASN F 210 28.75 30.51 -39.86
N GLN F 211 27.57 29.99 -39.54
CA GLN F 211 26.70 30.66 -38.59
C GLN F 211 27.29 30.63 -37.19
N ALA F 212 27.88 29.50 -36.79
CA ALA F 212 28.55 29.44 -35.50
C ALA F 212 29.70 30.43 -35.44
N VAL F 213 30.48 30.52 -36.53
CA VAL F 213 31.58 31.48 -36.57
C VAL F 213 31.04 32.90 -36.47
N GLY F 214 29.91 33.19 -37.12
CA GLY F 214 29.33 34.52 -37.01
C GLY F 214 28.89 34.84 -35.60
N LEU F 215 28.21 33.90 -34.93
CA LEU F 215 27.78 34.13 -33.57
C LEU F 215 28.98 34.32 -32.64
N SER F 216 30.04 33.53 -32.84
CA SER F 216 31.25 33.71 -32.04
C SER F 216 31.88 35.08 -32.29
N ASN F 217 31.96 35.49 -33.56
CA ASN F 217 32.49 36.81 -33.88
C ASN F 217 31.65 37.91 -33.26
N LEU F 218 30.37 37.66 -33.05
CA LEU F 218 29.51 38.66 -32.43
C LEU F 218 29.99 39.04 -31.04
N PHE F 219 30.78 38.20 -30.38
CA PHE F 219 31.31 38.49 -29.06
C PHE F 219 32.83 38.59 -29.01
N ILE F 220 33.55 37.55 -29.44
CA ILE F 220 35.01 37.55 -29.37
C ILE F 220 35.56 38.60 -30.31
N LYS F 221 36.74 39.13 -29.96
CA LYS F 221 37.29 40.30 -30.64
C LYS F 221 38.25 39.93 -31.78
N GLU F 222 39.34 39.24 -31.47
CA GLU F 222 40.43 39.08 -32.43
C GLU F 222 41.02 37.67 -32.52
N GLY F 223 40.81 36.81 -31.53
CA GLY F 223 41.46 35.52 -31.54
C GLY F 223 40.85 34.56 -32.55
N VAL F 224 41.47 33.40 -32.66
CA VAL F 224 41.00 32.36 -33.57
C VAL F 224 39.79 31.67 -32.94
N LEU F 225 38.74 31.47 -33.74
CA LEU F 225 37.51 30.86 -33.24
C LEU F 225 37.52 29.35 -33.42
N VAL F 226 37.66 28.88 -34.66
CA VAL F 226 37.60 27.45 -34.96
C VAL F 226 38.61 27.13 -36.06
N SER F 227 39.15 25.93 -36.00
CA SER F 227 40.08 25.42 -37.00
C SER F 227 39.54 24.09 -37.53
N GLN F 228 39.73 23.87 -38.83
CA GLN F 228 39.16 22.71 -39.53
C GLN F 228 40.26 22.00 -40.31
N LYS F 229 41.37 21.68 -39.63
CA LYS F 229 42.55 21.21 -40.33
C LYS F 229 42.29 19.91 -41.10
N GLY F 230 41.58 18.97 -40.47
CA GLY F 230 41.41 17.67 -41.12
C GLY F 230 42.75 17.01 -41.35
N LYS F 231 42.95 16.51 -42.57
CA LYS F 231 44.21 15.88 -42.96
C LYS F 231 44.94 16.63 -44.05
N ASN F 232 44.24 17.07 -45.09
CA ASN F 232 44.89 17.71 -46.22
C ASN F 232 45.74 18.90 -45.77
N LYS F 233 46.99 18.94 -46.23
CA LYS F 233 47.85 20.07 -45.90
C LYS F 233 47.27 21.36 -46.46
N GLU F 234 46.77 21.31 -47.69
CA GLU F 234 45.96 22.41 -48.21
C GLU F 234 44.62 22.43 -47.49
N GLU F 235 43.76 23.36 -47.89
CA GLU F 235 42.45 23.54 -47.25
C GLU F 235 42.74 23.88 -45.79
N SER F 236 42.23 23.12 -44.81
CA SER F 236 42.55 23.36 -43.40
C SER F 236 42.35 24.83 -43.03
N LEU F 237 41.29 25.42 -43.60
CA LEU F 237 41.08 26.85 -43.45
C LEU F 237 40.81 27.22 -42.00
N GLU F 238 41.45 28.30 -41.55
CA GLU F 238 41.22 28.85 -40.22
C GLU F 238 40.15 29.93 -40.29
N TYR F 239 39.46 30.14 -39.18
CA TYR F 239 38.54 31.25 -39.01
C TYR F 239 39.05 32.13 -37.88
N LYS F 240 39.24 33.42 -38.18
CA LYS F 240 39.76 34.37 -37.22
C LYS F 240 38.75 35.49 -37.01
N ALA F 241 38.70 35.99 -35.78
CA ALA F 241 37.73 37.02 -35.43
C ALA F 241 38.06 38.34 -36.13
N ASN F 242 37.12 39.27 -36.05
CA ASN F 242 37.25 40.59 -36.64
C ASN F 242 37.02 41.66 -35.58
N GLY F 243 37.61 42.82 -35.79
CA GLY F 243 37.56 43.89 -34.79
C GLY F 243 36.19 44.48 -34.57
N ARG F 244 35.20 44.14 -35.40
CA ARG F 244 33.87 44.72 -35.28
C ARG F 244 33.00 44.01 -34.25
N ALA F 245 33.59 43.25 -33.33
CA ALA F 245 32.84 42.59 -32.27
C ALA F 245 32.09 43.63 -31.46
N PRO F 246 30.76 43.71 -31.57
CA PRO F 246 30.04 44.77 -30.85
C PRO F 246 30.19 44.70 -29.34
N TYR F 247 29.87 43.56 -28.73
CA TYR F 247 29.79 43.43 -27.28
C TYR F 247 30.98 42.62 -26.79
N THR F 248 32.01 43.31 -26.32
CA THR F 248 33.23 42.67 -25.86
C THR F 248 33.30 42.48 -24.35
N ASN F 249 32.31 42.97 -23.59
CA ASN F 249 32.35 42.87 -22.14
C ASN F 249 31.02 42.47 -21.52
N LEU F 250 29.96 42.31 -22.29
CA LEU F 250 28.67 41.96 -21.70
C LEU F 250 28.73 40.55 -21.12
N PRO F 251 28.29 40.33 -19.89
CA PRO F 251 28.39 38.99 -19.30
C PRO F 251 27.65 37.95 -20.12
N ILE F 252 28.19 36.72 -20.12
CA ILE F 252 27.62 35.60 -20.84
C ILE F 252 27.63 34.37 -19.95
N ALA F 253 26.65 33.51 -20.12
CA ALA F 253 26.58 32.23 -19.41
C ALA F 253 25.78 31.27 -20.27
N VAL F 254 26.47 30.37 -20.96
CA VAL F 254 25.84 29.45 -21.91
C VAL F 254 25.53 28.14 -21.19
N LEU F 255 24.42 27.53 -21.57
CA LEU F 255 23.97 26.28 -20.97
C LEU F 255 24.04 25.17 -22.01
N VAL F 256 24.85 24.14 -21.74
CA VAL F 256 25.05 23.03 -22.66
C VAL F 256 24.41 21.78 -22.07
N ASN F 257 24.35 20.74 -22.89
CA ASN F 257 23.74 19.47 -22.50
C ASN F 257 24.26 18.38 -23.43
N GLY F 258 23.86 17.14 -23.14
CA GLY F 258 24.17 16.05 -24.04
C GLY F 258 23.58 16.20 -25.42
N GLY F 259 22.51 16.98 -25.54
CA GLY F 259 21.86 17.23 -26.82
C GLY F 259 22.46 18.34 -27.64
N SER F 260 23.57 18.94 -27.17
CA SER F 260 24.25 20.01 -27.88
C SER F 260 25.52 19.47 -28.50
N ALA F 261 25.73 19.76 -29.77
CA ALA F 261 26.88 19.26 -30.51
C ALA F 261 27.03 20.07 -31.79
N SER F 262 28.05 19.74 -32.57
CA SER F 262 28.31 20.35 -33.87
C SER F 262 28.42 21.86 -33.68
N ALA F 263 27.52 22.67 -34.26
CA ALA F 263 27.63 24.12 -34.11
C ALA F 263 27.48 24.54 -32.65
N SER F 264 26.55 23.92 -31.93
CA SER F 264 26.29 24.33 -30.56
C SER F 264 27.44 24.07 -29.62
N GLU F 265 28.41 23.24 -30.02
CA GLU F 265 29.56 22.95 -29.17
C GLU F 265 30.85 23.60 -29.65
N ILE F 266 30.85 24.18 -30.85
CA ILE F 266 32.02 24.96 -31.28
C ILE F 266 31.88 26.41 -30.82
N VAL F 267 30.65 26.89 -30.67
CA VAL F 267 30.46 28.19 -30.04
C VAL F 267 30.79 28.12 -28.55
N ALA F 268 30.34 27.05 -27.88
CA ALA F 268 30.68 26.88 -26.47
C ALA F 268 32.17 26.66 -26.28
N GLY F 269 32.79 25.87 -27.16
CA GLY F 269 34.21 25.63 -27.03
C GLY F 269 35.03 26.88 -27.29
N ALA F 270 34.60 27.72 -28.22
CA ALA F 270 35.35 28.93 -28.54
C ALA F 270 35.28 29.94 -27.42
N LEU F 271 34.08 30.16 -26.86
CA LEU F 271 33.95 31.09 -25.75
C LEU F 271 34.76 30.61 -24.54
N GLN F 272 34.70 29.32 -24.23
CA GLN F 272 35.42 28.81 -23.07
C GLN F 272 36.91 29.02 -23.21
N ASP F 273 37.47 28.79 -24.40
CA ASP F 273 38.91 28.88 -24.58
C ASP F 273 39.40 30.33 -24.49
N HIS F 274 38.54 31.29 -24.81
CA HIS F 274 38.88 32.69 -24.66
C HIS F 274 38.55 33.24 -23.28
N LYS F 275 38.05 32.39 -22.38
CA LYS F 275 37.61 32.82 -21.05
C LYS F 275 36.58 33.94 -21.15
N ARG F 276 35.76 33.92 -22.21
CA ARG F 276 34.79 34.97 -22.47
C ARG F 276 33.38 34.58 -22.06
N ALA F 277 33.22 33.49 -21.32
CA ALA F 277 31.91 33.07 -20.86
C ALA F 277 32.09 31.93 -19.87
N VAL F 278 30.97 31.50 -19.29
CA VAL F 278 30.94 30.44 -18.30
C VAL F 278 30.13 29.29 -18.88
N ILE F 279 30.75 28.11 -18.94
CA ILE F 279 30.11 26.93 -19.51
C ILE F 279 29.43 26.18 -18.38
N ILE F 280 28.09 26.17 -18.38
CA ILE F 280 27.30 25.58 -17.30
C ILE F 280 26.46 24.46 -17.89
N GLY F 281 26.57 23.27 -17.30
CA GLY F 281 25.78 22.14 -17.77
C GLY F 281 26.49 20.82 -17.56
N GLU F 282 26.43 19.95 -18.56
CA GLU F 282 27.03 18.62 -18.50
C GLU F 282 27.80 18.34 -19.77
N LYS F 283 28.45 17.17 -19.80
CA LYS F 283 29.31 16.82 -20.92
C LYS F 283 28.52 16.80 -22.22
N THR F 284 29.15 17.28 -23.30
CA THR F 284 28.51 17.39 -24.60
C THR F 284 28.74 16.14 -25.43
N PHE F 285 27.96 16.01 -26.50
CA PHE F 285 28.02 14.82 -27.33
C PHE F 285 29.38 14.68 -28.00
N GLY F 286 29.82 15.72 -28.70
CA GLY F 286 31.10 15.68 -29.39
C GLY F 286 31.00 15.43 -30.88
N LYS F 287 30.07 16.12 -31.55
CA LYS F 287 29.88 15.98 -32.99
C LYS F 287 30.81 16.94 -33.71
N GLY F 288 32.11 16.69 -33.53
CA GLY F 288 33.14 17.48 -34.20
C GLY F 288 33.62 16.85 -35.49
N SER F 289 32.75 16.73 -36.49
CA SER F 289 33.13 16.15 -37.77
C SER F 289 32.25 16.73 -38.86
N VAL F 290 32.86 16.99 -40.01
CA VAL F 290 32.18 17.54 -41.18
C VAL F 290 32.19 16.49 -42.27
N GLN F 291 31.02 16.17 -42.81
CA GLN F 291 30.86 15.08 -43.77
C GLN F 291 30.14 15.61 -44.99
N MET F 292 30.86 15.74 -46.10
CA MET F 292 30.32 16.25 -47.35
C MET F 292 30.05 15.11 -48.30
N LEU F 293 28.86 15.09 -48.89
CA LEU F 293 28.52 14.07 -49.88
C LEU F 293 29.41 14.22 -51.11
N LEU F 294 29.85 13.09 -51.65
CA LEU F 294 30.76 13.07 -52.79
C LEU F 294 30.26 12.08 -53.84
N PRO F 295 29.77 12.54 -54.99
CA PRO F 295 29.42 11.60 -56.05
C PRO F 295 30.62 10.78 -56.48
N VAL F 296 30.39 9.49 -56.74
CA VAL F 296 31.47 8.59 -57.14
C VAL F 296 31.18 8.02 -58.51
N ASN F 297 29.90 7.91 -58.86
CA ASN F 297 29.48 7.40 -60.16
C ASN F 297 28.43 8.33 -60.75
N LYS F 298 27.92 7.95 -61.93
CA LYS F 298 26.94 8.77 -62.61
C LYS F 298 25.72 9.02 -61.74
N ASP F 299 25.31 8.01 -60.96
CA ASP F 299 24.11 8.12 -60.13
C ASP F 299 24.36 7.53 -58.75
N GLU F 300 25.51 7.86 -58.15
CA GLU F 300 25.82 7.38 -56.81
C GLU F 300 26.69 8.40 -56.10
N ALA F 301 26.69 8.32 -54.77
CA ALA F 301 27.52 9.17 -53.94
C ALA F 301 27.74 8.48 -52.60
N ILE F 302 28.76 8.93 -51.88
CA ILE F 302 29.12 8.37 -50.59
C ILE F 302 29.41 9.50 -49.61
N LYS F 303 28.92 9.35 -48.38
CA LYS F 303 29.18 10.30 -47.31
C LYS F 303 30.34 9.79 -46.47
N ILE F 304 31.34 10.64 -46.26
CA ILE F 304 32.55 10.26 -45.56
C ILE F 304 33.02 11.44 -44.71
N THR F 305 33.58 11.11 -43.55
CA THR F 305 34.22 12.14 -42.73
C THR F 305 35.37 12.78 -43.50
N THR F 306 35.41 14.10 -43.48
CA THR F 306 36.37 14.86 -44.29
C THR F 306 37.35 15.68 -43.44
N ALA F 307 36.89 16.28 -42.35
CA ALA F 307 37.76 17.09 -41.51
C ALA F 307 37.24 17.10 -40.09
N ARG F 308 38.15 17.36 -39.15
CA ARG F 308 37.86 17.49 -37.74
C ARG F 308 37.91 18.94 -37.32
N TYR F 309 37.29 19.23 -36.17
CA TYR F 309 37.27 20.57 -35.60
C TYR F 309 38.21 20.61 -34.40
N TYR F 310 39.21 21.49 -34.48
CA TYR F 310 40.13 21.75 -33.39
C TYR F 310 39.83 23.12 -32.80
N LEU F 311 39.93 23.23 -31.48
CA LEU F 311 39.61 24.46 -30.78
C LEU F 311 40.82 25.39 -30.76
N PRO F 312 40.64 26.64 -30.31
CA PRO F 312 41.79 27.54 -30.23
C PRO F 312 42.91 26.99 -29.37
N SER F 313 42.57 26.32 -28.27
CA SER F 313 43.59 25.65 -27.46
C SER F 313 44.21 24.47 -28.20
N GLY F 314 43.50 23.91 -29.17
CA GLY F 314 44.00 22.81 -29.96
C GLY F 314 43.31 21.49 -29.71
N ARG F 315 42.59 21.35 -28.60
CA ARG F 315 41.92 20.10 -28.30
C ARG F 315 40.86 19.80 -29.36
N THR F 316 40.74 18.53 -29.71
CA THR F 316 39.81 18.10 -30.73
C THR F 316 38.41 17.92 -30.16
N ILE F 317 37.41 18.22 -30.97
CA ILE F 317 36.01 17.94 -30.60
C ILE F 317 35.72 16.55 -31.12
N GLN F 318 36.15 15.55 -30.36
CA GLN F 318 35.82 14.16 -30.57
C GLN F 318 34.64 13.82 -29.65
N ALA F 319 34.34 12.53 -29.51
CA ALA F 319 33.42 12.12 -28.44
C ALA F 319 33.85 12.68 -27.10
N LYS F 320 35.12 13.10 -26.97
CA LYS F 320 35.57 13.76 -25.75
C LYS F 320 34.66 14.92 -25.36
N GLY F 321 34.23 15.70 -26.34
CA GLY F 321 33.29 16.77 -26.07
C GLY F 321 33.90 17.91 -25.28
N ILE F 322 33.06 18.55 -24.47
CA ILE F 322 33.45 19.70 -23.66
C ILE F 322 33.08 19.41 -22.21
N THR F 323 33.98 19.78 -21.29
CA THR F 323 33.73 19.64 -19.87
C THR F 323 33.26 20.97 -19.32
N PRO F 324 31.99 21.11 -18.92
CA PRO F 324 31.53 22.42 -18.45
C PRO F 324 32.29 22.89 -17.22
N ASP F 325 32.42 24.21 -17.12
CA ASP F 325 33.10 24.80 -15.97
C ASP F 325 32.36 24.50 -14.69
N ILE F 326 31.04 24.59 -14.70
CA ILE F 326 30.20 24.37 -13.52
C ILE F 326 29.27 23.22 -13.86
N VAL F 327 29.67 22.00 -13.49
CA VAL F 327 28.87 20.82 -13.79
C VAL F 327 27.59 20.86 -12.96
N ILE F 328 26.46 20.60 -13.61
CA ILE F 328 25.16 20.65 -12.95
C ILE F 328 24.15 19.94 -13.82
N TYR F 329 23.14 19.35 -13.18
CA TYR F 329 22.14 18.53 -13.84
C TYR F 329 20.77 19.18 -13.75
N PRO F 330 19.83 18.81 -14.64
CA PRO F 330 18.54 19.54 -14.66
C PRO F 330 17.82 19.55 -13.33
N GLY F 331 17.88 18.46 -12.57
CA GLY F 331 17.41 18.47 -11.21
C GLY F 331 15.96 18.04 -11.06
N LYS F 332 15.74 16.86 -10.48
CA LYS F 332 14.37 16.42 -10.21
C LYS F 332 13.71 17.33 -9.18
N VAL F 333 14.44 17.73 -8.14
CA VAL F 333 13.90 18.53 -7.05
C VAL F 333 14.76 19.76 -6.84
N PRO F 334 14.51 20.88 -7.53
CA PRO F 334 15.22 22.12 -7.21
C PRO F 334 14.89 22.57 -5.79
N GLU F 335 15.63 23.59 -5.34
CA GLU F 335 15.45 24.14 -4.00
C GLU F 335 14.19 25.01 -4.00
N ASN F 336 13.04 24.33 -3.83
CA ASN F 336 11.74 24.98 -3.94
C ASN F 336 10.79 24.71 -2.79
N GLU F 337 10.91 23.59 -2.08
CA GLU F 337 9.95 23.21 -1.05
C GLU F 337 10.57 22.76 0.27
N ASN F 338 11.72 23.32 0.63
CA ASN F 338 12.48 22.88 1.80
C ASN F 338 12.24 23.80 2.99
N LYS F 339 10.98 23.81 3.46
CA LYS F 339 10.61 24.46 4.71
C LYS F 339 11.14 25.89 4.78
N PHE F 340 10.91 26.65 3.70
CA PHE F 340 11.38 28.03 3.65
C PHE F 340 10.74 28.88 4.74
N SER F 341 9.43 28.75 4.91
CA SER F 341 8.72 29.58 5.87
C SER F 341 9.06 29.17 7.30
N LEU F 342 8.93 30.13 8.22
CA LEU F 342 9.20 29.89 9.63
C LEU F 342 7.88 29.68 10.38
N GLU F 377 3.80 34.99 -18.76
CA GLU F 377 3.72 34.43 -20.11
C GLU F 377 4.49 35.28 -21.10
N LYS F 378 4.65 36.57 -20.78
CA LYS F 378 5.36 37.49 -21.67
C LYS F 378 6.86 37.54 -21.42
N GLU F 379 7.32 37.04 -20.27
CA GLU F 379 8.74 37.00 -19.96
C GLU F 379 9.00 35.77 -19.11
N VAL F 380 10.24 35.66 -18.62
CA VAL F 380 10.64 34.57 -17.75
C VAL F 380 10.40 35.02 -16.31
N THR F 381 9.30 34.55 -15.72
CA THR F 381 8.96 34.86 -14.34
C THR F 381 9.65 33.87 -13.42
N PRO F 382 9.52 34.04 -12.10
CA PRO F 382 10.19 33.10 -11.18
C PRO F 382 9.76 31.65 -11.36
N LYS F 383 8.59 31.39 -11.95
CA LYS F 383 8.08 30.03 -12.04
C LYS F 383 9.04 29.12 -12.79
N MET F 384 9.22 29.36 -14.10
CA MET F 384 10.12 28.50 -14.87
C MET F 384 11.57 28.65 -14.46
N ILE F 385 11.95 29.78 -13.83
CA ILE F 385 13.29 29.89 -13.26
C ILE F 385 13.48 28.82 -12.19
N ASN F 386 12.48 28.64 -11.33
CA ASN F 386 12.55 27.63 -10.28
C ASN F 386 12.31 26.22 -10.81
N ASP F 387 11.68 26.08 -11.98
CA ASP F 387 11.33 24.75 -12.47
C ASP F 387 12.56 23.88 -12.67
N ASP F 388 13.61 24.44 -13.26
CA ASP F 388 14.87 23.72 -13.47
C ASP F 388 16.00 24.47 -12.78
N ILE F 389 16.96 23.70 -12.26
CA ILE F 389 18.07 24.30 -11.53
C ILE F 389 19.19 24.77 -12.46
N GLN F 390 19.24 24.25 -13.69
CA GLN F 390 20.28 24.69 -14.62
C GLN F 390 20.14 26.17 -14.95
N LEU F 391 18.92 26.61 -15.26
CA LEU F 391 18.72 28.03 -15.55
C LEU F 391 18.93 28.87 -14.30
N LYS F 392 18.54 28.35 -13.13
CA LYS F 392 18.79 29.08 -11.89
C LYS F 392 20.27 29.30 -11.68
N THR F 393 21.08 28.26 -11.89
CA THR F 393 22.52 28.40 -11.74
C THR F 393 23.11 29.31 -12.79
N ALA F 394 22.56 29.28 -14.01
CA ALA F 394 23.02 30.20 -15.04
C ALA F 394 22.81 31.64 -14.61
N ILE F 395 21.60 31.96 -14.14
CA ILE F 395 21.31 33.32 -13.69
C ILE F 395 22.19 33.68 -12.51
N ASP F 396 22.35 32.74 -11.56
CA ASP F 396 23.19 32.99 -10.40
C ASP F 396 24.61 33.33 -10.80
N SER F 397 25.22 32.51 -11.66
CA SER F 397 26.57 32.78 -12.12
C SER F 397 26.63 34.08 -12.91
N LEU F 398 25.52 34.46 -13.54
CA LEU F 398 25.49 35.75 -14.21
C LEU F 398 25.60 36.89 -13.21
N LYS F 399 24.97 36.73 -12.05
CA LYS F 399 24.96 37.82 -11.06
C LYS F 399 26.36 38.08 -10.51
N THR F 400 27.10 37.03 -10.18
CA THR F 400 28.46 37.20 -9.68
C THR F 400 29.28 38.03 -10.65
N TRP F 401 29.08 37.81 -11.95
CA TRP F 401 29.79 38.60 -12.94
C TRP F 401 29.46 40.08 -12.79
N SER F 402 28.19 40.40 -12.56
CA SER F 402 27.82 41.80 -12.36
C SER F 402 28.52 42.40 -11.16
N ILE F 403 28.59 41.66 -10.05
CA ILE F 403 29.25 42.16 -8.85
C ILE F 403 30.73 42.40 -9.12
N VAL F 404 31.38 41.46 -9.79
CA VAL F 404 32.81 41.63 -10.09
C VAL F 404 33.02 42.80 -11.03
N ASP F 405 32.08 43.02 -11.92
CA ASP F 405 32.21 44.20 -12.78
C ASP F 405 32.25 45.43 -11.89
N GLU F 406 31.40 45.49 -10.87
CA GLU F 406 31.32 46.72 -10.03
C GLU F 406 32.58 46.88 -9.19
N LYS F 407 33.05 45.83 -8.52
CA LYS F 407 34.22 45.99 -7.61
C LYS F 407 35.35 46.69 -8.37
N MET F 408 35.45 46.47 -9.68
CA MET F 408 36.61 47.03 -10.44
C MET F 408 36.22 48.32 -11.15
N ASP F 409 34.94 48.68 -11.13
CA ASP F 409 34.52 49.98 -11.72
C ASP F 409 34.09 50.92 -10.59
#